data_7H4C
# 
_entry.id   7H4C 
# 
_audit_conform.dict_name       mmcif_pdbx.dic 
_audit_conform.dict_version    5.397 
_audit_conform.dict_location   http://mmcif.pdb.org/dictionaries/ascii/mmcif_pdbx.dic 
# 
loop_
_database_2.database_id 
_database_2.database_code 
_database_2.pdbx_database_accession 
_database_2.pdbx_DOI 
PDB   7H4C         pdb_00007h4c 10.2210/pdb7h4c/pdb 
WWPDB D_1001407007 ?            ?                   
# 
loop_
_pdbx_audit_revision_history.ordinal 
_pdbx_audit_revision_history.data_content_type 
_pdbx_audit_revision_history.major_revision 
_pdbx_audit_revision_history.minor_revision 
_pdbx_audit_revision_history.revision_date 
1 'Structure model' 1 0 2024-04-24 
2 'Structure model' 1 1 2024-10-16 
# 
_pdbx_audit_revision_details.ordinal             1 
_pdbx_audit_revision_details.revision_ordinal    1 
_pdbx_audit_revision_details.data_content_type   'Structure model' 
_pdbx_audit_revision_details.provider            repository 
_pdbx_audit_revision_details.type                'Initial release' 
_pdbx_audit_revision_details.description         ? 
_pdbx_audit_revision_details.details             ? 
# 
loop_
_pdbx_audit_revision_group.ordinal 
_pdbx_audit_revision_group.revision_ordinal 
_pdbx_audit_revision_group.data_content_type 
_pdbx_audit_revision_group.group 
1 2 'Structure model' 'Database references' 
2 2 'Structure model' 'Structure summary'   
# 
loop_
_pdbx_audit_revision_category.ordinal 
_pdbx_audit_revision_category.revision_ordinal 
_pdbx_audit_revision_category.data_content_type 
_pdbx_audit_revision_category.category 
1 2 'Structure model' citation           
2 2 'Structure model' citation_author    
3 2 'Structure model' pdbx_entry_details 
# 
loop_
_pdbx_audit_revision_item.ordinal 
_pdbx_audit_revision_item.revision_ordinal 
_pdbx_audit_revision_item.data_content_type 
_pdbx_audit_revision_item.item 
1 2 'Structure model' '_citation.country'                 
2 2 'Structure model' '_citation.journal_abbrev'          
3 2 'Structure model' '_citation.journal_id_CSD'          
4 2 'Structure model' '_citation.journal_id_ISSN'         
5 2 'Structure model' '_citation.pdbx_database_id_DOI'    
6 2 'Structure model' '_citation.pdbx_database_id_PubMed' 
7 2 'Structure model' '_citation.title'                   
8 2 'Structure model' '_citation.year'                    
# 
_pdbx_database_status.entry_id                        7H4C 
_pdbx_database_status.status_code                     REL 
_pdbx_database_status.status_code_sf                  REL 
_pdbx_database_status.status_code_mr                  ? 
_pdbx_database_status.status_code_cs                  ? 
_pdbx_database_status.recvd_initial_deposition_date   2024-04-04 
_pdbx_database_status.status_code_nmr_data            ? 
_pdbx_database_status.deposit_site                    RCSB 
_pdbx_database_status.process_site                    RCSB 
_pdbx_database_status.SG_entry                        ? 
_pdbx_database_status.pdb_format_compatible           Y 
_pdbx_database_status.methods_development_category    ? 
# 
_pdbx_contact_author.id                 1 
_pdbx_contact_author.email              frank.von-delft@diamond.ac.uk 
_pdbx_contact_author.name_first         Frank 
_pdbx_contact_author.name_last          'von Delft' 
_pdbx_contact_author.role               'principal investigator/group leader' 
_pdbx_contact_author.identifier_ORCID   0000-0003-0378-0017 
_pdbx_contact_author.name_mi            ? 
# 
loop_
_audit_author.name 
_audit_author.pdbx_ordinal 
'Lithgo, R.M.'        1  
'Fairhead, M.'        2  
'Koekemoer, L.'       3  
'Balcomb, B.H.'       4  
'Capkin, E.'          5  
'Chandran, A.V.'      6  
'Golding, M.'         7  
'Godoy, A.S.'         8  
'Aschenbrenner, J.C.' 9  
'Marples, P.G.'       10 
'Ni, X.'              11 
'Thompson, W.'        12 
'Tomlinson, C.W.E.'   13 
'Wild, C.'            14 
'Winokan, M.'         15 
'Xavier, M.-A.E.'     16 
'Fearon, D.'          17 
'von Delft, F.'       18 
# 
_citation.id                        primary 
_citation.title                     
;Crystallographic Fragment Screen of Coxsackievirus A16 2A Protease identifies new opportunities for the development of broad-spectrum anti-enterovirals.
;
_citation.journal_abbrev            Biorxiv 
_citation.journal_volume            ? 
_citation.page_first                ? 
_citation.page_last                 ? 
_citation.year                      2024 
_citation.journal_id_ASTM           ? 
_citation.country                   US 
_citation.journal_id_ISSN           2692-8205 
_citation.journal_id_CSD            ? 
_citation.book_publisher            ? 
_citation.pdbx_database_id_PubMed   38746446 
_citation.pdbx_database_id_DOI      10.1101/2024.04.29.591684 
# 
loop_
_citation_author.citation_id 
_citation_author.name 
_citation_author.identifier_ORCID 
_citation_author.ordinal 
primary 'Lithgo, R.M.'        0000-0002-4706-9916 1  
primary 'Tomlinson, C.W.E.'   0000-0002-1845-6028 2  
primary 'Fairhead, M.'        0000-0001-5361-3933 3  
primary 'Winokan, M.'         ?                   4  
primary 'Thompson, W.'        0000-0003-1474-7810 5  
primary 'Wild, C.'            0000-0003-0654-8141 6  
primary 'Aschenbrenner, J.C.' 0000-0002-4318-0481 7  
primary 'Balcomb, B.H.'       0000-0001-7599-8467 8  
primary 'Marples, P.G.'       0000-0002-8787-7969 9  
primary 'Chandran, A.V.'      0000-0001-9942-2614 10 
primary 'Golding, M.'         0009-0004-7472-8333 11 
primary 'Koekemoer, L.'       0000-0001-9226-9127 12 
primary 'Williams, E.P.'      0000-0002-1331-9518 13 
primary 'Wang, S.'            ?                   14 
primary 'Ni, X.'              0000-0002-7769-8297 15 
primary 'MacLean, E.'         0000-0003-1680-4292 16 
primary 'Giroud, C.'          0000-0002-1629-1581 17 
primary 'Godoy, A.S.'         0000-0002-0613-9164 18 
primary 'Xavier, M.A.'        0000-0002-1709-9479 19 
primary 'Walsh, M.'           0000-0001-5683-1151 20 
primary 'Fearon, D.'          0000-0003-3529-7863 21 
primary 'von Delft, F.'       0000-0003-0378-0017 22 
# 
loop_
_entity.id 
_entity.type 
_entity.src_method 
_entity.pdbx_description 
_entity.formula_weight 
_entity.pdbx_number_of_molecules 
_entity.pdbx_ec 
_entity.pdbx_mutation 
_entity.pdbx_fragment 
_entity.details 
1 polymer     man 'Protease 2A'                        16493.311 1   3.4.22.29 ? ? ? 
2 non-polymer man '(2S)-2-phenylpropane-1-sulfonamide' 199.270   2   ?         ? ? ? 
3 non-polymer syn 'ZINC ION'                           65.409    1   ?         ? ? ? 
4 water       nat water                                18.015    103 ?         ? ? ? 
# 
_entity_name_com.entity_id   1 
_entity_name_com.name        'P2A,Picornain 2A,Protein 2A' 
# 
_entity_poly.entity_id                      1 
_entity_poly.type                           'polypeptide(L)' 
_entity_poly.nstd_linkage                   no 
_entity_poly.nstd_monomer                   no 
_entity_poly.pdbx_seq_one_letter_code       
;QEQTGGSGAIYVGNYRVVNRHLATHNDWANLVWEDSSRDLLVSSTTAQGCDTIARCDCQTGVYYCSSRRKHYPVSFSKPS
LIFVEASEYYPARYQSHLMLAVGHSEPGDCGGILRCQHGVVGIVSTGGNGLVGFADVRDLLWLDEEAMEQ
;
_entity_poly.pdbx_seq_one_letter_code_can   
;QEQTGGSGAIYVGNYRVVNRHLATHNDWANLVWEDSSRDLLVSSTTAQGCDTIARCDCQTGVYYCSSRRKHYPVSFSKPS
LIFVEASEYYPARYQSHLMLAVGHSEPGDCGGILRCQHGVVGIVSTGGNGLVGFADVRDLLWLDEEAMEQ
;
_entity_poly.pdbx_strand_id                 A 
_entity_poly.pdbx_target_identifier         ? 
# 
loop_
_pdbx_entity_nonpoly.entity_id 
_pdbx_entity_nonpoly.name 
_pdbx_entity_nonpoly.comp_id 
2 '(2S)-2-phenylpropane-1-sulfonamide' VW4 
3 'ZINC ION'                           ZN  
4 water                                HOH 
# 
loop_
_entity_poly_seq.entity_id 
_entity_poly_seq.num 
_entity_poly_seq.mon_id 
_entity_poly_seq.hetero 
1 1   GLN n 
1 2   GLU n 
1 3   GLN n 
1 4   THR n 
1 5   GLY n 
1 6   GLY n 
1 7   SER n 
1 8   GLY n 
1 9   ALA n 
1 10  ILE n 
1 11  TYR n 
1 12  VAL n 
1 13  GLY n 
1 14  ASN n 
1 15  TYR n 
1 16  ARG n 
1 17  VAL n 
1 18  VAL n 
1 19  ASN n 
1 20  ARG n 
1 21  HIS n 
1 22  LEU n 
1 23  ALA n 
1 24  THR n 
1 25  HIS n 
1 26  ASN n 
1 27  ASP n 
1 28  TRP n 
1 29  ALA n 
1 30  ASN n 
1 31  LEU n 
1 32  VAL n 
1 33  TRP n 
1 34  GLU n 
1 35  ASP n 
1 36  SER n 
1 37  SER n 
1 38  ARG n 
1 39  ASP n 
1 40  LEU n 
1 41  LEU n 
1 42  VAL n 
1 43  SER n 
1 44  SER n 
1 45  THR n 
1 46  THR n 
1 47  ALA n 
1 48  GLN n 
1 49  GLY n 
1 50  CYS n 
1 51  ASP n 
1 52  THR n 
1 53  ILE n 
1 54  ALA n 
1 55  ARG n 
1 56  CYS n 
1 57  ASP n 
1 58  CYS n 
1 59  GLN n 
1 60  THR n 
1 61  GLY n 
1 62  VAL n 
1 63  TYR n 
1 64  TYR n 
1 65  CYS n 
1 66  SER n 
1 67  SER n 
1 68  ARG n 
1 69  ARG n 
1 70  LYS n 
1 71  HIS n 
1 72  TYR n 
1 73  PRO n 
1 74  VAL n 
1 75  SER n 
1 76  PHE n 
1 77  SER n 
1 78  LYS n 
1 79  PRO n 
1 80  SER n 
1 81  LEU n 
1 82  ILE n 
1 83  PHE n 
1 84  VAL n 
1 85  GLU n 
1 86  ALA n 
1 87  SER n 
1 88  GLU n 
1 89  TYR n 
1 90  TYR n 
1 91  PRO n 
1 92  ALA n 
1 93  ARG n 
1 94  TYR n 
1 95  GLN n 
1 96  SER n 
1 97  HIS n 
1 98  LEU n 
1 99  MET n 
1 100 LEU n 
1 101 ALA n 
1 102 VAL n 
1 103 GLY n 
1 104 HIS n 
1 105 SER n 
1 106 GLU n 
1 107 PRO n 
1 108 GLY n 
1 109 ASP n 
1 110 CYS n 
1 111 GLY n 
1 112 GLY n 
1 113 ILE n 
1 114 LEU n 
1 115 ARG n 
1 116 CYS n 
1 117 GLN n 
1 118 HIS n 
1 119 GLY n 
1 120 VAL n 
1 121 VAL n 
1 122 GLY n 
1 123 ILE n 
1 124 VAL n 
1 125 SER n 
1 126 THR n 
1 127 GLY n 
1 128 GLY n 
1 129 ASN n 
1 130 GLY n 
1 131 LEU n 
1 132 VAL n 
1 133 GLY n 
1 134 PHE n 
1 135 ALA n 
1 136 ASP n 
1 137 VAL n 
1 138 ARG n 
1 139 ASP n 
1 140 LEU n 
1 141 LEU n 
1 142 TRP n 
1 143 LEU n 
1 144 ASP n 
1 145 GLU n 
1 146 GLU n 
1 147 ALA n 
1 148 MET n 
1 149 GLU n 
1 150 GLN n 
# 
loop_
_entity_src_gen.entity_id 
_entity_src_gen.pdbx_src_id 
_entity_src_gen.pdbx_alt_source_flag 
_entity_src_gen.pdbx_seq_type 
_entity_src_gen.pdbx_beg_seq_num 
_entity_src_gen.pdbx_end_seq_num 
_entity_src_gen.gene_src_common_name 
_entity_src_gen.gene_src_genus 
_entity_src_gen.pdbx_gene_src_gene 
_entity_src_gen.gene_src_species 
_entity_src_gen.gene_src_strain 
_entity_src_gen.gene_src_tissue 
_entity_src_gen.gene_src_tissue_fraction 
_entity_src_gen.gene_src_details 
_entity_src_gen.pdbx_gene_src_fragment 
_entity_src_gen.pdbx_gene_src_scientific_name 
_entity_src_gen.pdbx_gene_src_ncbi_taxonomy_id 
_entity_src_gen.pdbx_gene_src_variant 
_entity_src_gen.pdbx_gene_src_cell_line 
_entity_src_gen.pdbx_gene_src_atcc 
_entity_src_gen.pdbx_gene_src_organ 
_entity_src_gen.pdbx_gene_src_organelle 
_entity_src_gen.pdbx_gene_src_cell 
_entity_src_gen.pdbx_gene_src_cellular_location 
_entity_src_gen.host_org_common_name 
_entity_src_gen.pdbx_host_org_scientific_name 
_entity_src_gen.pdbx_host_org_ncbi_taxonomy_id 
_entity_src_gen.host_org_genus 
_entity_src_gen.pdbx_host_org_gene 
_entity_src_gen.pdbx_host_org_organ 
_entity_src_gen.host_org_species 
_entity_src_gen.pdbx_host_org_tissue 
_entity_src_gen.pdbx_host_org_tissue_fraction 
_entity_src_gen.pdbx_host_org_strain 
_entity_src_gen.pdbx_host_org_variant 
_entity_src_gen.pdbx_host_org_cell_line 
_entity_src_gen.pdbx_host_org_atcc 
_entity_src_gen.pdbx_host_org_culture_collection 
_entity_src_gen.pdbx_host_org_cell 
_entity_src_gen.pdbx_host_org_organelle 
_entity_src_gen.pdbx_host_org_cellular_location 
_entity_src_gen.pdbx_host_org_vector_type 
_entity_src_gen.pdbx_host_org_vector 
_entity_src_gen.host_org_details 
_entity_src_gen.expression_system_id 
_entity_src_gen.plasmid_name 
_entity_src_gen.plasmid_details 
_entity_src_gen.pdbx_description 
1 1 sample 'Biological sequence' 1 150 ? ? ? ? ? ? ? ? ? 'Coxsackievirus A16' 31704 ? ? ? ? ? ? ? ? 'Escherichia coli' 562 ? ? ? ? 
? ? ? ? ? ? ? ? ? ? ? ? ? ? ? ? ? 
2 1 sample ?                     ? ?   ? ? ? ? ? ? ? ? ? 'Coxsackievirus A16' 31704 ? ? ? ? ? ? ? ? 'Escherichia coli' 562 ? ? ? ? 
? ? ? ? ? ? ? ? ? ? ? ? ? ? ? ? ? 
# 
loop_
_chem_comp.id 
_chem_comp.type 
_chem_comp.mon_nstd_flag 
_chem_comp.name 
_chem_comp.pdbx_synonyms 
_chem_comp.formula 
_chem_comp.formula_weight 
ALA 'L-peptide linking' y ALANINE                              ? 'C3 H7 N O2'     89.093  
ARG 'L-peptide linking' y ARGININE                             ? 'C6 H15 N4 O2 1' 175.209 
ASN 'L-peptide linking' y ASPARAGINE                           ? 'C4 H8 N2 O3'    132.118 
ASP 'L-peptide linking' y 'ASPARTIC ACID'                      ? 'C4 H7 N O4'     133.103 
CYS 'L-peptide linking' y CYSTEINE                             ? 'C3 H7 N O2 S'   121.158 
GLN 'L-peptide linking' y GLUTAMINE                            ? 'C5 H10 N2 O3'   146.144 
GLU 'L-peptide linking' y 'GLUTAMIC ACID'                      ? 'C5 H9 N O4'     147.129 
GLY 'peptide linking'   y GLYCINE                              ? 'C2 H5 N O2'     75.067  
HIS 'L-peptide linking' y HISTIDINE                            ? 'C6 H10 N3 O2 1' 156.162 
HOH non-polymer         . WATER                                ? 'H2 O'           18.015  
ILE 'L-peptide linking' y ISOLEUCINE                           ? 'C6 H13 N O2'    131.173 
LEU 'L-peptide linking' y LEUCINE                              ? 'C6 H13 N O2'    131.173 
LYS 'L-peptide linking' y LYSINE                               ? 'C6 H15 N2 O2 1' 147.195 
MET 'L-peptide linking' y METHIONINE                           ? 'C5 H11 N O2 S'  149.211 
PHE 'L-peptide linking' y PHENYLALANINE                        ? 'C9 H11 N O2'    165.189 
PRO 'L-peptide linking' y PROLINE                              ? 'C5 H9 N O2'     115.130 
SER 'L-peptide linking' y SERINE                               ? 'C3 H7 N O3'     105.093 
THR 'L-peptide linking' y THREONINE                            ? 'C4 H9 N O3'     119.119 
TRP 'L-peptide linking' y TRYPTOPHAN                           ? 'C11 H12 N2 O2'  204.225 
TYR 'L-peptide linking' y TYROSINE                             ? 'C9 H11 N O3'    181.189 
VAL 'L-peptide linking' y VALINE                               ? 'C5 H11 N O2'    117.146 
VW4 non-polymer         . '(2S)-2-phenylpropane-1-sulfonamide' ? 'C9 H13 N O2 S'  199.270 
ZN  non-polymer         . 'ZINC ION'                           ? 'Zn 2'           65.409  
# 
loop_
_pdbx_poly_seq_scheme.asym_id 
_pdbx_poly_seq_scheme.entity_id 
_pdbx_poly_seq_scheme.seq_id 
_pdbx_poly_seq_scheme.mon_id 
_pdbx_poly_seq_scheme.ndb_seq_num 
_pdbx_poly_seq_scheme.pdb_seq_num 
_pdbx_poly_seq_scheme.auth_seq_num 
_pdbx_poly_seq_scheme.pdb_mon_id 
_pdbx_poly_seq_scheme.auth_mon_id 
_pdbx_poly_seq_scheme.pdb_strand_id 
_pdbx_poly_seq_scheme.pdb_ins_code 
_pdbx_poly_seq_scheme.hetero 
A 1 1   GLN 1   1   ?   ?   ?   A . n 
A 1 2   GLU 2   2   ?   ?   ?   A . n 
A 1 3   GLN 3   3   ?   ?   ?   A . n 
A 1 4   THR 4   4   ?   ?   ?   A . n 
A 1 5   GLY 5   5   ?   ?   ?   A . n 
A 1 6   GLY 6   6   ?   ?   ?   A . n 
A 1 7   SER 7   7   7   SER SER A . n 
A 1 8   GLY 8   8   8   GLY GLY A . n 
A 1 9   ALA 9   9   9   ALA ALA A . n 
A 1 10  ILE 10  10  10  ILE ILE A . n 
A 1 11  TYR 11  11  11  TYR TYR A . n 
A 1 12  VAL 12  12  12  VAL VAL A . n 
A 1 13  GLY 13  13  13  GLY GLY A . n 
A 1 14  ASN 14  14  14  ASN ASN A . n 
A 1 15  TYR 15  15  15  TYR TYR A . n 
A 1 16  ARG 16  16  16  ARG ARG A . n 
A 1 17  VAL 17  17  17  VAL VAL A . n 
A 1 18  VAL 18  18  18  VAL VAL A . n 
A 1 19  ASN 19  19  19  ASN ASN A . n 
A 1 20  ARG 20  20  20  ARG ARG A . n 
A 1 21  HIS 21  21  21  HIS HIS A . n 
A 1 22  LEU 22  22  22  LEU LEU A . n 
A 1 23  ALA 23  23  23  ALA ALA A . n 
A 1 24  THR 24  24  24  THR THR A . n 
A 1 25  HIS 25  25  25  HIS HIS A . n 
A 1 26  ASN 26  26  26  ASN ASN A . n 
A 1 27  ASP 27  27  27  ASP ASP A . n 
A 1 28  TRP 28  28  28  TRP TRP A . n 
A 1 29  ALA 29  29  29  ALA ALA A . n 
A 1 30  ASN 30  30  30  ASN ASN A . n 
A 1 31  LEU 31  31  31  LEU LEU A . n 
A 1 32  VAL 32  32  32  VAL VAL A . n 
A 1 33  TRP 33  33  33  TRP TRP A . n 
A 1 34  GLU 34  34  34  GLU GLU A . n 
A 1 35  ASP 35  35  35  ASP ASP A . n 
A 1 36  SER 36  36  36  SER SER A . n 
A 1 37  SER 37  37  37  SER SER A . n 
A 1 38  ARG 38  38  38  ARG ARG A . n 
A 1 39  ASP 39  39  39  ASP ASP A . n 
A 1 40  LEU 40  40  40  LEU LEU A . n 
A 1 41  LEU 41  41  41  LEU LEU A . n 
A 1 42  VAL 42  42  42  VAL VAL A . n 
A 1 43  SER 43  43  43  SER SER A . n 
A 1 44  SER 44  44  44  SER SER A . n 
A 1 45  THR 45  45  45  THR THR A . n 
A 1 46  THR 46  46  46  THR THR A . n 
A 1 47  ALA 47  47  47  ALA ALA A . n 
A 1 48  GLN 48  48  48  GLN GLN A . n 
A 1 49  GLY 49  49  49  GLY GLY A . n 
A 1 50  CYS 50  50  50  CYS CYS A . n 
A 1 51  ASP 51  51  51  ASP ASP A . n 
A 1 52  THR 52  52  52  THR THR A . n 
A 1 53  ILE 53  53  53  ILE ILE A . n 
A 1 54  ALA 54  54  54  ALA ALA A . n 
A 1 55  ARG 55  55  55  ARG ARG A . n 
A 1 56  CYS 56  56  56  CYS CYS A . n 
A 1 57  ASP 57  57  57  ASP ASP A . n 
A 1 58  CYS 58  58  58  CYS CYS A . n 
A 1 59  GLN 59  59  59  GLN GLN A . n 
A 1 60  THR 60  60  60  THR THR A . n 
A 1 61  GLY 61  61  61  GLY GLY A . n 
A 1 62  VAL 62  62  62  VAL VAL A . n 
A 1 63  TYR 63  63  63  TYR TYR A . n 
A 1 64  TYR 64  64  64  TYR TYR A . n 
A 1 65  CYS 65  65  65  CYS CYS A . n 
A 1 66  SER 66  66  66  SER SER A . n 
A 1 67  SER 67  67  67  SER SER A . n 
A 1 68  ARG 68  68  68  ARG ARG A . n 
A 1 69  ARG 69  69  69  ARG ARG A . n 
A 1 70  LYS 70  70  70  LYS LYS A . n 
A 1 71  HIS 71  71  71  HIS HIS A . n 
A 1 72  TYR 72  72  72  TYR TYR A . n 
A 1 73  PRO 73  73  73  PRO PRO A . n 
A 1 74  VAL 74  74  74  VAL VAL A . n 
A 1 75  SER 75  75  75  SER SER A . n 
A 1 76  PHE 76  76  76  PHE PHE A . n 
A 1 77  SER 77  77  77  SER SER A . n 
A 1 78  LYS 78  78  78  LYS LYS A . n 
A 1 79  PRO 79  79  79  PRO PRO A . n 
A 1 80  SER 80  80  80  SER SER A . n 
A 1 81  LEU 81  81  81  LEU LEU A . n 
A 1 82  ILE 82  82  82  ILE ILE A . n 
A 1 83  PHE 83  83  83  PHE PHE A . n 
A 1 84  VAL 84  84  84  VAL VAL A . n 
A 1 85  GLU 85  85  85  GLU GLU A . n 
A 1 86  ALA 86  86  86  ALA ALA A . n 
A 1 87  SER 87  87  87  SER SER A . n 
A 1 88  GLU 88  88  88  GLU GLU A . n 
A 1 89  TYR 89  89  89  TYR TYR A . n 
A 1 90  TYR 90  90  90  TYR TYR A . n 
A 1 91  PRO 91  91  91  PRO PRO A . n 
A 1 92  ALA 92  92  92  ALA ALA A . n 
A 1 93  ARG 93  93  93  ARG ARG A . n 
A 1 94  TYR 94  94  94  TYR TYR A . n 
A 1 95  GLN 95  95  95  GLN GLN A . n 
A 1 96  SER 96  96  96  SER SER A . n 
A 1 97  HIS 97  97  97  HIS HIS A . n 
A 1 98  LEU 98  98  98  LEU LEU A . n 
A 1 99  MET 99  99  99  MET MET A . n 
A 1 100 LEU 100 100 100 LEU LEU A . n 
A 1 101 ALA 101 101 101 ALA ALA A . n 
A 1 102 VAL 102 102 102 VAL VAL A . n 
A 1 103 GLY 103 103 103 GLY GLY A . n 
A 1 104 HIS 104 104 104 HIS HIS A . n 
A 1 105 SER 105 105 105 SER SER A . n 
A 1 106 GLU 106 106 106 GLU GLU A . n 
A 1 107 PRO 107 107 107 PRO PRO A . n 
A 1 108 GLY 108 108 108 GLY GLY A . n 
A 1 109 ASP 109 109 109 ASP ASP A . n 
A 1 110 CYS 110 110 110 CYS CYS A . n 
A 1 111 GLY 111 111 111 GLY GLY A . n 
A 1 112 GLY 112 112 112 GLY GLY A . n 
A 1 113 ILE 113 113 113 ILE ILE A . n 
A 1 114 LEU 114 114 114 LEU LEU A . n 
A 1 115 ARG 115 115 115 ARG ARG A . n 
A 1 116 CYS 116 116 116 CYS CYS A . n 
A 1 117 GLN 117 117 117 GLN GLN A . n 
A 1 118 HIS 118 118 118 HIS HIS A . n 
A 1 119 GLY 119 119 119 GLY GLY A . n 
A 1 120 VAL 120 120 120 VAL VAL A . n 
A 1 121 VAL 121 121 121 VAL VAL A . n 
A 1 122 GLY 122 122 122 GLY GLY A . n 
A 1 123 ILE 123 123 123 ILE ILE A . n 
A 1 124 VAL 124 124 124 VAL VAL A . n 
A 1 125 SER 125 125 125 SER SER A . n 
A 1 126 THR 126 126 126 THR THR A . n 
A 1 127 GLY 127 127 127 GLY GLY A . n 
A 1 128 GLY 128 128 128 GLY GLY A . n 
A 1 129 ASN 129 129 129 ASN ASN A . n 
A 1 130 GLY 130 130 130 GLY GLY A . n 
A 1 131 LEU 131 131 131 LEU LEU A . n 
A 1 132 VAL 132 132 132 VAL VAL A . n 
A 1 133 GLY 133 133 133 GLY GLY A . n 
A 1 134 PHE 134 134 134 PHE PHE A . n 
A 1 135 ALA 135 135 135 ALA ALA A . n 
A 1 136 ASP 136 136 136 ASP ASP A . n 
A 1 137 VAL 137 137 137 VAL VAL A . n 
A 1 138 ARG 138 138 138 ARG ARG A . n 
A 1 139 ASP 139 139 139 ASP ASP A . n 
A 1 140 LEU 140 140 140 LEU LEU A . n 
A 1 141 LEU 141 141 141 LEU LEU A . n 
A 1 142 TRP 142 142 142 TRP TRP A . n 
A 1 143 LEU 143 143 143 LEU LEU A . n 
A 1 144 ASP 144 144 144 ASP ASP A . n 
A 1 145 GLU 145 145 145 GLU GLU A . n 
A 1 146 GLU 146 146 146 GLU GLU A . n 
A 1 147 ALA 147 147 ?   ?   ?   A . n 
A 1 148 MET 148 148 ?   ?   ?   A . n 
A 1 149 GLU 149 149 ?   ?   ?   A . n 
A 1 150 GLN 150 150 ?   ?   ?   A . n 
# 
loop_
_pdbx_nonpoly_scheme.asym_id 
_pdbx_nonpoly_scheme.entity_id 
_pdbx_nonpoly_scheme.mon_id 
_pdbx_nonpoly_scheme.ndb_seq_num 
_pdbx_nonpoly_scheme.pdb_seq_num 
_pdbx_nonpoly_scheme.auth_seq_num 
_pdbx_nonpoly_scheme.pdb_mon_id 
_pdbx_nonpoly_scheme.auth_mon_id 
_pdbx_nonpoly_scheme.pdb_strand_id 
_pdbx_nonpoly_scheme.pdb_ins_code 
B 2 VW4 1   201 201 VW4 LIG A . 
C 2 VW4 1   202 301 VW4 LIG A . 
D 3 ZN  1   203 1   ZN  ZN  A . 
E 4 HOH 1   301 86  HOH HOH A . 
E 4 HOH 2   302 20  HOH HOH A . 
E 4 HOH 3   303 65  HOH HOH A . 
E 4 HOH 4   304 71  HOH HOH A . 
E 4 HOH 5   305 58  HOH HOH A . 
E 4 HOH 6   306 64  HOH HOH A . 
E 4 HOH 7   307 68  HOH HOH A . 
E 4 HOH 8   308 77  HOH HOH A . 
E 4 HOH 9   309 48  HOH HOH A . 
E 4 HOH 10  310 56  HOH HOH A . 
E 4 HOH 11  311 69  HOH HOH A . 
E 4 HOH 12  312 1   HOH HOH A . 
E 4 HOH 13  313 93  HOH HOH A . 
E 4 HOH 14  314 79  HOH HOH A . 
E 4 HOH 15  315 7   HOH HOH A . 
E 4 HOH 16  316 29  HOH HOH A . 
E 4 HOH 17  317 15  HOH HOH A . 
E 4 HOH 18  318 11  HOH HOH A . 
E 4 HOH 19  319 4   HOH HOH A . 
E 4 HOH 20  320 67  HOH HOH A . 
E 4 HOH 21  321 47  HOH HOH A . 
E 4 HOH 22  322 45  HOH HOH A . 
E 4 HOH 23  323 76  HOH HOH A . 
E 4 HOH 24  324 5   HOH HOH A . 
E 4 HOH 25  325 73  HOH HOH A . 
E 4 HOH 26  326 27  HOH HOH A . 
E 4 HOH 27  327 60  HOH HOH A . 
E 4 HOH 28  328 39  HOH HOH A . 
E 4 HOH 29  329 72  HOH HOH A . 
E 4 HOH 30  330 25  HOH HOH A . 
E 4 HOH 31  331 95  HOH HOH A . 
E 4 HOH 32  332 33  HOH HOH A . 
E 4 HOH 33  333 32  HOH HOH A . 
E 4 HOH 34  334 83  HOH HOH A . 
E 4 HOH 35  335 75  HOH HOH A . 
E 4 HOH 36  336 41  HOH HOH A . 
E 4 HOH 37  337 74  HOH HOH A . 
E 4 HOH 38  338 8   HOH HOH A . 
E 4 HOH 39  339 16  HOH HOH A . 
E 4 HOH 40  340 100 HOH HOH A . 
E 4 HOH 41  341 57  HOH HOH A . 
E 4 HOH 42  342 18  HOH HOH A . 
E 4 HOH 43  343 34  HOH HOH A . 
E 4 HOH 44  344 9   HOH HOH A . 
E 4 HOH 45  345 6   HOH HOH A . 
E 4 HOH 46  346 103 HOH HOH A . 
E 4 HOH 47  347 24  HOH HOH A . 
E 4 HOH 48  348 89  HOH HOH A . 
E 4 HOH 49  349 30  HOH HOH A . 
E 4 HOH 50  350 49  HOH HOH A . 
E 4 HOH 51  351 78  HOH HOH A . 
E 4 HOH 52  352 17  HOH HOH A . 
E 4 HOH 53  353 99  HOH HOH A . 
E 4 HOH 54  354 35  HOH HOH A . 
E 4 HOH 55  355 19  HOH HOH A . 
E 4 HOH 56  356 85  HOH HOH A . 
E 4 HOH 57  357 51  HOH HOH A . 
E 4 HOH 58  358 26  HOH HOH A . 
E 4 HOH 59  359 36  HOH HOH A . 
E 4 HOH 60  360 2   HOH HOH A . 
E 4 HOH 61  361 97  HOH HOH A . 
E 4 HOH 62  362 59  HOH HOH A . 
E 4 HOH 63  363 63  HOH HOH A . 
E 4 HOH 64  364 10  HOH HOH A . 
E 4 HOH 65  365 28  HOH HOH A . 
E 4 HOH 66  366 46  HOH HOH A . 
E 4 HOH 67  367 55  HOH HOH A . 
E 4 HOH 68  368 31  HOH HOH A . 
E 4 HOH 69  369 14  HOH HOH A . 
E 4 HOH 70  370 40  HOH HOH A . 
E 4 HOH 71  371 3   HOH HOH A . 
E 4 HOH 72  372 80  HOH HOH A . 
E 4 HOH 73  373 12  HOH HOH A . 
E 4 HOH 74  374 98  HOH HOH A . 
E 4 HOH 75  375 90  HOH HOH A . 
E 4 HOH 76  376 70  HOH HOH A . 
E 4 HOH 77  377 94  HOH HOH A . 
E 4 HOH 78  378 22  HOH HOH A . 
E 4 HOH 79  379 53  HOH HOH A . 
E 4 HOH 80  380 52  HOH HOH A . 
E 4 HOH 81  381 91  HOH HOH A . 
E 4 HOH 82  382 92  HOH HOH A . 
E 4 HOH 83  383 88  HOH HOH A . 
E 4 HOH 84  384 101 HOH HOH A . 
E 4 HOH 85  385 84  HOH HOH A . 
E 4 HOH 86  386 21  HOH HOH A . 
E 4 HOH 87  387 104 HOH HOH A . 
E 4 HOH 88  388 23  HOH HOH A . 
E 4 HOH 89  389 50  HOH HOH A . 
E 4 HOH 90  390 61  HOH HOH A . 
E 4 HOH 91  391 66  HOH HOH A . 
E 4 HOH 92  392 105 HOH HOH A . 
E 4 HOH 93  393 102 HOH HOH A . 
E 4 HOH 94  394 62  HOH HOH A . 
E 4 HOH 95  395 42  HOH HOH A . 
E 4 HOH 96  396 82  HOH HOH A . 
E 4 HOH 97  397 38  HOH HOH A . 
E 4 HOH 98  398 54  HOH HOH A . 
E 4 HOH 99  399 43  HOH HOH A . 
E 4 HOH 100 400 96  HOH HOH A . 
E 4 HOH 101 401 87  HOH HOH A . 
E 4 HOH 102 402 81  HOH HOH A . 
E 4 HOH 103 403 106 HOH HOH A . 
# 
loop_
_software.classification 
_software.name 
_software.version 
_software.citation_id 
_software.pdbx_ordinal 
refinement       REFMAC  5.8.0267 ? 1 
refinement       REFMAC5 .        ? 2 
'data scaling'   Aimless .        ? 3 
phasing          PHASER  .        ? 4 
'data reduction' XDS     .        ? 5 
# 
_cell.entry_id           7H4C 
_cell.length_a           72.501 
_cell.length_b           60.598 
_cell.length_c           32.333 
_cell.angle_alpha        90.00 
_cell.angle_beta         92.77 
_cell.angle_gamma        90.00 
_cell.Z_PDB              4 
_cell.pdbx_unique_axis   ? 
# 
_symmetry.entry_id                         7H4C 
_symmetry.space_group_name_H-M             'C 1 2 1' 
_symmetry.pdbx_full_space_group_name_H-M   ? 
_symmetry.cell_setting                     ? 
_symmetry.Int_Tables_number                5 
# 
_exptl.entry_id          7H4C 
_exptl.method            'X-RAY DIFFRACTION' 
_exptl.crystals_number   1 
# 
_exptl_crystal.id                    1 
_exptl_crystal.density_meas          ? 
_exptl_crystal.density_Matthews      2.15 
_exptl_crystal.density_percent_sol   42.81 
_exptl_crystal.description           ? 
# 
_exptl_crystal_grow.crystal_id      1 
_exptl_crystal_grow.method          'VAPOR DIFFUSION, SITTING DROP' 
_exptl_crystal_grow.pH              6.05 
_exptl_crystal_grow.temp            293.15 
_exptl_crystal_grow.pdbx_details    '0.1 M MES, pH 6.05, 16 % PEG 20,000' 
_exptl_crystal_grow.temp_details    ? 
_exptl_crystal_grow.pdbx_pH_range   ? 
# 
_diffrn.id                     1 
_diffrn.ambient_temp           100 
_diffrn.crystal_id             1 
_diffrn.ambient_temp_details   ? 
# 
_diffrn_detector.detector               PIXEL 
_diffrn_detector.type                   'DECTRIS EIGER2 XE 16M' 
_diffrn_detector.pdbx_collection_date   2023-12-03 
_diffrn_detector.diffrn_id              1 
_diffrn_detector.details                ? 
# 
_diffrn_radiation.diffrn_id                        1 
_diffrn_radiation.wavelength_id                    1 
_diffrn_radiation.pdbx_diffrn_protocol             'SINGLE WAVELENGTH' 
_diffrn_radiation.pdbx_monochromatic_or_laue_m_l   ? 
_diffrn_radiation.monochromator                    ? 
_diffrn_radiation.pdbx_scattering_type             x-ray 
# 
_diffrn_radiation_wavelength.id           1 
_diffrn_radiation_wavelength.wavelength   0.94055 
_diffrn_radiation_wavelength.wt           1.0 
# 
_diffrn_source.diffrn_id                   1 
_diffrn_source.source                      SYNCHROTRON 
_diffrn_source.type                        'DIAMOND BEAMLINE I03' 
_diffrn_source.pdbx_wavelength_list        0.94055 
_diffrn_source.pdbx_synchrotron_site       Diamond 
_diffrn_source.pdbx_synchrotron_beamline   I03 
_diffrn_source.pdbx_wavelength             ? 
# 
_reflns.entry_id                     7H4C 
_reflns.pdbx_diffrn_id               1 
_reflns.pdbx_ordinal                 1 
_reflns.d_resolution_low             46.47 
_reflns.d_resolution_high            1.37 
_reflns.number_obs                   29242 
_reflns.percent_possible_obs         98.8 
_reflns.pdbx_Rmerge_I_obs            0.090 
_reflns.pdbx_netI_over_sigmaI        10.8 
_reflns.pdbx_redundancy              6.9 
_reflns.pdbx_Rrim_I_all              0.097 
_reflns.pdbx_Rpim_I_all              0.036 
_reflns.pdbx_CC_half                 0.999 
_reflns.pdbx_number_measured_all     202961 
_reflns.pdbx_chi_squared             0.90 
_reflns.observed_criterion_sigma_I   ? 
_reflns.observed_criterion_sigma_F   ? 
_reflns.number_all                   ? 
_reflns.pdbx_Rsym_value              ? 
_reflns.B_iso_Wilson_estimate        ? 
# 
_reflns_shell.pdbx_diffrn_id              1 
_reflns_shell.pdbx_ordinal                1 
_reflns_shell.d_res_high                  1.37 
_reflns_shell.d_res_low                   1.44 
_reflns_shell.number_measured_all         27607 
_reflns_shell.number_unique_obs           4162 
_reflns_shell.Rmerge_I_obs                1.827 
_reflns_shell.pdbx_chi_squared            0.76 
_reflns_shell.pdbx_redundancy             6.6 
_reflns_shell.percent_possible_obs        96.7 
_reflns_shell.pdbx_netI_over_sigmaI_obs   1.0 
_reflns_shell.pdbx_Rrim_I_all             1.982 
_reflns_shell.pdbx_Rpim_I_all             0.758 
_reflns_shell.pdbx_CC_half                0.399 
_reflns_shell.percent_possible_all        ? 
_reflns_shell.pdbx_Rsym_value             ? 
_reflns_shell.meanI_over_sigI_obs         ? 
# 
_refine.pdbx_refine_id                           'X-RAY DIFFRACTION' 
_refine.entry_id                                 7H4C 
_refine.pdbx_diffrn_id                           1 
_refine.pdbx_TLS_residual_ADP_flag               ? 
_refine.ls_number_reflns_obs                     27812 
_refine.ls_number_reflns_all                     ? 
_refine.pdbx_ls_sigma_I                          ? 
_refine.pdbx_ls_sigma_F                          ? 
_refine.pdbx_data_cutoff_high_absF               ? 
_refine.pdbx_data_cutoff_low_absF                ? 
_refine.pdbx_data_cutoff_high_rms_absF           ? 
_refine.ls_d_res_low                             46.47 
_refine.ls_d_res_high                            1.37 
_refine.ls_percent_reflns_obs                    98.55 
_refine.ls_R_factor_obs                          0.18459 
_refine.ls_R_factor_all                          ? 
_refine.ls_R_factor_R_work                       0.18342 
_refine.ls_R_factor_R_free                       0.21106 
_refine.ls_R_factor_R_free_error                 ? 
_refine.ls_R_factor_R_free_error_details         ? 
_refine.ls_percent_reflns_R_free                 4.7 
_refine.ls_number_reflns_R_free                  1378 
_refine.ls_number_parameters                     ? 
_refine.ls_number_restraints                     ? 
_refine.occupancy_min                            ? 
_refine.occupancy_max                            ? 
_refine.correlation_coeff_Fo_to_Fc               0.968 
_refine.correlation_coeff_Fo_to_Fc_free          0.960 
_refine.B_iso_mean                               23.330 
_refine.aniso_B[1][1]                            0.16 
_refine.aniso_B[2][2]                            0.50 
_refine.aniso_B[3][3]                            -0.64 
_refine.aniso_B[1][2]                            0.00 
_refine.aniso_B[1][3]                            -0.25 
_refine.aniso_B[2][3]                            0.00 
_refine.solvent_model_details                    MASK 
_refine.solvent_model_param_ksol                 ? 
_refine.solvent_model_param_bsol                 ? 
_refine.pdbx_solvent_vdw_probe_radii             1.20 
_refine.pdbx_solvent_ion_probe_radii             0.80 
_refine.pdbx_solvent_shrinkage_radii             0.80 
_refine.pdbx_ls_cross_valid_method               THROUGHOUT 
_refine.details                                  'HYDROGENS HAVE BEEN ADDED IN THE RIDING POSITIONS' 
_refine.pdbx_starting_model                      ? 
_refine.pdbx_method_to_determine_struct          'MOLECULAR REPLACEMENT' 
_refine.pdbx_isotropic_thermal_model             ? 
_refine.pdbx_stereochemistry_target_values       'MAXIMUM LIKELIHOOD' 
_refine.pdbx_stereochem_target_val_spec_case     ? 
_refine.pdbx_R_Free_selection_details            RANDOM 
_refine.pdbx_overall_ESU_R                       0.078 
_refine.pdbx_overall_ESU_R_Free                  0.076 
_refine.overall_SU_ML                            0.063 
_refine.pdbx_overall_phase_error                 ? 
_refine.overall_SU_B                             1.676 
_refine.overall_SU_R_Cruickshank_DPI             ? 
_refine.pdbx_overall_SU_R_free_Cruickshank_DPI   ? 
_refine.pdbx_overall_SU_R_Blow_DPI               ? 
_refine.pdbx_overall_SU_R_free_Blow_DPI          ? 
# 
_refine_hist.pdbx_refine_id                   'X-RAY DIFFRACTION' 
_refine_hist.cycle_id                         1 
_refine_hist.pdbx_number_atoms_protein        1083 
_refine_hist.pdbx_number_atoms_nucleic_acid   0 
_refine_hist.pdbx_number_atoms_ligand         27 
_refine_hist.number_atoms_solvent             103 
_refine_hist.number_atoms_total               1213 
_refine_hist.d_res_high                       1.37 
_refine_hist.d_res_low                        46.47 
# 
loop_
_refine_ls_restr.type 
_refine_ls_restr.dev_ideal 
_refine_ls_restr.dev_ideal_target 
_refine_ls_restr.weight 
_refine_ls_restr.number 
_refine_ls_restr.pdbx_refine_id 
_refine_ls_restr.pdbx_restraint_function 
r_bond_refined_d             0.010  0.014  ? 2241 'X-RAY DIFFRACTION' ? 
r_bond_other_d               0.001  0.015  ? 1525 'X-RAY DIFFRACTION' ? 
r_angle_refined_deg          1.538  1.629  ? 2435 'X-RAY DIFFRACTION' ? 
r_angle_other_deg            1.418  1.612  ? 3504 'X-RAY DIFFRACTION' ? 
r_dihedral_angle_1_deg       6.697  5.000  ? 226  'X-RAY DIFFRACTION' ? 
r_dihedral_angle_2_deg       33.877 20.865 ? 104  'X-RAY DIFFRACTION' ? 
r_dihedral_angle_3_deg       15.950 15.000 ? 247  'X-RAY DIFFRACTION' ? 
r_dihedral_angle_4_deg       20.283 15.000 ? 15   'X-RAY DIFFRACTION' ? 
r_chiral_restr               0.075  0.200  ? 211  'X-RAY DIFFRACTION' ? 
r_gen_planes_refined         0.009  0.020  ? 2290 'X-RAY DIFFRACTION' ? 
r_gen_planes_other           0.004  0.020  ? 484  'X-RAY DIFFRACTION' ? 
r_nbd_refined                ?      ?      ? ?    'X-RAY DIFFRACTION' ? 
r_nbd_other                  ?      ?      ? ?    'X-RAY DIFFRACTION' ? 
r_nbtor_refined              ?      ?      ? ?    'X-RAY DIFFRACTION' ? 
r_nbtor_other                ?      ?      ? ?    'X-RAY DIFFRACTION' ? 
r_xyhbond_nbd_refined        ?      ?      ? ?    'X-RAY DIFFRACTION' ? 
r_xyhbond_nbd_other          ?      ?      ? ?    'X-RAY DIFFRACTION' ? 
r_metal_ion_refined          ?      ?      ? ?    'X-RAY DIFFRACTION' ? 
r_metal_ion_other            ?      ?      ? ?    'X-RAY DIFFRACTION' ? 
r_symmetry_vdw_refined       ?      ?      ? ?    'X-RAY DIFFRACTION' ? 
r_symmetry_vdw_other         ?      ?      ? ?    'X-RAY DIFFRACTION' ? 
r_symmetry_hbond_refined     ?      ?      ? ?    'X-RAY DIFFRACTION' ? 
r_symmetry_hbond_other       ?      ?      ? ?    'X-RAY DIFFRACTION' ? 
r_symmetry_metal_ion_refined ?      ?      ? ?    'X-RAY DIFFRACTION' ? 
r_symmetry_metal_ion_other   ?      ?      ? ?    'X-RAY DIFFRACTION' ? 
r_mcbond_it                  1.710  2.310  ? 1079 'X-RAY DIFFRACTION' ? 
r_mcbond_other               1.757  2.252  ? 1022 'X-RAY DIFFRACTION' ? 
r_mcangle_it                 2.976  3.232  ? 1088 'X-RAY DIFFRACTION' ? 
r_mcangle_other              2.979  3.231  ? 1085 'X-RAY DIFFRACTION' ? 
r_scbond_it                  2.037  2.747  ? 1160 'X-RAY DIFFRACTION' ? 
r_scbond_other               2.045  2.725  ? 1150 'X-RAY DIFFRACTION' ? 
r_scangle_it                 ?      ?      ? ?    'X-RAY DIFFRACTION' ? 
r_scangle_other              3.258  3.818  ? 1336 'X-RAY DIFFRACTION' ? 
r_long_range_B_refined       5.448  27.042 ? 2041 'X-RAY DIFFRACTION' ? 
r_long_range_B_other         5.443  26.886 ? 2020 'X-RAY DIFFRACTION' ? 
r_rigid_bond_restr           ?      ?      ? ?    'X-RAY DIFFRACTION' ? 
r_sphericity_free            ?      ?      ? ?    'X-RAY DIFFRACTION' ? 
r_sphericity_bonded          ?      ?      ? ?    'X-RAY DIFFRACTION' ? 
# 
_refine_ls_shell.pdbx_refine_id                   'X-RAY DIFFRACTION' 
_refine_ls_shell.pdbx_total_number_of_bins_used   20 
_refine_ls_shell.d_res_high                       1.367 
_refine_ls_shell.d_res_low                        1.402 
_refine_ls_shell.number_reflns_R_work             1922 
_refine_ls_shell.R_factor_R_work                  0.330 
_refine_ls_shell.percent_reflns_obs               91.80 
_refine_ls_shell.R_factor_R_free                  0.364 
_refine_ls_shell.R_factor_R_free_error            ? 
_refine_ls_shell.percent_reflns_R_free            ? 
_refine_ls_shell.number_reflns_R_free             105 
_refine_ls_shell.number_reflns_all                ? 
_refine_ls_shell.R_factor_all                     ? 
# 
_struct.entry_id                  7H4C 
_struct.title                     
;Group deposition for crystallographic fragment screening of Coxsackievirus A16 (G-10) 2A protease -- Crystal structure of Coxsackievirus A16 (G-10) 2A protease in complex with Z954606858 (A71EV2A-x0719)
;
_struct.pdbx_model_details        ? 
_struct.pdbx_CASP_flag            ? 
_struct.pdbx_model_type_details   ? 
# 
_struct_keywords.entry_id        7H4C 
_struct_keywords.pdbx_keywords   HYDROLASE 
_struct_keywords.text            
;Diamond Light Source, I03, ASAP, Coxsackievirus A16, crystallographic fragment screening, PanDDA, Pandda2, XChemExplorer, viral protein, HYDROLASE
;
# 
loop_
_struct_asym.id 
_struct_asym.pdbx_blank_PDB_chainid_flag 
_struct_asym.pdbx_modified 
_struct_asym.entity_id 
_struct_asym.details 
A N N 1 ? 
B N N 2 ? 
C N N 2 ? 
D N N 3 ? 
E N N 4 ? 
# 
_struct_ref.id                         1 
_struct_ref.db_name                    UNP 
_struct_ref.db_code                    POLG_CX16G 
_struct_ref.pdbx_db_accession          Q65900 
_struct_ref.pdbx_db_isoform            ? 
_struct_ref.entity_id                  1 
_struct_ref.pdbx_seq_one_letter_code   
;SGAIYVGNYRVVNRHLATHNDWANLVWEDSSRDLLVSSTTAQGCDTIARCDCQTGVYYCSSRRKHYPVSFSKPSLIFVEA
SEYYPARYQSHLMLAVGHSEPGDCGGILRCQHGVVGIVSTGGNGLVGFADVRDLLWLDEEAMEQ
;
_struct_ref.pdbx_align_begin           869 
# 
_struct_ref_seq.align_id                      1 
_struct_ref_seq.ref_id                        1 
_struct_ref_seq.pdbx_PDB_id_code              7H4C 
_struct_ref_seq.pdbx_strand_id                A 
_struct_ref_seq.seq_align_beg                 7 
_struct_ref_seq.pdbx_seq_align_beg_ins_code   ? 
_struct_ref_seq.seq_align_end                 150 
_struct_ref_seq.pdbx_seq_align_end_ins_code   ? 
_struct_ref_seq.pdbx_db_accession             Q65900 
_struct_ref_seq.db_align_beg                  869 
_struct_ref_seq.pdbx_db_align_beg_ins_code    ? 
_struct_ref_seq.db_align_end                  1012 
_struct_ref_seq.pdbx_db_align_end_ins_code    ? 
_struct_ref_seq.pdbx_auth_seq_align_beg       7 
_struct_ref_seq.pdbx_auth_seq_align_end       150 
# 
loop_
_struct_ref_seq_dif.align_id 
_struct_ref_seq_dif.pdbx_pdb_id_code 
_struct_ref_seq_dif.mon_id 
_struct_ref_seq_dif.pdbx_pdb_strand_id 
_struct_ref_seq_dif.seq_num 
_struct_ref_seq_dif.pdbx_pdb_ins_code 
_struct_ref_seq_dif.pdbx_seq_db_name 
_struct_ref_seq_dif.pdbx_seq_db_accession_code 
_struct_ref_seq_dif.db_mon_id 
_struct_ref_seq_dif.pdbx_seq_db_seq_num 
_struct_ref_seq_dif.details 
_struct_ref_seq_dif.pdbx_auth_seq_num 
_struct_ref_seq_dif.pdbx_ordinal 
1 7H4C GLN A 1 ? UNP Q65900 ? ? 'expression tag' 1 1 
1 7H4C GLU A 2 ? UNP Q65900 ? ? 'expression tag' 2 2 
1 7H4C GLN A 3 ? UNP Q65900 ? ? 'expression tag' 3 3 
1 7H4C THR A 4 ? UNP Q65900 ? ? 'expression tag' 4 4 
1 7H4C GLY A 5 ? UNP Q65900 ? ? 'expression tag' 5 5 
1 7H4C GLY A 6 ? UNP Q65900 ? ? 'expression tag' 6 6 
# 
_pdbx_struct_assembly.id                   1 
_pdbx_struct_assembly.details              author_and_software_defined_assembly 
_pdbx_struct_assembly.method_details       PISA 
_pdbx_struct_assembly.oligomeric_details   monomeric 
_pdbx_struct_assembly.oligomeric_count     1 
# 
loop_
_pdbx_struct_assembly_prop.biol_id 
_pdbx_struct_assembly_prop.type 
_pdbx_struct_assembly_prop.value 
_pdbx_struct_assembly_prop.details 
1 'ABSA (A^2)' 0    ? 
1 MORE         0    ? 
1 'SSA (A^2)'  7340 ? 
# 
_pdbx_struct_assembly_gen.assembly_id       1 
_pdbx_struct_assembly_gen.oper_expression   1 
_pdbx_struct_assembly_gen.asym_id_list      A,B,C,D,E 
# 
_pdbx_struct_oper_list.id                   1 
_pdbx_struct_oper_list.type                 'identity operation' 
_pdbx_struct_oper_list.name                 1_555 
_pdbx_struct_oper_list.symmetry_operation   x,y,z 
_pdbx_struct_oper_list.matrix[1][1]         1.0000000000 
_pdbx_struct_oper_list.matrix[1][2]         0.0000000000 
_pdbx_struct_oper_list.matrix[1][3]         0.0000000000 
_pdbx_struct_oper_list.vector[1]            0.0000000000 
_pdbx_struct_oper_list.matrix[2][1]         0.0000000000 
_pdbx_struct_oper_list.matrix[2][2]         1.0000000000 
_pdbx_struct_oper_list.matrix[2][3]         0.0000000000 
_pdbx_struct_oper_list.vector[2]            0.0000000000 
_pdbx_struct_oper_list.matrix[3][1]         0.0000000000 
_pdbx_struct_oper_list.matrix[3][2]         0.0000000000 
_pdbx_struct_oper_list.matrix[3][3]         1.0000000000 
_pdbx_struct_oper_list.vector[3]            0.0000000000 
# 
loop_
_struct_conf.conf_type_id 
_struct_conf.id 
_struct_conf.pdbx_PDB_helix_id 
_struct_conf.beg_label_comp_id 
_struct_conf.beg_label_asym_id 
_struct_conf.beg_label_seq_id 
_struct_conf.pdbx_beg_PDB_ins_code 
_struct_conf.end_label_comp_id 
_struct_conf.end_label_asym_id 
_struct_conf.end_label_seq_id 
_struct_conf.pdbx_end_PDB_ins_code 
_struct_conf.beg_auth_comp_id 
_struct_conf.beg_auth_asym_id 
_struct_conf.beg_auth_seq_id 
_struct_conf.end_auth_comp_id 
_struct_conf.end_auth_asym_id 
_struct_conf.end_auth_seq_id 
_struct_conf.pdbx_PDB_helix_class 
_struct_conf.details 
_struct_conf.pdbx_PDB_helix_length 
HELX_P HELX_P1 AA1 HIS A 21  ? ALA A 23  ? HIS A 21  ALA A 23  5 ? 3 
HELX_P HELX_P2 AA2 THR A 24  ? ASN A 30  ? THR A 24  ASN A 30  1 ? 7 
HELX_P HELX_P3 AA3 SER A 36  ? ARG A 38  ? SER A 36  ARG A 38  5 ? 3 
HELX_P HELX_P4 AA4 SER A 66  ? ARG A 69  ? SER A 66  ARG A 69  5 ? 4 
HELX_P HELX_P5 AA5 GLU A 106 ? CYS A 110 ? GLU A 106 CYS A 110 5 ? 5 
HELX_P HELX_P6 AA6 LEU A 140 ? GLU A 145 ? LEU A 140 GLU A 145 5 ? 6 
# 
_struct_conf_type.id          HELX_P 
_struct_conf_type.criteria    ? 
_struct_conf_type.reference   ? 
# 
loop_
_struct_conn.id 
_struct_conn.conn_type_id 
_struct_conn.pdbx_leaving_atom_flag 
_struct_conn.pdbx_PDB_id 
_struct_conn.ptnr1_label_asym_id 
_struct_conn.ptnr1_label_comp_id 
_struct_conn.ptnr1_label_seq_id 
_struct_conn.ptnr1_label_atom_id 
_struct_conn.pdbx_ptnr1_label_alt_id 
_struct_conn.pdbx_ptnr1_PDB_ins_code 
_struct_conn.pdbx_ptnr1_standard_comp_id 
_struct_conn.ptnr1_symmetry 
_struct_conn.ptnr2_label_asym_id 
_struct_conn.ptnr2_label_comp_id 
_struct_conn.ptnr2_label_seq_id 
_struct_conn.ptnr2_label_atom_id 
_struct_conn.pdbx_ptnr2_label_alt_id 
_struct_conn.pdbx_ptnr2_PDB_ins_code 
_struct_conn.ptnr1_auth_asym_id 
_struct_conn.ptnr1_auth_comp_id 
_struct_conn.ptnr1_auth_seq_id 
_struct_conn.ptnr2_auth_asym_id 
_struct_conn.ptnr2_auth_comp_id 
_struct_conn.ptnr2_auth_seq_id 
_struct_conn.ptnr2_symmetry 
_struct_conn.pdbx_ptnr3_label_atom_id 
_struct_conn.pdbx_ptnr3_label_seq_id 
_struct_conn.pdbx_ptnr3_label_comp_id 
_struct_conn.pdbx_ptnr3_label_asym_id 
_struct_conn.pdbx_ptnr3_label_alt_id 
_struct_conn.pdbx_ptnr3_PDB_ins_code 
_struct_conn.details 
_struct_conn.pdbx_dist_value 
_struct_conn.pdbx_value_order 
_struct_conn.pdbx_role 
metalc1 metalc ? ? A CYS 56  SG  ? ? ? 1_555 D ZN . ZN ? ? A CYS 56  A ZN 203 1_555 ? ? ? ? ? ? ? 2.310 ? ? 
metalc2 metalc ? ? A CYS 58  SG  ? ? ? 1_555 D ZN . ZN ? ? A CYS 58  A ZN 203 1_555 ? ? ? ? ? ? ? 2.298 ? ? 
metalc3 metalc ? ? A CYS 116 SG  ? ? ? 1_555 D ZN . ZN ? ? A CYS 116 A ZN 203 1_555 ? ? ? ? ? ? ? 2.282 ? ? 
metalc4 metalc ? ? A HIS 118 ND1 ? ? ? 1_555 D ZN . ZN ? ? A HIS 118 A ZN 203 1_555 ? ? ? ? ? ? ? 2.015 ? ? 
# 
_struct_conn_type.id          metalc 
_struct_conn_type.criteria    ? 
_struct_conn_type.reference   ? 
# 
loop_
_pdbx_struct_conn_angle.id 
_pdbx_struct_conn_angle.ptnr1_label_atom_id 
_pdbx_struct_conn_angle.ptnr1_label_alt_id 
_pdbx_struct_conn_angle.ptnr1_label_asym_id 
_pdbx_struct_conn_angle.ptnr1_label_comp_id 
_pdbx_struct_conn_angle.ptnr1_label_seq_id 
_pdbx_struct_conn_angle.ptnr1_auth_atom_id 
_pdbx_struct_conn_angle.ptnr1_auth_asym_id 
_pdbx_struct_conn_angle.ptnr1_auth_comp_id 
_pdbx_struct_conn_angle.ptnr1_auth_seq_id 
_pdbx_struct_conn_angle.ptnr1_PDB_ins_code 
_pdbx_struct_conn_angle.ptnr1_symmetry 
_pdbx_struct_conn_angle.ptnr2_label_atom_id 
_pdbx_struct_conn_angle.ptnr2_label_alt_id 
_pdbx_struct_conn_angle.ptnr2_label_asym_id 
_pdbx_struct_conn_angle.ptnr2_label_comp_id 
_pdbx_struct_conn_angle.ptnr2_label_seq_id 
_pdbx_struct_conn_angle.ptnr2_auth_atom_id 
_pdbx_struct_conn_angle.ptnr2_auth_asym_id 
_pdbx_struct_conn_angle.ptnr2_auth_comp_id 
_pdbx_struct_conn_angle.ptnr2_auth_seq_id 
_pdbx_struct_conn_angle.ptnr2_PDB_ins_code 
_pdbx_struct_conn_angle.ptnr2_symmetry 
_pdbx_struct_conn_angle.ptnr3_label_atom_id 
_pdbx_struct_conn_angle.ptnr3_label_alt_id 
_pdbx_struct_conn_angle.ptnr3_label_asym_id 
_pdbx_struct_conn_angle.ptnr3_label_comp_id 
_pdbx_struct_conn_angle.ptnr3_label_seq_id 
_pdbx_struct_conn_angle.ptnr3_auth_atom_id 
_pdbx_struct_conn_angle.ptnr3_auth_asym_id 
_pdbx_struct_conn_angle.ptnr3_auth_comp_id 
_pdbx_struct_conn_angle.ptnr3_auth_seq_id 
_pdbx_struct_conn_angle.ptnr3_PDB_ins_code 
_pdbx_struct_conn_angle.ptnr3_symmetry 
_pdbx_struct_conn_angle.value 
_pdbx_struct_conn_angle.value_esd 
1 SG ? A CYS 56  ? A CYS 56  ? 1_555 ZN ? D ZN . ? A ZN 203 ? 1_555 SG  ? A CYS 58  ? A CYS 58  ? 1_555 109.0 ? 
2 SG ? A CYS 56  ? A CYS 56  ? 1_555 ZN ? D ZN . ? A ZN 203 ? 1_555 SG  ? A CYS 116 ? A CYS 116 ? 1_555 106.4 ? 
3 SG ? A CYS 58  ? A CYS 58  ? 1_555 ZN ? D ZN . ? A ZN 203 ? 1_555 SG  ? A CYS 116 ? A CYS 116 ? 1_555 116.8 ? 
4 SG ? A CYS 56  ? A CYS 56  ? 1_555 ZN ? D ZN . ? A ZN 203 ? 1_555 ND1 ? A HIS 118 ? A HIS 118 ? 1_555 108.0 ? 
5 SG ? A CYS 58  ? A CYS 58  ? 1_555 ZN ? D ZN . ? A ZN 203 ? 1_555 ND1 ? A HIS 118 ? A HIS 118 ? 1_555 99.6  ? 
6 SG ? A CYS 116 ? A CYS 116 ? 1_555 ZN ? D ZN . ? A ZN 203 ? 1_555 ND1 ? A HIS 118 ? A HIS 118 ? 1_555 116.7 ? 
# 
loop_
_struct_sheet.id 
_struct_sheet.type 
_struct_sheet.number_strands 
_struct_sheet.details 
AA1 ? 3 ? 
AA2 ? 7 ? 
# 
loop_
_struct_sheet_order.sheet_id 
_struct_sheet_order.range_id_1 
_struct_sheet_order.range_id_2 
_struct_sheet_order.offset 
_struct_sheet_order.sense 
AA1 1 2 ? anti-parallel 
AA1 2 3 ? anti-parallel 
AA2 1 2 ? anti-parallel 
AA2 2 3 ? anti-parallel 
AA2 3 4 ? anti-parallel 
AA2 4 5 ? anti-parallel 
AA2 5 6 ? anti-parallel 
AA2 6 7 ? anti-parallel 
# 
loop_
_struct_sheet_range.sheet_id 
_struct_sheet_range.id 
_struct_sheet_range.beg_label_comp_id 
_struct_sheet_range.beg_label_asym_id 
_struct_sheet_range.beg_label_seq_id 
_struct_sheet_range.pdbx_beg_PDB_ins_code 
_struct_sheet_range.end_label_comp_id 
_struct_sheet_range.end_label_asym_id 
_struct_sheet_range.end_label_seq_id 
_struct_sheet_range.pdbx_end_PDB_ins_code 
_struct_sheet_range.beg_auth_comp_id 
_struct_sheet_range.beg_auth_asym_id 
_struct_sheet_range.beg_auth_seq_id 
_struct_sheet_range.end_auth_comp_id 
_struct_sheet_range.end_auth_asym_id 
_struct_sheet_range.end_auth_seq_id 
AA1 1 LEU A 31  ? ASP A 35  ? LEU A 31  ASP A 35  
AA1 2 LEU A 40  ? CYS A 50  ? LEU A 40  CYS A 50  
AA1 3 ILE A 10  ? ASN A 19  ? ILE A 10  ASN A 19  
AA2 1 LYS A 70  ? SER A 75  ? LYS A 70  SER A 75  
AA2 2 THR A 60  ? CYS A 65  ? THR A 60  CYS A 65  
AA2 3 ILE A 113 ? CYS A 116 ? ILE A 113 CYS A 116 
AA2 4 GLY A 119 ? GLY A 128 ? GLY A 119 GLY A 128 
AA2 5 LEU A 131 ? ASP A 136 ? LEU A 131 ASP A 136 
AA2 6 ARG A 93  ? VAL A 102 ? ARG A 93  VAL A 102 
AA2 7 SER A 80  ? VAL A 84  ? SER A 80  VAL A 84  
# 
loop_
_pdbx_struct_sheet_hbond.sheet_id 
_pdbx_struct_sheet_hbond.range_id_1 
_pdbx_struct_sheet_hbond.range_id_2 
_pdbx_struct_sheet_hbond.range_1_label_atom_id 
_pdbx_struct_sheet_hbond.range_1_label_comp_id 
_pdbx_struct_sheet_hbond.range_1_label_asym_id 
_pdbx_struct_sheet_hbond.range_1_label_seq_id 
_pdbx_struct_sheet_hbond.range_1_PDB_ins_code 
_pdbx_struct_sheet_hbond.range_1_auth_atom_id 
_pdbx_struct_sheet_hbond.range_1_auth_comp_id 
_pdbx_struct_sheet_hbond.range_1_auth_asym_id 
_pdbx_struct_sheet_hbond.range_1_auth_seq_id 
_pdbx_struct_sheet_hbond.range_2_label_atom_id 
_pdbx_struct_sheet_hbond.range_2_label_comp_id 
_pdbx_struct_sheet_hbond.range_2_label_asym_id 
_pdbx_struct_sheet_hbond.range_2_label_seq_id 
_pdbx_struct_sheet_hbond.range_2_PDB_ins_code 
_pdbx_struct_sheet_hbond.range_2_auth_atom_id 
_pdbx_struct_sheet_hbond.range_2_auth_comp_id 
_pdbx_struct_sheet_hbond.range_2_auth_asym_id 
_pdbx_struct_sheet_hbond.range_2_auth_seq_id 
AA1 1 2 N TRP A 33  ? N TRP A 33  O VAL A 42  ? O VAL A 42  
AA1 2 3 N GLY A 49  ? N GLY A 49  O GLY A 13  ? O GLY A 13  
AA2 1 2 O LYS A 70  ? O LYS A 70  N CYS A 65  ? N CYS A 65  
AA2 2 3 N VAL A 62  ? N VAL A 62  O ARG A 115 ? O ARG A 115 
AA2 3 4 N LEU A 114 ? N LEU A 114 O VAL A 121 ? O VAL A 121 
AA2 4 5 N SER A 125 ? N SER A 125 O GLY A 133 ? O GLY A 133 
AA2 5 6 O VAL A 132 ? O VAL A 132 N ALA A 101 ? N ALA A 101 
AA2 6 7 O ARG A 93  ? O ARG A 93  N VAL A 84  ? N VAL A 84  
# 
_pdbx_entry_details.entry_id                   7H4C 
_pdbx_entry_details.compound_details           ? 
_pdbx_entry_details.source_details             ? 
_pdbx_entry_details.nonpolymer_details         ? 
_pdbx_entry_details.sequence_details           ? 
_pdbx_entry_details.has_ligand_of_interest     ? 
_pdbx_entry_details.has_protein_modification   N 
# 
loop_
_pdbx_validate_torsion.id 
_pdbx_validate_torsion.PDB_model_num 
_pdbx_validate_torsion.auth_comp_id 
_pdbx_validate_torsion.auth_asym_id 
_pdbx_validate_torsion.auth_seq_id 
_pdbx_validate_torsion.PDB_ins_code 
_pdbx_validate_torsion.label_alt_id 
_pdbx_validate_torsion.phi 
_pdbx_validate_torsion.psi 
1 1 ASN A 14  ? ? -98.20  31.93  
2 1 SER A 87  ? ? -136.19 -36.01 
3 1 GLU A 88  ? ? 121.52  -21.65 
4 1 SER A 125 ? ? -130.32 -31.04 
5 1 ASP A 144 ? ? -102.25 60.11  
6 1 GLU A 145 ? ? -175.50 148.25 
# 
_pdbx_struct_special_symmetry.id              1 
_pdbx_struct_special_symmetry.PDB_model_num   1 
_pdbx_struct_special_symmetry.auth_asym_id    A 
_pdbx_struct_special_symmetry.auth_comp_id    HOH 
_pdbx_struct_special_symmetry.auth_seq_id     303 
_pdbx_struct_special_symmetry.PDB_ins_code    ? 
_pdbx_struct_special_symmetry.label_asym_id   E 
_pdbx_struct_special_symmetry.label_comp_id   HOH 
_pdbx_struct_special_symmetry.label_seq_id    . 
# 
loop_
_pdbx_unobs_or_zero_occ_residues.id 
_pdbx_unobs_or_zero_occ_residues.PDB_model_num 
_pdbx_unobs_or_zero_occ_residues.polymer_flag 
_pdbx_unobs_or_zero_occ_residues.occupancy_flag 
_pdbx_unobs_or_zero_occ_residues.auth_asym_id 
_pdbx_unobs_or_zero_occ_residues.auth_comp_id 
_pdbx_unobs_or_zero_occ_residues.auth_seq_id 
_pdbx_unobs_or_zero_occ_residues.PDB_ins_code 
_pdbx_unobs_or_zero_occ_residues.label_asym_id 
_pdbx_unobs_or_zero_occ_residues.label_comp_id 
_pdbx_unobs_or_zero_occ_residues.label_seq_id 
1  1 Y 1 A GLN 1   ? A GLN 1   
2  1 Y 1 A GLU 2   ? A GLU 2   
3  1 Y 1 A GLN 3   ? A GLN 3   
4  1 Y 1 A THR 4   ? A THR 4   
5  1 Y 1 A GLY 5   ? A GLY 5   
6  1 Y 1 A GLY 6   ? A GLY 6   
7  1 Y 1 A ALA 147 ? A ALA 147 
8  1 Y 1 A MET 148 ? A MET 148 
9  1 Y 1 A GLU 149 ? A GLU 149 
10 1 Y 1 A GLN 150 ? A GLN 150 
# 
loop_
_chem_comp_atom.comp_id 
_chem_comp_atom.atom_id 
_chem_comp_atom.type_symbol 
_chem_comp_atom.pdbx_aromatic_flag 
_chem_comp_atom.pdbx_stereo_config 
_chem_comp_atom.pdbx_ordinal 
ALA N    N  N N 1   
ALA CA   C  N S 2   
ALA C    C  N N 3   
ALA O    O  N N 4   
ALA CB   C  N N 5   
ALA OXT  O  N N 6   
ALA H    H  N N 7   
ALA H2   H  N N 8   
ALA HA   H  N N 9   
ALA HB1  H  N N 10  
ALA HB2  H  N N 11  
ALA HB3  H  N N 12  
ALA HXT  H  N N 13  
ARG N    N  N N 14  
ARG CA   C  N S 15  
ARG C    C  N N 16  
ARG O    O  N N 17  
ARG CB   C  N N 18  
ARG CG   C  N N 19  
ARG CD   C  N N 20  
ARG NE   N  N N 21  
ARG CZ   C  N N 22  
ARG NH1  N  N N 23  
ARG NH2  N  N N 24  
ARG OXT  O  N N 25  
ARG H    H  N N 26  
ARG H2   H  N N 27  
ARG HA   H  N N 28  
ARG HB2  H  N N 29  
ARG HB3  H  N N 30  
ARG HG2  H  N N 31  
ARG HG3  H  N N 32  
ARG HD2  H  N N 33  
ARG HD3  H  N N 34  
ARG HE   H  N N 35  
ARG HH11 H  N N 36  
ARG HH12 H  N N 37  
ARG HH21 H  N N 38  
ARG HH22 H  N N 39  
ARG HXT  H  N N 40  
ASN N    N  N N 41  
ASN CA   C  N S 42  
ASN C    C  N N 43  
ASN O    O  N N 44  
ASN CB   C  N N 45  
ASN CG   C  N N 46  
ASN OD1  O  N N 47  
ASN ND2  N  N N 48  
ASN OXT  O  N N 49  
ASN H    H  N N 50  
ASN H2   H  N N 51  
ASN HA   H  N N 52  
ASN HB2  H  N N 53  
ASN HB3  H  N N 54  
ASN HD21 H  N N 55  
ASN HD22 H  N N 56  
ASN HXT  H  N N 57  
ASP N    N  N N 58  
ASP CA   C  N S 59  
ASP C    C  N N 60  
ASP O    O  N N 61  
ASP CB   C  N N 62  
ASP CG   C  N N 63  
ASP OD1  O  N N 64  
ASP OD2  O  N N 65  
ASP OXT  O  N N 66  
ASP H    H  N N 67  
ASP H2   H  N N 68  
ASP HA   H  N N 69  
ASP HB2  H  N N 70  
ASP HB3  H  N N 71  
ASP HD2  H  N N 72  
ASP HXT  H  N N 73  
CYS N    N  N N 74  
CYS CA   C  N R 75  
CYS C    C  N N 76  
CYS O    O  N N 77  
CYS CB   C  N N 78  
CYS SG   S  N N 79  
CYS OXT  O  N N 80  
CYS H    H  N N 81  
CYS H2   H  N N 82  
CYS HA   H  N N 83  
CYS HB2  H  N N 84  
CYS HB3  H  N N 85  
CYS HG   H  N N 86  
CYS HXT  H  N N 87  
GLN N    N  N N 88  
GLN CA   C  N S 89  
GLN C    C  N N 90  
GLN O    O  N N 91  
GLN CB   C  N N 92  
GLN CG   C  N N 93  
GLN CD   C  N N 94  
GLN OE1  O  N N 95  
GLN NE2  N  N N 96  
GLN OXT  O  N N 97  
GLN H    H  N N 98  
GLN H2   H  N N 99  
GLN HA   H  N N 100 
GLN HB2  H  N N 101 
GLN HB3  H  N N 102 
GLN HG2  H  N N 103 
GLN HG3  H  N N 104 
GLN HE21 H  N N 105 
GLN HE22 H  N N 106 
GLN HXT  H  N N 107 
GLU N    N  N N 108 
GLU CA   C  N S 109 
GLU C    C  N N 110 
GLU O    O  N N 111 
GLU CB   C  N N 112 
GLU CG   C  N N 113 
GLU CD   C  N N 114 
GLU OE1  O  N N 115 
GLU OE2  O  N N 116 
GLU OXT  O  N N 117 
GLU H    H  N N 118 
GLU H2   H  N N 119 
GLU HA   H  N N 120 
GLU HB2  H  N N 121 
GLU HB3  H  N N 122 
GLU HG2  H  N N 123 
GLU HG3  H  N N 124 
GLU HE2  H  N N 125 
GLU HXT  H  N N 126 
GLY N    N  N N 127 
GLY CA   C  N N 128 
GLY C    C  N N 129 
GLY O    O  N N 130 
GLY OXT  O  N N 131 
GLY H    H  N N 132 
GLY H2   H  N N 133 
GLY HA2  H  N N 134 
GLY HA3  H  N N 135 
GLY HXT  H  N N 136 
HIS N    N  N N 137 
HIS CA   C  N S 138 
HIS C    C  N N 139 
HIS O    O  N N 140 
HIS CB   C  N N 141 
HIS CG   C  Y N 142 
HIS ND1  N  Y N 143 
HIS CD2  C  Y N 144 
HIS CE1  C  Y N 145 
HIS NE2  N  Y N 146 
HIS OXT  O  N N 147 
HIS H    H  N N 148 
HIS H2   H  N N 149 
HIS HA   H  N N 150 
HIS HB2  H  N N 151 
HIS HB3  H  N N 152 
HIS HD1  H  N N 153 
HIS HD2  H  N N 154 
HIS HE1  H  N N 155 
HIS HE2  H  N N 156 
HIS HXT  H  N N 157 
HOH O    O  N N 158 
HOH H1   H  N N 159 
HOH H2   H  N N 160 
ILE N    N  N N 161 
ILE CA   C  N S 162 
ILE C    C  N N 163 
ILE O    O  N N 164 
ILE CB   C  N S 165 
ILE CG1  C  N N 166 
ILE CG2  C  N N 167 
ILE CD1  C  N N 168 
ILE OXT  O  N N 169 
ILE H    H  N N 170 
ILE H2   H  N N 171 
ILE HA   H  N N 172 
ILE HB   H  N N 173 
ILE HG12 H  N N 174 
ILE HG13 H  N N 175 
ILE HG21 H  N N 176 
ILE HG22 H  N N 177 
ILE HG23 H  N N 178 
ILE HD11 H  N N 179 
ILE HD12 H  N N 180 
ILE HD13 H  N N 181 
ILE HXT  H  N N 182 
LEU N    N  N N 183 
LEU CA   C  N S 184 
LEU C    C  N N 185 
LEU O    O  N N 186 
LEU CB   C  N N 187 
LEU CG   C  N N 188 
LEU CD1  C  N N 189 
LEU CD2  C  N N 190 
LEU OXT  O  N N 191 
LEU H    H  N N 192 
LEU H2   H  N N 193 
LEU HA   H  N N 194 
LEU HB2  H  N N 195 
LEU HB3  H  N N 196 
LEU HG   H  N N 197 
LEU HD11 H  N N 198 
LEU HD12 H  N N 199 
LEU HD13 H  N N 200 
LEU HD21 H  N N 201 
LEU HD22 H  N N 202 
LEU HD23 H  N N 203 
LEU HXT  H  N N 204 
LYS N    N  N N 205 
LYS CA   C  N S 206 
LYS C    C  N N 207 
LYS O    O  N N 208 
LYS CB   C  N N 209 
LYS CG   C  N N 210 
LYS CD   C  N N 211 
LYS CE   C  N N 212 
LYS NZ   N  N N 213 
LYS OXT  O  N N 214 
LYS H    H  N N 215 
LYS H2   H  N N 216 
LYS HA   H  N N 217 
LYS HB2  H  N N 218 
LYS HB3  H  N N 219 
LYS HG2  H  N N 220 
LYS HG3  H  N N 221 
LYS HD2  H  N N 222 
LYS HD3  H  N N 223 
LYS HE2  H  N N 224 
LYS HE3  H  N N 225 
LYS HZ1  H  N N 226 
LYS HZ2  H  N N 227 
LYS HZ3  H  N N 228 
LYS HXT  H  N N 229 
MET N    N  N N 230 
MET CA   C  N S 231 
MET C    C  N N 232 
MET O    O  N N 233 
MET CB   C  N N 234 
MET CG   C  N N 235 
MET SD   S  N N 236 
MET CE   C  N N 237 
MET OXT  O  N N 238 
MET H    H  N N 239 
MET H2   H  N N 240 
MET HA   H  N N 241 
MET HB2  H  N N 242 
MET HB3  H  N N 243 
MET HG2  H  N N 244 
MET HG3  H  N N 245 
MET HE1  H  N N 246 
MET HE2  H  N N 247 
MET HE3  H  N N 248 
MET HXT  H  N N 249 
PHE N    N  N N 250 
PHE CA   C  N S 251 
PHE C    C  N N 252 
PHE O    O  N N 253 
PHE CB   C  N N 254 
PHE CG   C  Y N 255 
PHE CD1  C  Y N 256 
PHE CD2  C  Y N 257 
PHE CE1  C  Y N 258 
PHE CE2  C  Y N 259 
PHE CZ   C  Y N 260 
PHE OXT  O  N N 261 
PHE H    H  N N 262 
PHE H2   H  N N 263 
PHE HA   H  N N 264 
PHE HB2  H  N N 265 
PHE HB3  H  N N 266 
PHE HD1  H  N N 267 
PHE HD2  H  N N 268 
PHE HE1  H  N N 269 
PHE HE2  H  N N 270 
PHE HZ   H  N N 271 
PHE HXT  H  N N 272 
PRO N    N  N N 273 
PRO CA   C  N S 274 
PRO C    C  N N 275 
PRO O    O  N N 276 
PRO CB   C  N N 277 
PRO CG   C  N N 278 
PRO CD   C  N N 279 
PRO OXT  O  N N 280 
PRO H    H  N N 281 
PRO HA   H  N N 282 
PRO HB2  H  N N 283 
PRO HB3  H  N N 284 
PRO HG2  H  N N 285 
PRO HG3  H  N N 286 
PRO HD2  H  N N 287 
PRO HD3  H  N N 288 
PRO HXT  H  N N 289 
SER N    N  N N 290 
SER CA   C  N S 291 
SER C    C  N N 292 
SER O    O  N N 293 
SER CB   C  N N 294 
SER OG   O  N N 295 
SER OXT  O  N N 296 
SER H    H  N N 297 
SER H2   H  N N 298 
SER HA   H  N N 299 
SER HB2  H  N N 300 
SER HB3  H  N N 301 
SER HG   H  N N 302 
SER HXT  H  N N 303 
THR N    N  N N 304 
THR CA   C  N S 305 
THR C    C  N N 306 
THR O    O  N N 307 
THR CB   C  N R 308 
THR OG1  O  N N 309 
THR CG2  C  N N 310 
THR OXT  O  N N 311 
THR H    H  N N 312 
THR H2   H  N N 313 
THR HA   H  N N 314 
THR HB   H  N N 315 
THR HG1  H  N N 316 
THR HG21 H  N N 317 
THR HG22 H  N N 318 
THR HG23 H  N N 319 
THR HXT  H  N N 320 
TRP N    N  N N 321 
TRP CA   C  N S 322 
TRP C    C  N N 323 
TRP O    O  N N 324 
TRP CB   C  N N 325 
TRP CG   C  Y N 326 
TRP CD1  C  Y N 327 
TRP CD2  C  Y N 328 
TRP NE1  N  Y N 329 
TRP CE2  C  Y N 330 
TRP CE3  C  Y N 331 
TRP CZ2  C  Y N 332 
TRP CZ3  C  Y N 333 
TRP CH2  C  Y N 334 
TRP OXT  O  N N 335 
TRP H    H  N N 336 
TRP H2   H  N N 337 
TRP HA   H  N N 338 
TRP HB2  H  N N 339 
TRP HB3  H  N N 340 
TRP HD1  H  N N 341 
TRP HE1  H  N N 342 
TRP HE3  H  N N 343 
TRP HZ2  H  N N 344 
TRP HZ3  H  N N 345 
TRP HH2  H  N N 346 
TRP HXT  H  N N 347 
TYR N    N  N N 348 
TYR CA   C  N S 349 
TYR C    C  N N 350 
TYR O    O  N N 351 
TYR CB   C  N N 352 
TYR CG   C  Y N 353 
TYR CD1  C  Y N 354 
TYR CD2  C  Y N 355 
TYR CE1  C  Y N 356 
TYR CE2  C  Y N 357 
TYR CZ   C  Y N 358 
TYR OH   O  N N 359 
TYR OXT  O  N N 360 
TYR H    H  N N 361 
TYR H2   H  N N 362 
TYR HA   H  N N 363 
TYR HB2  H  N N 364 
TYR HB3  H  N N 365 
TYR HD1  H  N N 366 
TYR HD2  H  N N 367 
TYR HE1  H  N N 368 
TYR HE2  H  N N 369 
TYR HH   H  N N 370 
TYR HXT  H  N N 371 
VAL N    N  N N 372 
VAL CA   C  N S 373 
VAL C    C  N N 374 
VAL O    O  N N 375 
VAL CB   C  N N 376 
VAL CG1  C  N N 377 
VAL CG2  C  N N 378 
VAL OXT  O  N N 379 
VAL H    H  N N 380 
VAL H2   H  N N 381 
VAL HA   H  N N 382 
VAL HB   H  N N 383 
VAL HG11 H  N N 384 
VAL HG12 H  N N 385 
VAL HG13 H  N N 386 
VAL HG21 H  N N 387 
VAL HG22 H  N N 388 
VAL HG23 H  N N 389 
VAL HXT  H  N N 390 
VW4 N1   N  N N 391 
VW4 C4   C  Y N 392 
VW4 C5   C  Y N 393 
VW4 C6   C  Y N 394 
VW4 C7   C  Y N 395 
VW4 C8   C  Y N 396 
VW4 C1   C  N N 397 
VW4 C2   C  N S 398 
VW4 C3   C  N N 399 
VW4 S1   S  N N 400 
VW4 O1   O  N N 401 
VW4 O2   O  N N 402 
VW4 C9   C  Y N 403 
VW4 H8   H  N N 404 
VW4 H7   H  N N 405 
VW4 H9   H  N N 406 
VW4 H10  H  N N 407 
VW4 H11  H  N N 408 
VW4 H12  H  N N 409 
VW4 H3   H  N N 410 
VW4 H2   H  N N 411 
VW4 H1   H  N N 412 
VW4 H4   H  N N 413 
VW4 H6   H  N N 414 
VW4 H5   H  N N 415 
VW4 H13  H  N N 416 
ZN  ZN   ZN N N 417 
# 
loop_
_chem_comp_bond.comp_id 
_chem_comp_bond.atom_id_1 
_chem_comp_bond.atom_id_2 
_chem_comp_bond.value_order 
_chem_comp_bond.pdbx_aromatic_flag 
_chem_comp_bond.pdbx_stereo_config 
_chem_comp_bond.pdbx_ordinal 
ALA N   CA   sing N N 1   
ALA N   H    sing N N 2   
ALA N   H2   sing N N 3   
ALA CA  C    sing N N 4   
ALA CA  CB   sing N N 5   
ALA CA  HA   sing N N 6   
ALA C   O    doub N N 7   
ALA C   OXT  sing N N 8   
ALA CB  HB1  sing N N 9   
ALA CB  HB2  sing N N 10  
ALA CB  HB3  sing N N 11  
ALA OXT HXT  sing N N 12  
ARG N   CA   sing N N 13  
ARG N   H    sing N N 14  
ARG N   H2   sing N N 15  
ARG CA  C    sing N N 16  
ARG CA  CB   sing N N 17  
ARG CA  HA   sing N N 18  
ARG C   O    doub N N 19  
ARG C   OXT  sing N N 20  
ARG CB  CG   sing N N 21  
ARG CB  HB2  sing N N 22  
ARG CB  HB3  sing N N 23  
ARG CG  CD   sing N N 24  
ARG CG  HG2  sing N N 25  
ARG CG  HG3  sing N N 26  
ARG CD  NE   sing N N 27  
ARG CD  HD2  sing N N 28  
ARG CD  HD3  sing N N 29  
ARG NE  CZ   sing N N 30  
ARG NE  HE   sing N N 31  
ARG CZ  NH1  sing N N 32  
ARG CZ  NH2  doub N N 33  
ARG NH1 HH11 sing N N 34  
ARG NH1 HH12 sing N N 35  
ARG NH2 HH21 sing N N 36  
ARG NH2 HH22 sing N N 37  
ARG OXT HXT  sing N N 38  
ASN N   CA   sing N N 39  
ASN N   H    sing N N 40  
ASN N   H2   sing N N 41  
ASN CA  C    sing N N 42  
ASN CA  CB   sing N N 43  
ASN CA  HA   sing N N 44  
ASN C   O    doub N N 45  
ASN C   OXT  sing N N 46  
ASN CB  CG   sing N N 47  
ASN CB  HB2  sing N N 48  
ASN CB  HB3  sing N N 49  
ASN CG  OD1  doub N N 50  
ASN CG  ND2  sing N N 51  
ASN ND2 HD21 sing N N 52  
ASN ND2 HD22 sing N N 53  
ASN OXT HXT  sing N N 54  
ASP N   CA   sing N N 55  
ASP N   H    sing N N 56  
ASP N   H2   sing N N 57  
ASP CA  C    sing N N 58  
ASP CA  CB   sing N N 59  
ASP CA  HA   sing N N 60  
ASP C   O    doub N N 61  
ASP C   OXT  sing N N 62  
ASP CB  CG   sing N N 63  
ASP CB  HB2  sing N N 64  
ASP CB  HB3  sing N N 65  
ASP CG  OD1  doub N N 66  
ASP CG  OD2  sing N N 67  
ASP OD2 HD2  sing N N 68  
ASP OXT HXT  sing N N 69  
CYS N   CA   sing N N 70  
CYS N   H    sing N N 71  
CYS N   H2   sing N N 72  
CYS CA  C    sing N N 73  
CYS CA  CB   sing N N 74  
CYS CA  HA   sing N N 75  
CYS C   O    doub N N 76  
CYS C   OXT  sing N N 77  
CYS CB  SG   sing N N 78  
CYS CB  HB2  sing N N 79  
CYS CB  HB3  sing N N 80  
CYS SG  HG   sing N N 81  
CYS OXT HXT  sing N N 82  
GLN N   CA   sing N N 83  
GLN N   H    sing N N 84  
GLN N   H2   sing N N 85  
GLN CA  C    sing N N 86  
GLN CA  CB   sing N N 87  
GLN CA  HA   sing N N 88  
GLN C   O    doub N N 89  
GLN C   OXT  sing N N 90  
GLN CB  CG   sing N N 91  
GLN CB  HB2  sing N N 92  
GLN CB  HB3  sing N N 93  
GLN CG  CD   sing N N 94  
GLN CG  HG2  sing N N 95  
GLN CG  HG3  sing N N 96  
GLN CD  OE1  doub N N 97  
GLN CD  NE2  sing N N 98  
GLN NE2 HE21 sing N N 99  
GLN NE2 HE22 sing N N 100 
GLN OXT HXT  sing N N 101 
GLU N   CA   sing N N 102 
GLU N   H    sing N N 103 
GLU N   H2   sing N N 104 
GLU CA  C    sing N N 105 
GLU CA  CB   sing N N 106 
GLU CA  HA   sing N N 107 
GLU C   O    doub N N 108 
GLU C   OXT  sing N N 109 
GLU CB  CG   sing N N 110 
GLU CB  HB2  sing N N 111 
GLU CB  HB3  sing N N 112 
GLU CG  CD   sing N N 113 
GLU CG  HG2  sing N N 114 
GLU CG  HG3  sing N N 115 
GLU CD  OE1  doub N N 116 
GLU CD  OE2  sing N N 117 
GLU OE2 HE2  sing N N 118 
GLU OXT HXT  sing N N 119 
GLY N   CA   sing N N 120 
GLY N   H    sing N N 121 
GLY N   H2   sing N N 122 
GLY CA  C    sing N N 123 
GLY CA  HA2  sing N N 124 
GLY CA  HA3  sing N N 125 
GLY C   O    doub N N 126 
GLY C   OXT  sing N N 127 
GLY OXT HXT  sing N N 128 
HIS N   CA   sing N N 129 
HIS N   H    sing N N 130 
HIS N   H2   sing N N 131 
HIS CA  C    sing N N 132 
HIS CA  CB   sing N N 133 
HIS CA  HA   sing N N 134 
HIS C   O    doub N N 135 
HIS C   OXT  sing N N 136 
HIS CB  CG   sing N N 137 
HIS CB  HB2  sing N N 138 
HIS CB  HB3  sing N N 139 
HIS CG  ND1  sing Y N 140 
HIS CG  CD2  doub Y N 141 
HIS ND1 CE1  doub Y N 142 
HIS ND1 HD1  sing N N 143 
HIS CD2 NE2  sing Y N 144 
HIS CD2 HD2  sing N N 145 
HIS CE1 NE2  sing Y N 146 
HIS CE1 HE1  sing N N 147 
HIS NE2 HE2  sing N N 148 
HIS OXT HXT  sing N N 149 
HOH O   H1   sing N N 150 
HOH O   H2   sing N N 151 
ILE N   CA   sing N N 152 
ILE N   H    sing N N 153 
ILE N   H2   sing N N 154 
ILE CA  C    sing N N 155 
ILE CA  CB   sing N N 156 
ILE CA  HA   sing N N 157 
ILE C   O    doub N N 158 
ILE C   OXT  sing N N 159 
ILE CB  CG1  sing N N 160 
ILE CB  CG2  sing N N 161 
ILE CB  HB   sing N N 162 
ILE CG1 CD1  sing N N 163 
ILE CG1 HG12 sing N N 164 
ILE CG1 HG13 sing N N 165 
ILE CG2 HG21 sing N N 166 
ILE CG2 HG22 sing N N 167 
ILE CG2 HG23 sing N N 168 
ILE CD1 HD11 sing N N 169 
ILE CD1 HD12 sing N N 170 
ILE CD1 HD13 sing N N 171 
ILE OXT HXT  sing N N 172 
LEU N   CA   sing N N 173 
LEU N   H    sing N N 174 
LEU N   H2   sing N N 175 
LEU CA  C    sing N N 176 
LEU CA  CB   sing N N 177 
LEU CA  HA   sing N N 178 
LEU C   O    doub N N 179 
LEU C   OXT  sing N N 180 
LEU CB  CG   sing N N 181 
LEU CB  HB2  sing N N 182 
LEU CB  HB3  sing N N 183 
LEU CG  CD1  sing N N 184 
LEU CG  CD2  sing N N 185 
LEU CG  HG   sing N N 186 
LEU CD1 HD11 sing N N 187 
LEU CD1 HD12 sing N N 188 
LEU CD1 HD13 sing N N 189 
LEU CD2 HD21 sing N N 190 
LEU CD2 HD22 sing N N 191 
LEU CD2 HD23 sing N N 192 
LEU OXT HXT  sing N N 193 
LYS N   CA   sing N N 194 
LYS N   H    sing N N 195 
LYS N   H2   sing N N 196 
LYS CA  C    sing N N 197 
LYS CA  CB   sing N N 198 
LYS CA  HA   sing N N 199 
LYS C   O    doub N N 200 
LYS C   OXT  sing N N 201 
LYS CB  CG   sing N N 202 
LYS CB  HB2  sing N N 203 
LYS CB  HB3  sing N N 204 
LYS CG  CD   sing N N 205 
LYS CG  HG2  sing N N 206 
LYS CG  HG3  sing N N 207 
LYS CD  CE   sing N N 208 
LYS CD  HD2  sing N N 209 
LYS CD  HD3  sing N N 210 
LYS CE  NZ   sing N N 211 
LYS CE  HE2  sing N N 212 
LYS CE  HE3  sing N N 213 
LYS NZ  HZ1  sing N N 214 
LYS NZ  HZ2  sing N N 215 
LYS NZ  HZ3  sing N N 216 
LYS OXT HXT  sing N N 217 
MET N   CA   sing N N 218 
MET N   H    sing N N 219 
MET N   H2   sing N N 220 
MET CA  C    sing N N 221 
MET CA  CB   sing N N 222 
MET CA  HA   sing N N 223 
MET C   O    doub N N 224 
MET C   OXT  sing N N 225 
MET CB  CG   sing N N 226 
MET CB  HB2  sing N N 227 
MET CB  HB3  sing N N 228 
MET CG  SD   sing N N 229 
MET CG  HG2  sing N N 230 
MET CG  HG3  sing N N 231 
MET SD  CE   sing N N 232 
MET CE  HE1  sing N N 233 
MET CE  HE2  sing N N 234 
MET CE  HE3  sing N N 235 
MET OXT HXT  sing N N 236 
PHE N   CA   sing N N 237 
PHE N   H    sing N N 238 
PHE N   H2   sing N N 239 
PHE CA  C    sing N N 240 
PHE CA  CB   sing N N 241 
PHE CA  HA   sing N N 242 
PHE C   O    doub N N 243 
PHE C   OXT  sing N N 244 
PHE CB  CG   sing N N 245 
PHE CB  HB2  sing N N 246 
PHE CB  HB3  sing N N 247 
PHE CG  CD1  doub Y N 248 
PHE CG  CD2  sing Y N 249 
PHE CD1 CE1  sing Y N 250 
PHE CD1 HD1  sing N N 251 
PHE CD2 CE2  doub Y N 252 
PHE CD2 HD2  sing N N 253 
PHE CE1 CZ   doub Y N 254 
PHE CE1 HE1  sing N N 255 
PHE CE2 CZ   sing Y N 256 
PHE CE2 HE2  sing N N 257 
PHE CZ  HZ   sing N N 258 
PHE OXT HXT  sing N N 259 
PRO N   CA   sing N N 260 
PRO N   CD   sing N N 261 
PRO N   H    sing N N 262 
PRO CA  C    sing N N 263 
PRO CA  CB   sing N N 264 
PRO CA  HA   sing N N 265 
PRO C   O    doub N N 266 
PRO C   OXT  sing N N 267 
PRO CB  CG   sing N N 268 
PRO CB  HB2  sing N N 269 
PRO CB  HB3  sing N N 270 
PRO CG  CD   sing N N 271 
PRO CG  HG2  sing N N 272 
PRO CG  HG3  sing N N 273 
PRO CD  HD2  sing N N 274 
PRO CD  HD3  sing N N 275 
PRO OXT HXT  sing N N 276 
SER N   CA   sing N N 277 
SER N   H    sing N N 278 
SER N   H2   sing N N 279 
SER CA  C    sing N N 280 
SER CA  CB   sing N N 281 
SER CA  HA   sing N N 282 
SER C   O    doub N N 283 
SER C   OXT  sing N N 284 
SER CB  OG   sing N N 285 
SER CB  HB2  sing N N 286 
SER CB  HB3  sing N N 287 
SER OG  HG   sing N N 288 
SER OXT HXT  sing N N 289 
THR N   CA   sing N N 290 
THR N   H    sing N N 291 
THR N   H2   sing N N 292 
THR CA  C    sing N N 293 
THR CA  CB   sing N N 294 
THR CA  HA   sing N N 295 
THR C   O    doub N N 296 
THR C   OXT  sing N N 297 
THR CB  OG1  sing N N 298 
THR CB  CG2  sing N N 299 
THR CB  HB   sing N N 300 
THR OG1 HG1  sing N N 301 
THR CG2 HG21 sing N N 302 
THR CG2 HG22 sing N N 303 
THR CG2 HG23 sing N N 304 
THR OXT HXT  sing N N 305 
TRP N   CA   sing N N 306 
TRP N   H    sing N N 307 
TRP N   H2   sing N N 308 
TRP CA  C    sing N N 309 
TRP CA  CB   sing N N 310 
TRP CA  HA   sing N N 311 
TRP C   O    doub N N 312 
TRP C   OXT  sing N N 313 
TRP CB  CG   sing N N 314 
TRP CB  HB2  sing N N 315 
TRP CB  HB3  sing N N 316 
TRP CG  CD1  doub Y N 317 
TRP CG  CD2  sing Y N 318 
TRP CD1 NE1  sing Y N 319 
TRP CD1 HD1  sing N N 320 
TRP CD2 CE2  doub Y N 321 
TRP CD2 CE3  sing Y N 322 
TRP NE1 CE2  sing Y N 323 
TRP NE1 HE1  sing N N 324 
TRP CE2 CZ2  sing Y N 325 
TRP CE3 CZ3  doub Y N 326 
TRP CE3 HE3  sing N N 327 
TRP CZ2 CH2  doub Y N 328 
TRP CZ2 HZ2  sing N N 329 
TRP CZ3 CH2  sing Y N 330 
TRP CZ3 HZ3  sing N N 331 
TRP CH2 HH2  sing N N 332 
TRP OXT HXT  sing N N 333 
TYR N   CA   sing N N 334 
TYR N   H    sing N N 335 
TYR N   H2   sing N N 336 
TYR CA  C    sing N N 337 
TYR CA  CB   sing N N 338 
TYR CA  HA   sing N N 339 
TYR C   O    doub N N 340 
TYR C   OXT  sing N N 341 
TYR CB  CG   sing N N 342 
TYR CB  HB2  sing N N 343 
TYR CB  HB3  sing N N 344 
TYR CG  CD1  doub Y N 345 
TYR CG  CD2  sing Y N 346 
TYR CD1 CE1  sing Y N 347 
TYR CD1 HD1  sing N N 348 
TYR CD2 CE2  doub Y N 349 
TYR CD2 HD2  sing N N 350 
TYR CE1 CZ   doub Y N 351 
TYR CE1 HE1  sing N N 352 
TYR CE2 CZ   sing Y N 353 
TYR CE2 HE2  sing N N 354 
TYR CZ  OH   sing N N 355 
TYR OH  HH   sing N N 356 
TYR OXT HXT  sing N N 357 
VAL N   CA   sing N N 358 
VAL N   H    sing N N 359 
VAL N   H2   sing N N 360 
VAL CA  C    sing N N 361 
VAL CA  CB   sing N N 362 
VAL CA  HA   sing N N 363 
VAL C   O    doub N N 364 
VAL C   OXT  sing N N 365 
VAL CB  CG1  sing N N 366 
VAL CB  CG2  sing N N 367 
VAL CB  HB   sing N N 368 
VAL CG1 HG11 sing N N 369 
VAL CG1 HG12 sing N N 370 
VAL CG1 HG13 sing N N 371 
VAL CG2 HG21 sing N N 372 
VAL CG2 HG22 sing N N 373 
VAL CG2 HG23 sing N N 374 
VAL OXT HXT  sing N N 375 
VW4 O2  S1   doub N N 376 
VW4 N1  S1   sing N N 377 
VW4 S1  O1   doub N N 378 
VW4 S1  C3   sing N N 379 
VW4 C3  C2   sing N N 380 
VW4 C2  C1   sing N N 381 
VW4 C2  C4   sing N N 382 
VW4 C4  C9   doub Y N 383 
VW4 C4  C5   sing Y N 384 
VW4 C9  C8   sing Y N 385 
VW4 C8  C7   doub Y N 386 
VW4 C5  C6   doub Y N 387 
VW4 C7  C6   sing Y N 388 
VW4 N1  H8   sing N N 389 
VW4 N1  H7   sing N N 390 
VW4 C5  H9   sing N N 391 
VW4 C6  H10  sing N N 392 
VW4 C7  H11  sing N N 393 
VW4 C8  H12  sing N N 394 
VW4 C1  H3   sing N N 395 
VW4 C1  H2   sing N N 396 
VW4 C1  H1   sing N N 397 
VW4 C2  H4   sing N N 398 
VW4 C3  H6   sing N N 399 
VW4 C3  H5   sing N N 400 
VW4 C9  H13  sing N N 401 
# 
_pdbx_audit_support.funding_organization   
'National Institutes of Health/National Institute Of Allergy and Infectious Diseases (NIH/NIAID)' 
_pdbx_audit_support.country                'United States' 
_pdbx_audit_support.grant_number           U19AI171399 
_pdbx_audit_support.ordinal                1 
# 
_pdbx_deposit_group.group_id            G_1002288 
_pdbx_deposit_group.group_description   'Crystallographic fragment screening of Coxsackievirus A16 (G-10) 2A protease' 
_pdbx_deposit_group.group_title         
'Group deposition for crystallographic fragment screening of Coxsackievirus A16 (G-10) 2A protease' 
_pdbx_deposit_group.group_type          'changed state' 
# 
_atom_sites.entry_id                    7H4C 
_atom_sites.fract_transf_matrix[1][1]   -0.00484439 
_atom_sites.fract_transf_matrix[1][2]   -0.00209444 
_atom_sites.fract_transf_matrix[1][3]   0.01276081 
_atom_sites.fract_transf_matrix[2][1]   0.00923801 
_atom_sites.fract_transf_matrix[2][2]   -0.01361455 
_atom_sites.fract_transf_matrix[2][3]   0.00127246 
_atom_sites.fract_transf_matrix[3][1]   0.02269186 
_atom_sites.fract_transf_matrix[3][2]   0.01660875 
_atom_sites.fract_transf_matrix[3][3]   0.01296141 
_atom_sites.fract_transf_vector[1]      0.219571 
_atom_sites.fract_transf_vector[2]      0.139082 
_atom_sites.fract_transf_vector[3]      0.432343 
# 
loop_
_atom_type.symbol 
C  
N  
O  
S  
ZN 
# 
loop_
_atom_site.group_PDB 
_atom_site.id 
_atom_site.type_symbol 
_atom_site.label_atom_id 
_atom_site.label_alt_id 
_atom_site.label_comp_id 
_atom_site.label_asym_id 
_atom_site.label_entity_id 
_atom_site.label_seq_id 
_atom_site.pdbx_PDB_ins_code 
_atom_site.Cartn_x 
_atom_site.Cartn_y 
_atom_site.Cartn_z 
_atom_site.occupancy 
_atom_site.B_iso_or_equiv 
_atom_site.pdbx_formal_charge 
_atom_site.auth_seq_id 
_atom_site.auth_comp_id 
_atom_site.auth_asym_id 
_atom_site.auth_atom_id 
_atom_site.pdbx_PDB_model_num 
ATOM   1    N  N   . SER A 1 7   ? 5.489   5.168   7.568   1.00 23.07 ? 7   SER A N   1 
ATOM   2    C  CA  . SER A 1 7   ? 4.463   4.360   8.266   1.00 23.33 ? 7   SER A CA  1 
ATOM   3    C  C   . SER A 1 7   ? 3.084   4.776   7.775   1.00 22.60 ? 7   SER A C   1 
ATOM   4    O  O   . SER A 1 7   ? 2.969   5.838   7.113   1.00 22.99 ? 7   SER A O   1 
ATOM   5    C  CB  . SER A 1 7   ? 4.535   4.506   9.779   1.00 26.74 ? 7   SER A CB  1 
ATOM   6    O  OG  . SER A 1 7   ? 4.338   5.864   10.124  1.00 28.47 ? 7   SER A OG  1 
ATOM   7    N  N   . GLY A 1 8   ? 2.104   3.945   8.088   1.00 18.40 ? 8   GLY A N   1 
ATOM   8    C  CA  . GLY A 1 8   ? 0.696   4.239   7.793   1.00 17.73 ? 8   GLY A CA  1 
ATOM   9    C  C   . GLY A 1 8   ? -0.063  2.978   7.522   1.00 17.27 ? 8   GLY A C   1 
ATOM   10   O  O   . GLY A 1 8   ? 0.514   1.955   7.140   1.00 18.27 ? 8   GLY A O   1 
ATOM   11   N  N   . ALA A 1 9   ? -1.375  3.048   7.667   1.00 16.73 ? 9   ALA A N   1 
ATOM   12   C  CA  . ALA A 1 9   ? -2.276  1.900   7.494   1.00 15.45 ? 9   ALA A CA  1 
ATOM   13   C  C   . ALA A 1 9   ? -3.618  2.365   6.981   1.00 14.59 ? 9   ALA A C   1 
ATOM   14   O  O   . ALA A 1 9   ? -3.892  3.565   7.043   1.00 17.30 ? 9   ALA A O   1 
ATOM   15   C  CB  . ALA A 1 9   ? -2.492  1.188   8.794   1.00 18.45 ? 9   ALA A CB  1 
ATOM   16   N  N   . ILE A 1 10  ? -4.336  1.424   6.424   1.00 14.16 ? 10  ILE A N   1 
ATOM   17   C  CA  . ILE A 1 10  ? -5.745  1.563   6.018   1.00 15.26 ? 10  ILE A CA  1 
ATOM   18   C  C   . ILE A 1 10  ? -6.596  0.820   7.030   1.00 16.98 ? 10  ILE A C   1 
ATOM   19   O  O   . ILE A 1 10  ? -6.324  -0.354  7.333   1.00 17.24 ? 10  ILE A O   1 
ATOM   20   C  CB  . ILE A 1 10  ? -5.984  1.010   4.610   1.00 15.70 ? 10  ILE A CB  1 
ATOM   21   C  CG1 . ILE A 1 10  ? -5.002  1.571   3.574   1.00 15.11 ? 10  ILE A CG1 1 
ATOM   22   C  CG2 . ILE A 1 10  ? -7.418  1.269   4.190   1.00 16.77 ? 10  ILE A CG2 1 
ATOM   23   C  CD1 . ILE A 1 10  ? -4.986  0.740   2.292   1.00 16.01 ? 10  ILE A CD1 1 
ATOM   24   N  N   . TYR A 1 11  ? -7.648  1.498   7.488   1.00 19.24 ? 11  TYR A N   1 
ATOM   25   C  CA  . TYR A 1 11  ? -8.618  0.956   8.450   1.00 19.69 ? 11  TYR A CA  1 
ATOM   26   C  C   . TYR A 1 11  ? -9.986  0.866   7.799   1.00 19.34 ? 11  TYR A C   1 
ATOM   27   O  O   . TYR A 1 11  ? -10.610 1.923   7.550   1.00 24.42 ? 11  TYR A O   1 
ATOM   28   C  CB  . TYR A 1 11  ? -8.635  1.813   9.708   1.00 19.72 ? 11  TYR A CB  1 
ATOM   29   C  CG  . TYR A 1 11  ? -7.321  1.807   10.413  1.00 20.53 ? 11  TYR A CG  1 
ATOM   30   C  CD1 . TYR A 1 11  ? -6.961  0.725   11.185  1.00 21.12 ? 11  TYR A CD1 1 
ATOM   31   C  CD2 . TYR A 1 11  ? -6.398  2.813   10.240  1.00 20.58 ? 11  TYR A CD2 1 
ATOM   32   C  CE1 . TYR A 1 11  ? -5.737  0.693   11.829  1.00 20.99 ? 11  TYR A CE1 1 
ATOM   33   C  CE2 . TYR A 1 11  ? -5.159  2.776   10.858  1.00 21.21 ? 11  TYR A CE2 1 
ATOM   34   C  CZ  . TYR A 1 11  ? -4.836  1.719   11.678  1.00 21.80 ? 11  TYR A CZ  1 
ATOM   35   O  OH  . TYR A 1 11  ? -3.607  1.666   12.263  1.00 21.42 ? 11  TYR A OH  1 
ATOM   36   N  N   . VAL A 1 12  ? -10.367 -0.349  7.474   1.00 19.67 ? 12  VAL A N   1 
ATOM   37   C  CA  . VAL A 1 12  ? -11.663 -0.642  6.816   1.00 22.83 ? 12  VAL A CA  1 
ATOM   38   C  C   . VAL A 1 12  ? -12.320 -1.813  7.549   1.00 23.31 ? 12  VAL A C   1 
ATOM   39   O  O   . VAL A 1 12  ? -11.709 -2.927  7.735   1.00 23.30 ? 12  VAL A O   1 
ATOM   40   C  CB  . VAL A 1 12  ? -11.467 -0.868  5.297   1.00 23.63 ? 12  VAL A CB  1 
ATOM   41   C  CG1 . VAL A 1 12  ? -10.462 -1.939  4.994   1.00 25.09 ? 12  VAL A CG1 1 
ATOM   42   C  CG2 . VAL A 1 12  ? -12.783 -1.176  4.613   1.00 29.56 ? 12  VAL A CG2 1 
ATOM   43   N  N   . GLY A 1 13  ? -13.567 -1.598  7.994   1.00 27.82 ? 13  GLY A N   1 
ATOM   44   C  CA  . GLY A 1 13  ? -14.266 -2.614  8.802   1.00 27.01 ? 13  GLY A CA  1 
ATOM   45   C  C   . GLY A 1 13  ? -13.399 -3.067  9.971   1.00 24.42 ? 13  GLY A C   1 
ATOM   46   O  O   . GLY A 1 13  ? -12.838 -2.222  10.643  1.00 25.98 ? 13  GLY A O   1 
ATOM   47   N  N   . ASN A 1 14  ? -13.251 -4.368  10.145  1.00 25.98 ? 14  ASN A N   1 
ATOM   48   C  CA  . ASN A 1 14  ? -12.418 -4.934  11.242  1.00 28.83 ? 14  ASN A CA  1 
ATOM   49   C  C   . ASN A 1 14  ? -11.039 -5.301  10.690  1.00 27.08 ? 14  ASN A C   1 
ATOM   50   O  O   . ASN A 1 14  ? -10.435 -6.241  11.197  1.00 25.61 ? 14  ASN A O   1 
ATOM   51   C  CB  . ASN A 1 14  ? -13.087 -6.127  11.922  1.00 33.43 ? 14  ASN A CB  1 
ATOM   52   C  CG  . ASN A 1 14  ? -14.245 -5.660  12.771  1.00 36.28 ? 14  ASN A CG  1 
ATOM   53   O  OD1 . ASN A 1 14  ? -14.068 -4.890  13.722  1.00 41.03 ? 14  ASN A OD1 1 
ATOM   54   N  ND2 . ASN A 1 14  ? -15.434 -6.039  12.370  1.00 37.38 ? 14  ASN A ND2 1 
ATOM   55   N  N   . TYR A 1 15  ? -10.546 -4.561  9.696   1.00 23.28 ? 15  TYR A N   1 
ATOM   56   C  CA  . TYR A 1 15  ? -9.261  -4.883  9.049   1.00 21.20 ? 15  TYR A CA  1 
ATOM   57   C  C   . TYR A 1 15  ? -8.342  -3.692  9.185   1.00 18.36 ? 15  TYR A C   1 
ATOM   58   O  O   . TYR A 1 15  ? -8.749  -2.504  9.064   1.00 20.25 ? 15  TYR A O   1 
ATOM   59   C  CB  . TYR A 1 15  ? -9.427  -5.257  7.575   1.00 21.10 ? 15  TYR A CB  1 
ATOM   60   C  CG  . TYR A 1 15  ? -10.210 -6.516  7.320   1.00 22.94 ? 15  TYR A CG  1 
ATOM   61   C  CD1 . TYR A 1 15  ? -9.841  -7.716  7.929   1.00 24.16 ? 15  TYR A CD1 1 
ATOM   62   C  CD2 . TYR A 1 15  ? -11.380 -6.493  6.564   1.00 22.99 ? 15  TYR A CD2 1 
ATOM   63   C  CE1 . TYR A 1 15  ? -10.539 -8.883  7.696   1.00 24.28 ? 15  TYR A CE1 1 
ATOM   64   C  CE2 . TYR A 1 15  ? -12.087 -7.671  6.325   1.00 25.19 ? 15  TYR A CE2 1 
ATOM   65   C  CZ  . TYR A 1 15  ? -11.681 -8.854  6.923   1.00 24.64 ? 15  TYR A CZ  1 
ATOM   66   O  OH  . TYR A 1 15  ? -12.340 -10.039 6.736   1.00 28.47 ? 15  TYR A OH  1 
ATOM   67   N  N   . ARG A 1 16  ? -7.051  -4.009  9.324   1.00 16.95 ? 16  ARG A N   1 
ATOM   68   C  CA  . ARG A 1 16  ? -5.938  -3.042  9.250   1.00 17.10 ? 16  ARG A CA  1 
ATOM   69   C  C   . ARG A 1 16  ? -5.020  -3.511  8.128   1.00 16.40 ? 16  ARG A C   1 
ATOM   70   O  O   . ARG A 1 16  ? -4.528  -4.644  8.200   1.00 16.51 ? 16  ARG A O   1 
ATOM   71   C  CB  . ARG A 1 16  ? -5.203  -2.988  10.590  1.00 19.98 ? 16  ARG A CB  1 
ATOM   72   C  CG  . ARG A 1 16  ? -3.816  -2.381  10.537  1.00 19.45 ? 16  ARG A CG  1 
ATOM   73   C  CD  . ARG A 1 16  ? -3.230  -2.172  11.933  1.00 19.51 ? 16  ARG A CD  1 
ATOM   74   N  NE  . ARG A 1 16  ? -1.808  -2.294  11.975  1.00 19.11 ? 16  ARG A NE  1 
ATOM   75   C  CZ  . ARG A 1 16  ? -0.913  -1.331  12.038  1.00 18.84 ? 16  ARG A CZ  1 
ATOM   76   N  NH1 . ARG A 1 16  ? -1.246  -0.049  12.044  1.00 21.35 ? 16  ARG A NH1 1 
ATOM   77   N  NH2 . ARG A 1 16  ? 0.369   -1.650  12.102  1.00 20.12 ? 16  ARG A NH2 1 
ATOM   78   N  N   . VAL A 1 17  ? -4.813  -2.663  7.125   1.00 15.76 ? 17  VAL A N   1 
ATOM   79   C  CA  . VAL A 1 17  ? -3.909  -2.980  5.998   1.00 15.48 ? 17  VAL A CA  1 
ATOM   80   C  C   . VAL A 1 17  ? -2.629  -2.211  6.194   1.00 14.20 ? 17  VAL A C   1 
ATOM   81   O  O   . VAL A 1 17  ? -2.675  -0.959  6.241   1.00 14.97 ? 17  VAL A O   1 
ATOM   82   C  CB  . VAL A 1 17  ? -4.554  -2.626  4.664   1.00 15.52 ? 17  VAL A CB  1 
ATOM   83   C  CG1 . VAL A 1 17  ? -3.703  -3.180  3.521   1.00 17.27 ? 17  VAL A CG1 1 
ATOM   84   C  CG2 . VAL A 1 17  ? -5.987  -3.127  4.623   1.00 17.07 ? 17  VAL A CG2 1 
ATOM   85   N  N   . VAL A 1 18  ? -1.510  -2.922  6.202   1.00 14.38 ? 18  VAL A N   1 
ATOM   86   C  CA  . VAL A 1 18  ? -0.155  -2.332  6.375   1.00 14.40 ? 18  VAL A CA  1 
ATOM   87   C  C   . VAL A 1 18  ? 0.813   -2.893  5.317   1.00 13.76 ? 18  VAL A C   1 
ATOM   88   O  O   . VAL A 1 18  ? 0.580   -3.971  4.747   1.00 15.11 ? 18  VAL A O   1 
ATOM   89   C  CB  . VAL A 1 18  ? 0.379   -2.548  7.797   1.00 16.32 ? 18  VAL A CB  1 
ATOM   90   C  CG1 . VAL A 1 18  ? -0.450  -1.766  8.776   1.00 19.70 ? 18  VAL A CG1 1 
ATOM   91   C  CG2 . VAL A 1 18  ? 0.425   -4.019  8.195   1.00 16.25 ? 18  VAL A CG2 1 
ATOM   92   N  N   . ASN A 1 19  ? 1.907   -2.205  5.157   1.00 12.54 ? 19  ASN A N   1 
ATOM   93   C  CA  . ASN A 1 19  ? 3.061   -2.807  4.441   1.00 13.63 ? 19  ASN A CA  1 
ATOM   94   C  C   . ASN A 1 19  ? 3.473   -4.073  5.203   1.00 14.42 ? 19  ASN A C   1 
ATOM   95   O  O   . ASN A 1 19  ? 3.725   -3.983  6.419   1.00 13.76 ? 19  ASN A O   1 
ATOM   96   C  CB  . ASN A 1 19  ? 4.214   -1.827  4.323   1.00 14.37 ? 19  ASN A CB  1 
ATOM   97   C  CG  . ASN A 1 19  ? 3.911   -0.607  3.506   1.00 14.52 ? 19  ASN A CG  1 
ATOM   98   O  OD1 . ASN A 1 19  ? 3.498   0.423   4.035   1.00 13.35 ? 19  ASN A OD1 1 
ATOM   99   N  ND2 . ASN A 1 19  ? 4.101   -0.709  2.209   1.00 14.00 ? 19  ASN A ND2 1 
ATOM   100  N  N   . ARG A 1 20  ? 3.589   -5.178  4.497   1.00 15.06 ? 20  ARG A N   1 
ATOM   101  C  CA  . ARG A 1 20  ? 4.024   -6.443  5.144   1.00 14.48 ? 20  ARG A CA  1 
ATOM   102  C  C   . ARG A 1 20  ? 5.364   -6.207  5.839   1.00 15.85 ? 20  ARG A C   1 
ATOM   103  O  O   . ARG A 1 20  ? 5.514   -6.672  6.985   1.00 15.67 ? 20  ARG A O   1 
ATOM   104  C  CB  . ARG A 1 20  ? 4.109   -7.557  4.120   1.00 14.78 ? 20  ARG A CB  1 
ATOM   105  C  CG  . ARG A 1 20  ? 4.273   -8.926  4.756   1.00 14.23 ? 20  ARG A CG  1 
ATOM   106  C  CD  . ARG A 1 20  ? 4.515   -9.871  3.603   1.00 16.12 ? 20  ARG A CD  1 
ATOM   107  N  NE  . ARG A 1 20  ? 4.657   -11.262 4.047   1.00 16.24 ? 20  ARG A NE  1 
ATOM   108  C  CZ  . ARG A 1 20  ? 5.760   -11.821 4.491   1.00 17.41 ? 20  ARG A CZ  1 
ATOM   109  N  NH1 . ARG A 1 20  ? 6.857   -11.138 4.708   1.00 18.44 ? 20  ARG A NH1 1 
ATOM   110  N  NH2 . ARG A 1 20  ? 5.731   -13.118 4.791   1.00 17.78 ? 20  ARG A NH2 1 
ATOM   111  N  N   . HIS A 1 21  ? 6.278   -5.422  5.261   1.00 14.82 ? 21  HIS A N   1 
ATOM   112  C  CA  . HIS A 1 21  ? 7.621   -5.271  5.871   1.00 15.32 ? 21  HIS A CA  1 
ATOM   113  C  C   . HIS A 1 21  ? 7.596   -4.366  7.091   1.00 16.66 ? 21  HIS A C   1 
ATOM   114  O  O   . HIS A 1 21  ? 8.647   -4.278  7.747   1.00 18.36 ? 21  HIS A O   1 
ATOM   115  C  CB  . HIS A 1 21  ? 8.711   -4.789  4.924   1.00 16.09 ? 21  HIS A CB  1 
ATOM   116  C  CG  . HIS A 1 21  ? 8.498   -3.440  4.335   1.00 16.37 ? 21  HIS A CG  1 
ATOM   117  N  ND1 . HIS A 1 21  ? 9.168   -2.330  4.743   1.00 19.57 ? 21  HIS A ND1 1 
ATOM   118  C  CD2 . HIS A 1 21  ? 7.689   -3.048  3.318   1.00 14.49 ? 21  HIS A CD2 1 
ATOM   119  C  CE1 . HIS A 1 21  ? 8.759   -1.281  4.001   1.00 15.06 ? 21  HIS A CE1 1 
ATOM   120  N  NE2 . HIS A 1 21  ? 7.828   -1.716  3.150   1.00 17.91 ? 21  HIS A NE2 1 
ATOM   121  N  N   . LEU A 1 22  ? 6.486   -3.703  7.380   1.00 15.29 ? 22  LEU A N   1 
ATOM   122  C  CA  . LEU A 1 22  ? 6.360   -2.819  8.554   1.00 16.75 ? 22  LEU A CA  1 
ATOM   123  C  C   . LEU A 1 22  ? 5.393   -3.436  9.551   1.00 15.37 ? 22  LEU A C   1 
ATOM   124  O  O   . LEU A 1 22  ? 5.089   -2.789  10.567  1.00 18.20 ? 22  LEU A O   1 
ATOM   125  C  CB  . LEU A 1 22  ? 5.930   -1.420  8.129   1.00 15.94 ? 22  LEU A CB  1 
ATOM   126  C  CG  . LEU A 1 22  ? 6.908   -0.716  7.183   1.00 17.37 ? 22  LEU A CG  1 
ATOM   127  C  CD1 . LEU A 1 22  ? 6.425   0.689   6.887   1.00 17.03 ? 22  LEU A CD1 1 
ATOM   128  C  CD2 . LEU A 1 22  ? 8.288   -0.627  7.793   1.00 18.29 ? 22  LEU A CD2 1 
ATOM   129  N  N   . ALA A 1 23  ? 4.845   -4.618  9.253   1.00 15.15 ? 23  ALA A N   1 
ATOM   130  C  CA  . ALA A 1 23  ? 3.852   -5.223  10.165  1.00 16.88 ? 23  ALA A CA  1 
ATOM   131  C  C   . ALA A 1 23  ? 4.472   -5.440  11.555  1.00 17.40 ? 23  ALA A C   1 
ATOM   132  O  O   . ALA A 1 23  ? 5.617   -5.870  11.648  1.00 18.45 ? 23  ALA A O   1 
ATOM   133  C  CB  . ALA A 1 23  ? 3.318   -6.523  9.635   1.00 16.88 ? 23  ALA A CB  1 
ATOM   134  N  N   . THR A 1 24  ? 3.678   -5.212  12.578  1.00 17.26 ? 24  THR A N   1 
ATOM   135  C  CA  . THR A 1 24  ? 4.113   -5.357  13.998  1.00 18.74 ? 24  THR A CA  1 
ATOM   136  C  C   . THR A 1 24  ? 3.870   -6.779  14.480  1.00 20.12 ? 24  THR A C   1 
ATOM   137  O  O   . THR A 1 24  ? 3.205   -7.553  13.824  1.00 17.80 ? 24  THR A O   1 
ATOM   138  C  CB  . THR A 1 24  ? 3.363   -4.370  14.895  1.00 18.79 ? 24  THR A CB  1 
ATOM   139  O  OG1 . THR A 1 24  ? 1.999   -4.800  14.897  1.00 19.51 ? 24  THR A OG1 1 
ATOM   140  C  CG2 . THR A 1 24  ? 3.503   -2.953  14.412  1.00 18.62 ? 24  THR A CG2 1 
ATOM   141  N  N   . HIS A 1 25  ? 4.380   -7.102  15.671  0.79 19.82 ? 25  HIS A N   1 
ATOM   142  C  CA  . HIS A 1 25  ? 4.062   -8.391  16.333  0.79 21.37 ? 25  HIS A CA  1 
ATOM   143  C  C   . HIS A 1 25  ? 2.545   -8.546  16.461  0.79 19.44 ? 25  HIS A C   1 
ATOM   144  O  O   . HIS A 1 25  ? 2.032   -9.638  16.192  0.79 19.94 ? 25  HIS A O   1 
ATOM   145  C  CB  . HIS A 1 25  ? 4.796   -8.527  17.674  0.79 23.94 ? 25  HIS A CB  1 
ATOM   146  C  CG  . HIS A 1 25  ? 6.265   -8.715  17.517  0.79 26.77 ? 25  HIS A CG  1 
ATOM   147  N  ND1 . HIS A 1 25  ? 6.892   -9.913  17.787  0.79 30.28 ? 25  HIS A ND1 1 
ATOM   148  C  CD2 . HIS A 1 25  ? 7.233   -7.865  17.110  0.79 28.67 ? 25  HIS A CD2 1 
ATOM   149  C  CE1 . HIS A 1 25  ? 8.184   -9.784  17.558  0.79 29.44 ? 25  HIS A CE1 1 
ATOM   150  N  NE2 . HIS A 1 25  ? 8.417   -8.542  17.145  0.79 30.47 ? 25  HIS A NE2 1 
ATOM   151  N  N   A ASN A 1 26  ? 1.845   -7.472  16.834  0.35 20.38 ? 26  ASN A N   1 
ATOM   152  N  N   B ASN A 1 26  ? 1.812   -7.515  16.819  0.44 18.28 ? 26  ASN A N   1 
ATOM   153  C  CA  A ASN A 1 26  ? 0.370   -7.477  16.998  0.35 20.94 ? 26  ASN A CA  1 
ATOM   154  C  CA  B ASN A 1 26  ? 0.339   -7.606  16.961  0.44 18.21 ? 26  ASN A CA  1 
ATOM   155  C  C   A ASN A 1 26  ? -0.298  -7.802  15.656  0.35 18.11 ? 26  ASN A C   1 
ATOM   156  C  C   B ASN A 1 26  ? -0.300  -7.882  15.607  0.44 15.74 ? 26  ASN A C   1 
ATOM   157  O  O   A ASN A 1 26  ? -1.278  -8.553  15.651  0.35 19.14 ? 26  ASN A O   1 
ATOM   158  O  O   B ASN A 1 26  ? -1.238  -8.707  15.528  0.44 16.25 ? 26  ASN A O   1 
ATOM   159  C  CB  A ASN A 1 26  ? -0.127  -6.154  17.588  0.35 21.95 ? 26  ASN A CB  1 
ATOM   160  C  CB  B ASN A 1 26  ? -0.211  -6.335  17.591  0.44 17.71 ? 26  ASN A CB  1 
ATOM   161  C  CG  A ASN A 1 26  ? -1.625  -6.153  17.823  0.35 24.36 ? 26  ASN A CG  1 
ATOM   162  C  CG  B ASN A 1 26  ? -0.016  -6.336  19.084  0.44 19.15 ? 26  ASN A CG  1 
ATOM   163  O  OD1 A ASN A 1 26  ? -2.124  -6.931  18.637  0.35 27.83 ? 26  ASN A OD1 1 
ATOM   164  O  OD1 B ASN A 1 26  ? -0.158  -7.375  19.722  0.44 20.42 ? 26  ASN A OD1 1 
ATOM   165  N  ND2 A ASN A 1 26  ? -2.356  -5.314  17.101  0.35 25.52 ? 26  ASN A ND2 1 
ATOM   166  N  ND2 B ASN A 1 26  ? 0.403   -5.213  19.625  0.44 20.30 ? 26  ASN A ND2 1 
ATOM   167  N  N   . ASP A 1 27  ? 0.199   -7.230  14.553  1.00 18.45 ? 27  ASP A N   1 
ATOM   168  C  CA  . ASP A 1 27  ? -0.354  -7.529  13.204  1.00 16.96 ? 27  ASP A CA  1 
ATOM   169  C  C   . ASP A 1 27  ? -0.241  -9.046  12.917  1.00 14.83 ? 27  ASP A C   1 
ATOM   170  O  O   . ASP A 1 27  ? -1.213  -9.689  12.452  1.00 17.73 ? 27  ASP A O   1 
ATOM   171  C  CB  . ASP A 1 27  ? 0.349   -6.729  12.117  1.00 16.81 ? 27  ASP A CB  1 
ATOM   172  C  CG  . ASP A 1 27  ? 0.010   -5.252  12.112  1.00 17.55 ? 27  ASP A CG  1 
ATOM   173  O  OD1 . ASP A 1 27  ? -1.190  -4.982  12.301  1.00 18.77 ? 27  ASP A OD1 1 
ATOM   174  O  OD2 . ASP A 1 27  ? 0.927   -4.431  11.932  1.00 18.28 ? 27  ASP A OD2 1 
ATOM   175  N  N   . TRP A 1 28  ? 0.955   -9.614  13.137  1.00 17.95 ? 28  TRP A N   1 
ATOM   176  C  CA  . TRP A 1 28  ? 1.207   -11.049 12.871  1.00 18.55 ? 28  TRP A CA  1 
ATOM   177  C  C   . TRP A 1 28  ? 0.428   -11.943 13.846  1.00 18.96 ? 28  TRP A C   1 
ATOM   178  O  O   . TRP A 1 28  ? -0.046  -12.987 13.421  1.00 20.53 ? 28  TRP A O   1 
ATOM   179  C  CB  . TRP A 1 28  ? 2.708   -11.297 12.950  1.00 18.42 ? 28  TRP A CB  1 
ATOM   180  C  CG  . TRP A 1 28  ? 3.447   -11.007 11.682  1.00 18.26 ? 28  TRP A CG  1 
ATOM   181  C  CD1 . TRP A 1 28  ? 4.249   -9.953  11.441  1.00 20.65 ? 28  TRP A CD1 1 
ATOM   182  C  CD2 . TRP A 1 28  ? 3.448   -11.793 10.478  1.00 16.35 ? 28  TRP A CD2 1 
ATOM   183  N  NE1 . TRP A 1 28  ? 4.768   -10.013 10.170  1.00 18.88 ? 28  TRP A NE1 1 
ATOM   184  C  CE2 . TRP A 1 28  ? 4.292   -11.121 9.560   1.00 17.55 ? 28  TRP A CE2 1 
ATOM   185  C  CE3 . TRP A 1 28  ? 2.856   -12.990 10.114  1.00 18.06 ? 28  TRP A CE3 1 
ATOM   186  C  CZ2 . TRP A 1 28  ? 4.516   -11.602 8.270   1.00 17.87 ? 28  TRP A CZ2 1 
ATOM   187  C  CZ3 . TRP A 1 28  ? 3.056   -13.461 8.828   1.00 19.21 ? 28  TRP A CZ3 1 
ATOM   188  C  CH2 . TRP A 1 28  ? 3.881   -12.770 7.940   1.00 18.38 ? 28  TRP A CH2 1 
ATOM   189  N  N   . ALA A 1 29  ? 0.208   -11.482 15.064  1.00 19.83 ? 29  ALA A N   1 
ATOM   190  C  CA  . ALA A 1 29  ? -0.575  -12.245 16.067  1.00 23.04 ? 29  ALA A CA  1 
ATOM   191  C  C   . ALA A 1 29  ? -2.057  -12.248 15.681  1.00 24.92 ? 29  ALA A C   1 
ATOM   192  O  O   . ALA A 1 29  ? -2.799  -13.161 16.143  1.00 24.69 ? 29  ALA A O   1 
ATOM   193  C  CB  . ALA A 1 29  ? -0.349  -11.628 17.428  1.00 23.08 ? 29  ALA A CB  1 
ATOM   194  N  N   . ASN A 1 30  ? -2.499  -11.262 14.882  1.00 21.58 ? 30  ASN A N   1 
ATOM   195  C  CA  . ASN A 1 30  ? -3.924  -11.118 14.466  1.00 21.31 ? 30  ASN A CA  1 
ATOM   196  C  C   . ASN A 1 30  ? -3.987  -11.198 12.938  1.00 20.33 ? 30  ASN A C   1 
ATOM   197  O  O   . ASN A 1 30  ? -4.814  -10.508 12.354  1.00 19.76 ? 30  ASN A O   1 
ATOM   198  C  CB  . ASN A 1 30  ? -4.495  -9.801  14.982  1.00 19.19 ? 30  ASN A CB  1 
ATOM   199  C  CG  . ASN A 1 30  ? -4.611  -9.808  16.499  1.00 23.83 ? 30  ASN A CG  1 
ATOM   200  O  OD1 . ASN A 1 30  ? -5.531  -10.430 17.007  1.00 25.01 ? 30  ASN A OD1 1 
ATOM   201  N  ND2 . ASN A 1 30  ? -3.694  -9.159  17.196  1.00 23.58 ? 30  ASN A ND2 1 
ATOM   202  N  N   . LEU A 1 31  ? -3.129  -12.020 12.338  1.00 20.23 ? 31  LEU A N   1 
ATOM   203  C  CA  . LEU A 1 31  ? -3.004  -12.114 10.864  1.00 20.71 ? 31  LEU A CA  1 
ATOM   204  C  C   . LEU A 1 31  ? -4.298  -12.609 10.254  1.00 23.66 ? 31  LEU A C   1 
ATOM   205  O  O   . LEU A 1 31  ? -4.811  -13.632 10.710  1.00 24.80 ? 31  LEU A O   1 
ATOM   206  C  CB  . LEU A 1 31  ? -1.884  -13.088 10.504  1.00 20.46 ? 31  LEU A CB  1 
ATOM   207  C  CG  . LEU A 1 31  ? -1.646  -13.351 9.023   1.00 20.39 ? 31  LEU A CG  1 
ATOM   208  C  CD1 . LEU A 1 31  ? -1.170  -12.068 8.325   1.00 21.06 ? 31  LEU A CD1 1 
ATOM   209  C  CD2 . LEU A 1 31  ? -0.636  -14.475 8.839   1.00 20.26 ? 31  LEU A CD2 1 
ATOM   210  N  N   . VAL A 1 32  ? -4.792  -11.910 9.230   1.00 20.95 ? 32  VAL A N   1 
ATOM   211  C  CA  . VAL A 1 32  ? -5.891  -12.369 8.353   1.00 21.07 ? 32  VAL A CA  1 
ATOM   212  C  C   . VAL A 1 32  ? -5.306  -12.885 7.038   1.00 22.98 ? 32  VAL A C   1 
ATOM   213  O  O   . VAL A 1 32  ? -5.701  -13.953 6.525   1.00 23.12 ? 32  VAL A O   1 
ATOM   214  C  CB  . VAL A 1 32  ? -6.880  -11.213 8.152   1.00 20.81 ? 32  VAL A CB  1 
ATOM   215  C  CG1 . VAL A 1 32  ? -7.951  -11.581 7.159   1.00 21.47 ? 32  VAL A CG1 1 
ATOM   216  C  CG2 . VAL A 1 32  ? -7.453  -10.754 9.478   1.00 22.45 ? 32  VAL A CG2 1 
ATOM   217  N  N   . TRP A 1 33  ? -4.406  -12.113 6.456   1.00 21.09 ? 33  TRP A N   1 
ATOM   218  C  CA  . TRP A 1 33  ? -3.919  -12.393 5.087   1.00 19.67 ? 33  TRP A CA  1 
ATOM   219  C  C   . TRP A 1 33  ? -2.609  -11.649 4.898   1.00 17.51 ? 33  TRP A C   1 
ATOM   220  O  O   . TRP A 1 33  ? -2.499  -10.524 5.362   1.00 18.18 ? 33  TRP A O   1 
ATOM   221  C  CB  . TRP A 1 33  ? -4.947  -12.042 4.027   1.00 18.95 ? 33  TRP A CB  1 
ATOM   222  C  CG  . TRP A 1 33  ? -4.437  -12.117 2.618   1.00 19.09 ? 33  TRP A CG  1 
ATOM   223  C  CD1 . TRP A 1 33  ? -4.341  -13.218 1.812   1.00 21.01 ? 33  TRP A CD1 1 
ATOM   224  C  CD2 . TRP A 1 33  ? -3.911  -11.027 1.844   1.00 18.81 ? 33  TRP A CD2 1 
ATOM   225  N  NE1 . TRP A 1 33  ? -3.859  -12.871 0.567   1.00 22.48 ? 33  TRP A NE1 1 
ATOM   226  C  CE2 . TRP A 1 33  ? -3.570  -11.526 0.566   1.00 19.61 ? 33  TRP A CE2 1 
ATOM   227  C  CE3 . TRP A 1 33  ? -3.737  -9.668  2.097   1.00 19.34 ? 33  TRP A CE3 1 
ATOM   228  C  CZ2 . TRP A 1 33  ? -3.105  -10.704 -0.463  1.00 20.25 ? 33  TRP A CZ2 1 
ATOM   229  C  CZ3 . TRP A 1 33  ? -3.254  -8.867  1.094   1.00 19.58 ? 33  TRP A CZ3 1 
ATOM   230  C  CH2 . TRP A 1 33  ? -2.952  -9.377  -0.166  1.00 19.42 ? 33  TRP A CH2 1 
ATOM   231  N  N   . GLU A 1 34  ? -1.648  -12.296 4.263   1.00 17.52 ? 34  GLU A N   1 
ATOM   232  C  CA  . GLU A 1 34  ? -0.388  -11.640 3.882   1.00 18.52 ? 34  GLU A CA  1 
ATOM   233  C  C   . GLU A 1 34  ? 0.098   -12.190 2.547   1.00 18.01 ? 34  GLU A C   1 
ATOM   234  O  O   . GLU A 1 34  ? -0.096  -13.357 2.231   1.00 17.80 ? 34  GLU A O   1 
ATOM   235  C  CB  . GLU A 1 34  ? 0.690   -11.688 4.957   1.00 17.93 ? 34  GLU A CB  1 
ATOM   236  C  CG  . GLU A 1 34  ? 1.082   -13.096 5.390   1.00 18.05 ? 34  GLU A CG  1 
ATOM   237  C  CD  . GLU A 1 34  ? 2.045   -13.875 4.525   1.00 17.92 ? 34  GLU A CD  1 
ATOM   238  O  OE1 . GLU A 1 34  ? 1.968   -15.140 4.543   1.00 21.15 ? 34  GLU A OE1 1 
ATOM   239  O  OE2 . GLU A 1 34  ? 2.883   -13.259 3.904   1.00 19.50 ? 34  GLU A OE2 1 
ATOM   240  N  N   . ASP A 1 35  ? 0.719   -11.320 1.766   1.00 17.06 ? 35  ASP A N   1 
ATOM   241  C  CA  . ASP A 1 35  ? 1.321   -11.688 0.473   1.00 17.48 ? 35  ASP A CA  1 
ATOM   242  C  C   . ASP A 1 35  ? 2.662   -11.011 0.355   1.00 17.78 ? 35  ASP A C   1 
ATOM   243  O  O   . ASP A 1 35  ? 2.712   -9.819  0.181   1.00 15.25 ? 35  ASP A O   1 
ATOM   244  C  CB  . ASP A 1 35  ? 0.345   -11.404 -0.646  1.00 17.72 ? 35  ASP A CB  1 
ATOM   245  C  CG  . ASP A 1 35  ? 0.816   -11.912 -1.986  1.00 19.07 ? 35  ASP A CG  1 
ATOM   246  O  OD1 . ASP A 1 35  ? 2.022   -11.962 -2.205  1.00 24.03 ? 35  ASP A OD1 1 
ATOM   247  O  OD2 . ASP A 1 35  ? -0.059  -12.235 -2.815  1.00 22.57 ? 35  ASP A OD2 1 
ATOM   248  N  N   A SER A 1 36  ? 3.745   -11.778 0.484   0.31 17.31 ? 36  SER A N   1 
ATOM   249  N  N   B SER A 1 36  ? 3.743   -11.794 0.443   0.35 17.37 ? 36  SER A N   1 
ATOM   250  C  CA  A SER A 1 36  ? 5.135   -11.274 0.383   0.31 18.90 ? 36  SER A CA  1 
ATOM   251  C  CA  B SER A 1 36  ? 5.151   -11.330 0.382   0.35 19.25 ? 36  SER A CA  1 
ATOM   252  C  C   A SER A 1 36  ? 5.323   -10.621 -0.990  0.31 18.53 ? 36  SER A C   1 
ATOM   253  C  C   B SER A 1 36  ? 5.438   -10.729 -1.003  0.35 18.96 ? 36  SER A C   1 
ATOM   254  O  O   A SER A 1 36  ? 5.869   -9.515  -1.040  0.31 18.44 ? 36  SER A O   1 
ATOM   255  O  O   B SER A 1 36  ? 6.226   -9.795  -1.086  0.35 19.69 ? 36  SER A O   1 
ATOM   256  C  CB  A SER A 1 36  ? 6.132   -12.376 0.611   0.31 19.99 ? 36  SER A CB  1 
ATOM   257  C  CB  B SER A 1 36  ? 6.117   -12.454 0.724   0.35 20.35 ? 36  SER A CB  1 
ATOM   258  O  OG  A SER A 1 36  ? 7.451   -11.860 0.629   0.31 21.22 ? 36  SER A OG  1 
ATOM   259  O  OG  B SER A 1 36  ? 5.832   -13.654 0.004   0.35 21.33 ? 36  SER A OG  1 
ATOM   260  N  N   . SER A 1 37  ? 4.792   -11.245 -2.045  1.00 18.39 ? 37  SER A N   1 
ATOM   261  C  CA  . SER A 1 37  ? 4.976   -10.742 -3.431  1.00 18.86 ? 37  SER A CA  1 
ATOM   262  C  C   . SER A 1 37  ? 4.342   -9.355  -3.577  1.00 17.40 ? 37  SER A C   1 
ATOM   263  O  O   . SER A 1 37  ? 4.743   -8.644  -4.468  1.00 18.89 ? 37  SER A O   1 
ATOM   264  C  CB  . SER A 1 37  ? 4.441   -11.717 -4.438  1.00 21.51 ? 37  SER A CB  1 
ATOM   265  O  OG  . SER A 1 37  ? 3.051   -11.600 -4.580  1.00 27.48 ? 37  SER A OG  1 
ATOM   266  N  N   . ARG A 1 38  ? 3.389   -8.996  -2.723  1.00 16.41 ? 38  ARG A N   1 
ATOM   267  C  CA  . ARG A 1 38  ? 2.644   -7.711  -2.789  1.00 15.60 ? 38  ARG A CA  1 
ATOM   268  C  C   . ARG A 1 38  ? 3.102   -6.717  -1.719  1.00 14.96 ? 38  ARG A C   1 
ATOM   269  O  O   . ARG A 1 38  ? 2.634   -5.577  -1.781  1.00 14.99 ? 38  ARG A O   1 
ATOM   270  C  CB  . ARG A 1 38  ? 1.151   -7.959  -2.599  1.00 16.82 ? 38  ARG A CB  1 
ATOM   271  C  CG  . ARG A 1 38  ? 0.521   -8.741  -3.725  1.00 17.32 ? 38  ARG A CG  1 
ATOM   272  C  CD  . ARG A 1 38  ? -0.938  -8.911  -3.484  1.00 16.92 ? 38  ARG A CD  1 
ATOM   273  N  NE  . ARG A 1 38  ? -1.706  -7.680  -3.625  1.00 16.39 ? 38  ARG A NE  1 
ATOM   274  C  CZ  . ARG A 1 38  ? -2.953  -7.601  -4.075  1.00 15.57 ? 38  ARG A CZ  1 
ATOM   275  N  NH1 . ARG A 1 38  ? -3.624  -8.659  -4.482  1.00 17.57 ? 38  ARG A NH1 1 
ATOM   276  N  NH2 . ARG A 1 38  ? -3.545  -6.429  -4.176  1.00 17.38 ? 38  ARG A NH2 1 
ATOM   277  N  N   . ASP A 1 39  ? 3.922   -7.134  -0.753  1.00 15.27 ? 39  ASP A N   1 
ATOM   278  C  CA  . ASP A 1 39  ? 4.292   -6.274  0.397   1.00 13.70 ? 39  ASP A CA  1 
ATOM   279  C  C   . ASP A 1 39  ? 3.045   -5.854  1.168   1.00 12.97 ? 39  ASP A C   1 
ATOM   280  O  O   . ASP A 1 39  ? 3.035   -4.729  1.680   1.00 13.55 ? 39  ASP A O   1 
ATOM   281  C  CB  . ASP A 1 39  ? 5.092   -5.030  -0.031  1.00 13.71 ? 39  ASP A CB  1 
ATOM   282  C  CG  . ASP A 1 39  ? 5.608   -4.239  1.155   1.00 14.97 ? 39  ASP A CG  1 
ATOM   283  O  OD1 . ASP A 1 39  ? 5.998   -4.863  2.188   1.00 14.97 ? 39  ASP A OD1 1 
ATOM   284  O  OD2 . ASP A 1 39  ? 5.610   -2.960  1.092   1.00 15.39 ? 39  ASP A OD2 1 
ATOM   285  N  N   . LEU A 1 40  ? 2.019   -6.700  1.233   1.00 13.25 ? 40  LEU A N   1 
ATOM   286  C  CA  . LEU A 1 40  ? 0.812   -6.389  2.038   1.00 13.49 ? 40  LEU A CA  1 
ATOM   287  C  C   . LEU A 1 40  ? 0.630   -7.392  3.172   1.00 14.22 ? 40  LEU A C   1 
ATOM   288  O  O   . LEU A 1 40  ? 0.855   -8.581  2.978   1.00 14.10 ? 40  LEU A O   1 
ATOM   289  C  CB  . LEU A 1 40  ? -0.447  -6.396  1.183   1.00 14.14 ? 40  LEU A CB  1 
ATOM   290  C  CG  . LEU A 1 40  ? -0.581  -5.232  0.219   1.00 15.03 ? 40  LEU A CG  1 
ATOM   291  C  CD1 . LEU A 1 40  ? -1.918  -5.385  -0.493  1.00 16.78 ? 40  LEU A CD1 1 
ATOM   292  C  CD2 . LEU A 1 40  ? -0.490  -3.901  0.919   1.00 16.08 ? 40  LEU A CD2 1 
ATOM   293  N  N   . LEU A 1 41  ? 0.107   -6.897  4.251   1.00 13.52 ? 41  LEU A N   1 
ATOM   294  C  CA  . LEU A 1 41  ? -0.397  -7.730  5.380   1.00 14.27 ? 41  LEU A CA  1 
ATOM   295  C  C   . LEU A 1 41  ? -1.678  -7.095  5.884   1.00 14.59 ? 41  LEU A C   1 
ATOM   296  O  O   . LEU A 1 41  ? -1.744  -5.849  6.003   1.00 14.37 ? 41  LEU A O   1 
ATOM   297  C  CB  . LEU A 1 41  ? 0.672   -7.802  6.463   1.00 14.70 ? 41  LEU A CB  1 
ATOM   298  C  CG  . LEU A 1 41  ? 0.292   -8.719  7.633   1.00 15.63 ? 41  LEU A CG  1 
ATOM   299  C  CD1 . LEU A 1 41  ? 1.526   -9.449  8.185   1.00 15.57 ? 41  LEU A CD1 1 
ATOM   300  C  CD2 . LEU A 1 41  ? -0.392  -7.970  8.756   1.00 15.70 ? 41  LEU A CD2 1 
ATOM   301  N  N   . VAL A 1 42  ? -2.679  -7.903  6.152   1.00 15.44 ? 42  VAL A N   1 
ATOM   302  C  CA  . VAL A 1 42  ? -3.922  -7.433  6.779   1.00 14.47 ? 42  VAL A CA  1 
ATOM   303  C  C   . VAL A 1 42  ? -4.056  -8.165  8.125   1.00 14.93 ? 42  VAL A C   1 
ATOM   304  O  O   . VAL A 1 42  ? -3.923  -9.424  8.155   1.00 15.98 ? 42  VAL A O   1 
ATOM   305  C  CB  . VAL A 1 42  ? -5.110  -7.673  5.867   1.00 15.26 ? 42  VAL A CB  1 
ATOM   306  C  CG1 . VAL A 1 42  ? -6.408  -7.291  6.512   1.00 16.14 ? 42  VAL A CG1 1 
ATOM   307  C  CG2 . VAL A 1 42  ? -4.918  -6.978  4.533   1.00 15.26 ? 42  VAL A CG2 1 
ATOM   308  N  N   . SER A 1 43  ? -4.346  -7.394  9.137   1.00 17.27 ? 43  SER A N   1 
ATOM   309  C  CA  . SER A 1 43  ? -4.573  -7.914  10.514  1.00 16.56 ? 43  SER A CA  1 
ATOM   310  C  C   . SER A 1 43  ? -5.991  -7.550  10.921  1.00 18.71 ? 43  SER A C   1 
ATOM   311  O  O   . SER A 1 43  ? -6.622  -6.659  10.310  1.00 19.61 ? 43  SER A O   1 
ATOM   312  C  CB  . SER A 1 43  ? -3.562  -7.407  11.472  1.00 16.04 ? 43  SER A CB  1 
ATOM   313  O  OG  . SER A 1 43  ? -3.569  -5.993  11.572  1.00 16.97 ? 43  SER A OG  1 
ATOM   314  N  N   . SER A 1 44  ? -6.502  -8.220  11.957  1.00 20.40 ? 44  SER A N   1 
ATOM   315  C  CA  . SER A 1 44  ? -7.864  -7.926  12.451  1.00 22.40 ? 44  SER A CA  1 
ATOM   316  C  C   . SER A 1 44  ? -7.798  -6.873  13.553  1.00 22.79 ? 44  SER A C   1 
ATOM   317  O  O   . SER A 1 44  ? -6.792  -6.776  14.275  1.00 23.23 ? 44  SER A O   1 
ATOM   318  C  CB  . SER A 1 44  ? -8.535  -9.198  12.892  1.00 24.92 ? 44  SER A CB  1 
ATOM   319  O  OG  . SER A 1 44  ? -7.777  -9.770  13.920  1.00 26.97 ? 44  SER A OG  1 
ATOM   320  N  N   . THR A 1 45  ? -8.862  -6.098  13.673  1.00 24.07 ? 45  THR A N   1 
ATOM   321  C  CA  . THR A 1 45  ? -8.968  -4.988  14.631  1.00 26.40 ? 45  THR A CA  1 
ATOM   322  C  C   . THR A 1 45  ? -10.236 -5.258  15.448  1.00 30.69 ? 45  THR A C   1 
ATOM   323  O  O   . THR A 1 45  ? -11.126 -6.029  14.964  1.00 32.91 ? 45  THR A O   1 
ATOM   324  C  CB  . THR A 1 45  ? -9.050  -3.608  13.958  1.00 28.47 ? 45  THR A CB  1 
ATOM   325  O  OG1 . THR A 1 45  ? -10.296 -3.569  13.273  1.00 27.49 ? 45  THR A OG1 1 
ATOM   326  C  CG2 . THR A 1 45  ? -7.922  -3.324  12.988  1.00 27.70 ? 45  THR A CG2 1 
ATOM   327  N  N   . THR A 1 46  ? -10.269 -4.689  16.645  1.00 32.19 ? 46  THR A N   1 
ATOM   328  C  CA  . THR A 1 46  ? -11.447 -4.745  17.542  1.00 37.49 ? 46  THR A CA  1 
ATOM   329  C  C   . THR A 1 46  ? -12.360 -3.569  17.171  1.00 36.53 ? 46  THR A C   1 
ATOM   330  O  O   . THR A 1 46  ? -13.554 -3.813  17.070  1.00 42.99 ? 46  THR A O   1 
ATOM   331  C  CB  . THR A 1 46  ? -10.985 -4.844  19.002  1.00 33.49 ? 46  THR A CB  1 
ATOM   332  O  OG1 . THR A 1 46  ? -9.946  -3.903  19.262  1.00 37.11 ? 46  THR A OG1 1 
ATOM   333  C  CG2 . THR A 1 46  ? -10.444 -6.219  19.326  1.00 40.75 ? 46  THR A CG2 1 
ATOM   334  N  N   . ALA A 1 47  ? -11.804 -2.367  16.938  1.00 37.69 ? 47  ALA A N   1 
ATOM   335  C  CA  . ALA A 1 47  ? -12.551 -1.146  16.534  1.00 37.61 ? 47  ALA A CA  1 
ATOM   336  C  C   . ALA A 1 47  ? -12.918 -1.237  15.047  1.00 39.86 ? 47  ALA A C   1 
ATOM   337  O  O   . ALA A 1 47  ? -12.160 -1.881  14.299  1.00 38.51 ? 47  ALA A O   1 
ATOM   338  C  CB  . ALA A 1 47  ? -11.737 0.095   16.834  1.00 37.86 ? 47  ALA A CB  1 
ATOM   339  N  N   . GLN A 1 48  ? -14.051 -0.647  14.644  1.00 38.72 ? 48  GLN A N   1 
ATOM   340  C  CA  . GLN A 1 48  ? -14.526 -0.579  13.231  1.00 39.76 ? 48  GLN A CA  1 
ATOM   341  C  C   . GLN A 1 48  ? -13.777 0.542   12.503  1.00 36.00 ? 48  GLN A C   1 
ATOM   342  O  O   . GLN A 1 48  ? -13.756 1.647   13.020  1.00 37.60 ? 48  GLN A O   1 
ATOM   343  C  CB  . GLN A 1 48  ? -16.040 -0.360  13.169  1.00 45.25 ? 48  GLN A CB  1 
ATOM   344  C  CG  . GLN A 1 48  ? -16.836 -1.655  13.099  1.00 51.19 ? 48  GLN A CG  1 
ATOM   345  C  CD  . GLN A 1 48  ? -17.025 -2.150  11.684  1.00 57.92 ? 48  GLN A CD  1 
ATOM   346  O  OE1 . GLN A 1 48  ? -17.454 -1.414  10.793  1.00 63.05 ? 48  GLN A OE1 1 
ATOM   347  N  NE2 . GLN A 1 48  ? -16.728 -3.422  11.474  1.00 59.32 ? 48  GLN A NE2 1 
ATOM   348  N  N   . GLY A 1 49  ? -13.147 0.233   11.362  1.00 36.45 ? 49  GLY A N   1 
ATOM   349  C  CA  . GLY A 1 49  ? -12.484 1.225   10.489  1.00 33.07 ? 49  GLY A CA  1 
ATOM   350  C  C   . GLY A 1 49  ? -13.481 1.922   9.572   1.00 28.56 ? 49  GLY A C   1 
ATOM   351  O  O   . GLY A 1 49  ? -14.431 1.293   9.185   1.00 32.27 ? 49  GLY A O   1 
ATOM   352  N  N   . CYS A 1 50  ? -13.220 3.176   9.235   1.00 28.90 ? 50  CYS A N   1 
ATOM   353  C  CA  . CYS A 1 50  ? -14.165 4.045   8.490   1.00 38.90 ? 50  CYS A CA  1 
ATOM   354  C  C   . CYS A 1 50  ? -13.648 4.318   7.076   1.00 30.67 ? 50  CYS A C   1 
ATOM   355  O  O   . CYS A 1 50  ? -14.312 5.113   6.398   1.00 29.79 ? 50  CYS A O   1 
ATOM   356  C  CB  . CYS A 1 50  ? -14.312 5.408   9.164   1.00 46.19 ? 50  CYS A CB  1 
ATOM   357  S  SG  . CYS A 1 50  ? -15.150 5.358   10.762  1.00 57.80 ? 50  CYS A SG  1 
ATOM   358  N  N   . ASP A 1 51  ? -12.467 3.794   6.693   1.00 25.41 ? 51  ASP A N   1 
ATOM   359  C  CA  . ASP A 1 51  ? -11.861 4.119   5.373   1.00 22.79 ? 51  ASP A CA  1 
ATOM   360  C  C   . ASP A 1 51  ? -12.741 3.455   4.302   1.00 22.45 ? 51  ASP A C   1 
ATOM   361  O  O   . ASP A 1 51  ? -13.312 2.334   4.525   1.00 25.76 ? 51  ASP A O   1 
ATOM   362  C  CB  . ASP A 1 51  ? -10.357 3.765   5.252   1.00 26.18 ? 51  ASP A CB  1 
ATOM   363  C  CG  . ASP A 1 51  ? -9.394  4.568   6.138   1.00 31.80 ? 51  ASP A CG  1 
ATOM   364  O  OD1 . ASP A 1 51  ? -9.764  5.697   6.481   1.00 39.85 ? 51  ASP A OD1 1 
ATOM   365  O  OD2 . ASP A 1 51  ? -8.214  4.118   6.450   1.00 26.18 ? 51  ASP A OD2 1 
ATOM   366  N  N   . THR A 1 52  ? -12.835 4.115   3.153   1.00 20.21 ? 52  THR A N   1 
ATOM   367  C  CA  . THR A 1 52  ? -13.516 3.588   1.951   1.00 20.51 ? 52  THR A CA  1 
ATOM   368  C  C   . THR A 1 52  ? -12.466 3.138   0.931   1.00 19.22 ? 52  THR A C   1 
ATOM   369  O  O   . THR A 1 52  ? -11.631 3.962   0.579   1.00 18.37 ? 52  THR A O   1 
ATOM   370  C  CB  . THR A 1 52  ? -14.419 4.661   1.345   1.00 23.47 ? 52  THR A CB  1 
ATOM   371  O  OG1 . THR A 1 52  ? -15.435 4.882   2.323   1.00 25.86 ? 52  THR A OG1 1 
ATOM   372  C  CG2 . THR A 1 52  ? -15.025 4.226   0.028   1.00 23.97 ? 52  THR A CG2 1 
ATOM   373  N  N   . ILE A 1 53  ? -12.529 1.882   0.513   1.00 18.12 ? 53  ILE A N   1 
ATOM   374  C  CA  . ILE A 1 53  ? -11.627 1.349   -0.541  1.00 16.63 ? 53  ILE A CA  1 
ATOM   375  C  C   . ILE A 1 53  ? -12.238 1.683   -1.900  1.00 17.73 ? 53  ILE A C   1 
ATOM   376  O  O   . ILE A 1 53  ? -13.461 1.410   -2.125  1.00 15.91 ? 53  ILE A O   1 
ATOM   377  C  CB  . ILE A 1 53  ? -11.387 -0.165  -0.374  1.00 17.81 ? 53  ILE A CB  1 
ATOM   378  C  CG1 . ILE A 1 53  ? -10.994 -0.545  1.061   1.00 20.06 ? 53  ILE A CG1 1 
ATOM   379  C  CG2 . ILE A 1 53  ? -10.361 -0.665  -1.372  1.00 17.54 ? 53  ILE A CG2 1 
ATOM   380  C  CD1 . ILE A 1 53  ? -9.695  0.085   1.502   1.00 19.76 ? 53  ILE A CD1 1 
ATOM   381  N  N   . ALA A 1 54  ? -11.443 2.235   -2.799  1.00 15.48 ? 54  ALA A N   1 
ATOM   382  C  CA  . ALA A 1 54  ? -11.855 2.491   -4.185  1.00 16.08 ? 54  ALA A CA  1 
ATOM   383  C  C   . ALA A 1 54  ? -12.072 1.164   -4.896  1.00 15.48 ? 54  ALA A C   1 
ATOM   384  O  O   . ALA A 1 54  ? -11.301 0.213   -4.737  1.00 13.85 ? 54  ALA A O   1 
ATOM   385  C  CB  . ALA A 1 54  ? -10.746 3.293   -4.845  1.00 15.41 ? 54  ALA A CB  1 
ATOM   386  N  N   . ARG A 1 55  ? -13.128 1.139   -5.709  1.00 16.64 ? 55  ARG A N   1 
ATOM   387  C  CA  . ARG A 1 55  ? -13.399 -0.033  -6.570  1.00 16.43 ? 55  ARG A CA  1 
ATOM   388  C  C   . ARG A 1 55  ? -13.516 0.536   -7.969  1.00 15.78 ? 55  ARG A C   1 
ATOM   389  O  O   . ARG A 1 55  ? -14.605 1.018   -8.342  1.00 17.48 ? 55  ARG A O   1 
ATOM   390  C  CB  . ARG A 1 55  ? -14.650 -0.761  -6.092  1.00 19.38 ? 55  ARG A CB  1 
ATOM   391  C  CG  . ARG A 1 55  ? -14.612 -1.156  -4.621  1.00 18.53 ? 55  ARG A CG  1 
ATOM   392  C  CD  . ARG A 1 55  ? -13.552 -2.223  -4.345  1.00 20.18 ? 55  ARG A CD  1 
ATOM   393  N  NE  . ARG A 1 55  ? -13.604 -2.614  -2.937  1.00 19.90 ? 55  ARG A NE  1 
ATOM   394  C  CZ  . ARG A 1 55  ? -12.642 -3.318  -2.315  1.00 20.65 ? 55  ARG A CZ  1 
ATOM   395  N  NH1 . ARG A 1 55  ? -11.568 -3.722  -2.961  1.00 19.82 ? 55  ARG A NH1 1 
ATOM   396  N  NH2 . ARG A 1 55  ? -12.739 -3.573  -1.018  1.00 22.05 ? 55  ARG A NH2 1 
ATOM   397  N  N   . CYS A 1 56  ? -12.442 0.519   -8.710  1.00 15.47 ? 56  CYS A N   1 
ATOM   398  C  CA  . CYS A 1 56  ? -12.318 1.367   -9.930  1.00 15.93 ? 56  CYS A CA  1 
ATOM   399  C  C   . CYS A 1 56  ? -11.038 1.036   -10.649 1.00 15.50 ? 56  CYS A C   1 
ATOM   400  O  O   . CYS A 1 56  ? -10.206 0.300   -10.099 1.00 16.41 ? 56  CYS A O   1 
ATOM   401  C  CB  . CYS A 1 56  ? -12.297 2.849   -9.561  1.00 14.87 ? 56  CYS A CB  1 
ATOM   402  S  SG  . CYS A 1 56  ? -10.748 3.369   -8.723  1.00 16.43 ? 56  CYS A SG  1 
ATOM   403  N  N   . ASP A 1 57  ? -10.823 1.634   -11.853 1.00 17.28 ? 57  ASP A N   1 
ATOM   404  C  CA  . ASP A 1 57  ? -9.524  1.539   -12.543 1.00 19.09 ? 57  ASP A CA  1 
ATOM   405  C  C   . ASP A 1 57  ? -8.954  2.937   -12.769 1.00 17.73 ? 57  ASP A C   1 
ATOM   406  O  O   . ASP A 1 57  ? -8.219  3.093   -13.732 1.00 18.65 ? 57  ASP A O   1 
ATOM   407  C  CB  . ASP A 1 57  ? -9.570  0.706   -13.817 1.00 23.51 ? 57  ASP A CB  1 
ATOM   408  C  CG  . ASP A 1 57  ? -10.391 1.333   -14.873 1.00 26.57 ? 57  ASP A CG  1 
ATOM   409  O  OD1 . ASP A 1 57  ? -11.048 2.341   -14.561 1.00 28.15 ? 57  ASP A OD1 1 
ATOM   410  O  OD2 . ASP A 1 57  ? -10.354 0.776   -16.018 1.00 36.10 ? 57  ASP A OD2 1 
ATOM   411  N  N   . CYS A 1 58  ? -9.170  3.853   -11.826 1.00 16.59 ? 58  CYS A N   1 
ATOM   412  C  CA  . CYS A 1 58  ? -8.474  5.154   -11.886 1.00 16.22 ? 58  CYS A CA  1 
ATOM   413  C  C   . CYS A 1 58  ? -6.973  4.968   -12.010 1.00 16.24 ? 58  CYS A C   1 
ATOM   414  O  O   . CYS A 1 58  ? -6.406  4.013   -11.474 1.00 15.92 ? 58  CYS A O   1 
ATOM   415  C  CB  . CYS A 1 58  ? -8.699  6.008   -10.663 1.00 15.77 ? 58  CYS A CB  1 
ATOM   416  S  SG  . CYS A 1 58  ? -10.375 6.638   -10.527 1.00 16.88 ? 58  CYS A SG  1 
ATOM   417  N  N   . GLN A 1 59  ? -6.347  5.883   -12.745 0.50 15.59 ? 59  GLN A N   1 
ATOM   418  C  CA  . GLN A 1 59  ? -4.877  5.970   -12.879 0.50 15.31 ? 59  GLN A CA  1 
ATOM   419  C  C   . GLN A 1 59  ? -4.432  7.376   -12.504 0.50 14.78 ? 59  GLN A C   1 
ATOM   420  O  O   . GLN A 1 59  ? -3.309  7.724   -12.840 0.50 15.37 ? 59  GLN A O   1 
ATOM   421  C  CB  . GLN A 1 59  ? -4.433  5.633   -14.297 0.50 16.50 ? 59  GLN A CB  1 
ATOM   422  C  CG  . GLN A 1 59  ? -4.460  4.143   -14.574 0.50 17.70 ? 59  GLN A CG  1 
ATOM   423  C  CD  . GLN A 1 59  ? -3.767  3.802   -15.869 0.50 18.71 ? 59  GLN A CD  1 
ATOM   424  O  OE1 . GLN A 1 59  ? -4.400  3.352   -16.813 0.50 19.59 ? 59  GLN A OE1 1 
ATOM   425  N  NE2 . GLN A 1 59  ? -2.462  4.035   -15.925 0.50 19.60 ? 59  GLN A NE2 1 
ATOM   426  N  N   . THR A 1 60  ? -5.286  8.130   -11.821 1.00 14.16 ? 60  THR A N   1 
ATOM   427  C  CA  . THR A 1 60  ? -4.899  9.423   -11.236 1.00 14.13 ? 60  THR A CA  1 
ATOM   428  C  C   . THR A 1 60  ? -5.411  9.457   -9.800  1.00 12.97 ? 60  THR A C   1 
ATOM   429  O  O   . THR A 1 60  ? -6.473  8.884   -9.493  1.00 15.75 ? 60  THR A O   1 
ATOM   430  C  CB  . THR A 1 60  ? -5.400  10.621  -12.039 1.00 16.97 ? 60  THR A CB  1 
ATOM   431  O  OG1 . THR A 1 60  ? -6.830  10.596  -12.043 1.00 18.98 ? 60  THR A OG1 1 
ATOM   432  C  CG2 . THR A 1 60  ? -4.858  10.644  -13.448 1.00 15.71 ? 60  THR A CG2 1 
ATOM   433  N  N   . GLY A 1 61  ? -4.650  10.103  -8.931  1.00 13.13 ? 61  GLY A N   1 
ATOM   434  C  CA  . GLY A 1 61  ? -4.976  10.206  -7.522  1.00 13.16 ? 61  GLY A CA  1 
ATOM   435  C  C   . GLY A 1 61  ? -4.001  11.107  -6.819  1.00 12.00 ? 61  GLY A C   1 
ATOM   436  O  O   . GLY A 1 61  ? -3.238  11.766  -7.486  1.00 13.47 ? 61  GLY A O   1 
ATOM   437  N  N   . VAL A 1 62  ? -4.085  11.100  -5.517  1.00 11.80 ? 62  VAL A N   1 
ATOM   438  C  CA  . VAL A 1 62  ? -3.273  11.970  -4.645  1.00 12.92 ? 62  VAL A CA  1 
ATOM   439  C  C   . VAL A 1 62  ? -2.685  11.050  -3.601  1.00 13.15 ? 62  VAL A C   1 
ATOM   440  O  O   . VAL A 1 62  ? -3.410  10.322  -2.968  1.00 12.32 ? 62  VAL A O   1 
ATOM   441  C  CB  . VAL A 1 62  ? -4.127  13.095  -4.033  1.00 13.80 ? 62  VAL A CB  1 
ATOM   442  C  CG1 . VAL A 1 62  ? -3.344  13.889  -3.008  1.00 14.32 ? 62  VAL A CG1 1 
ATOM   443  C  CG2 . VAL A 1 62  ? -4.684  14.004  -5.113  1.00 14.09 ? 62  VAL A CG2 1 
ATOM   444  N  N   . TYR A 1 63  ? -1.383  11.176  -3.323  1.00 12.65 ? 63  TYR A N   1 
ATOM   445  C  CA  . TYR A 1 63  ? -0.755  10.389  -2.234  1.00 11.47 ? 63  TYR A CA  1 
ATOM   446  C  C   . TYR A 1 63  ? -0.111  11.284  -1.214  1.00 11.83 ? 63  TYR A C   1 
ATOM   447  O  O   . TYR A 1 63  ? 0.307   12.391  -1.509  1.00 12.91 ? 63  TYR A O   1 
ATOM   448  C  CB  . TYR A 1 63  ? 0.245   9.339   -2.713  1.00 11.12 ? 63  TYR A CB  1 
ATOM   449  C  CG  . TYR A 1 63  ? 1.632   9.825   -3.073  1.00 11.88 ? 63  TYR A CG  1 
ATOM   450  C  CD1 . TYR A 1 63  ? 1.885   10.515  -4.250  1.00 13.81 ? 63  TYR A CD1 1 
ATOM   451  C  CD2 . TYR A 1 63  ? 2.700   9.619   -2.217  1.00 12.78 ? 63  TYR A CD2 1 
ATOM   452  C  CE1 . TYR A 1 63  ? 3.158   10.937  -4.576  1.00 13.44 ? 63  TYR A CE1 1 
ATOM   453  C  CE2 . TYR A 1 63  ? 3.978   10.024  -2.544  1.00 12.31 ? 63  TYR A CE2 1 
ATOM   454  C  CZ  . TYR A 1 63  ? 4.203   10.742  -3.705  1.00 13.49 ? 63  TYR A CZ  1 
ATOM   455  O  OH  . TYR A 1 63  ? 5.466   11.162  -4.041  1.00 14.24 ? 63  TYR A OH  1 
ATOM   456  N  N   . TYR A 1 64  ? -0.065  10.776  0.011   1.00 12.10 ? 64  TYR A N   1 
ATOM   457  C  CA  . TYR A 1 64  ? 0.603   11.495  1.102   1.00 12.10 ? 64  TYR A CA  1 
ATOM   458  C  C   . TYR A 1 64  ? 2.062   11.063  1.118   1.00 12.39 ? 64  TYR A C   1 
ATOM   459  O  O   . TYR A 1 64  ? 2.359   9.862   1.240   1.00 12.12 ? 64  TYR A O   1 
ATOM   460  C  CB  . TYR A 1 64  ? -0.050  11.242  2.450   1.00 12.91 ? 64  TYR A CB  1 
ATOM   461  C  CG  . TYR A 1 64  ? 0.646   11.994  3.533   1.00 14.07 ? 64  TYR A CG  1 
ATOM   462  C  CD1 . TYR A 1 64  ? 0.627   13.385  3.513   1.00 15.40 ? 64  TYR A CD1 1 
ATOM   463  C  CD2 . TYR A 1 64  ? 1.330   11.339  4.529   1.00 16.08 ? 64  TYR A CD2 1 
ATOM   464  C  CE1 . TYR A 1 64  ? 1.304   14.125  4.476   1.00 17.10 ? 64  TYR A CE1 1 
ATOM   465  C  CE2 . TYR A 1 64  ? 2.026   12.059  5.470   1.00 15.64 ? 64  TYR A CE2 1 
ATOM   466  C  CZ  . TYR A 1 64  ? 2.021   13.440  5.435   1.00 17.53 ? 64  TYR A CZ  1 
ATOM   467  O  OH  . TYR A 1 64  ? 2.676   14.114  6.421   1.00 20.37 ? 64  TYR A OH  1 
ATOM   468  N  N   . CYS A 1 65  ? 2.942   12.029  1.194   1.00 12.79 ? 65  CYS A N   1 
ATOM   469  C  CA  . CYS A 1 65  ? 4.406   11.806  1.226   1.00 13.58 ? 65  CYS A CA  1 
ATOM   470  C  C   . CYS A 1 65  ? 4.941   12.375  2.545   1.00 14.61 ? 65  CYS A C   1 
ATOM   471  O  O   . CYS A 1 65  ? 5.094   13.620  2.669   1.00 14.95 ? 65  CYS A O   1 
ATOM   472  C  CB  . CYS A 1 65  ? 5.056   12.500  0.039   1.00 12.53 ? 65  CYS A CB  1 
ATOM   473  S  SG  . CYS A 1 65  ? 6.875   12.422  0.068   1.00 15.55 ? 65  CYS A SG  1 
ATOM   474  N  N   A SER A 1 66  ? 5.185   11.505  3.524   0.25 15.11 ? 66  SER A N   1 
ATOM   475  N  N   B SER A 1 66  ? 5.165   11.504  3.529   0.25 13.57 ? 66  SER A N   1 
ATOM   476  C  CA  A SER A 1 66  ? 5.581   11.929  4.890   0.25 16.18 ? 66  SER A CA  1 
ATOM   477  C  CA  B SER A 1 66  ? 5.605   11.900  4.891   0.25 13.66 ? 66  SER A CA  1 
ATOM   478  C  C   A SER A 1 66  ? 6.929   12.662  4.851   0.25 15.34 ? 66  SER A C   1 
ATOM   479  C  C   B SER A 1 66  ? 6.911   12.697  4.814   0.25 13.90 ? 66  SER A C   1 
ATOM   480  O  O   A SER A 1 66  ? 7.088   13.613  5.633   0.25 16.57 ? 66  SER A O   1 
ATOM   481  O  O   B SER A 1 66  ? 7.024   13.705  5.537   0.25 15.04 ? 66  SER A O   1 
ATOM   482  C  CB  A SER A 1 66  ? 5.571   10.783  5.864   0.25 17.36 ? 66  SER A CB  1 
ATOM   483  C  CB  B SER A 1 66  ? 5.753   10.711  5.785   0.25 12.98 ? 66  SER A CB  1 
ATOM   484  O  OG  A SER A 1 66  ? 6.660   9.900   5.669   0.25 20.95 ? 66  SER A OG  1 
ATOM   485  O  OG  B SER A 1 66  ? 5.936   11.097  7.148   0.25 12.55 ? 66  SER A OG  1 
ATOM   486  N  N   . SER A 1 67  ? 7.829   12.303  3.935   1.00 14.30 ? 67  SER A N   1 
ATOM   487  C  CA  . SER A 1 67  ? 9.166   12.924  3.845   1.00 14.29 ? 67  SER A CA  1 
ATOM   488  C  C   . SER A 1 67  ? 9.091   14.338  3.252   1.00 15.43 ? 67  SER A C   1 
ATOM   489  O  O   . SER A 1 67  ? 10.152  15.006  3.242   1.00 16.03 ? 67  SER A O   1 
ATOM   490  C  CB  . SER A 1 67  ? 10.131  12.057  3.104   1.00 14.84 ? 67  SER A CB  1 
ATOM   491  O  OG  . SER A 1 67  ? 9.779   11.917  1.736   1.00 14.03 ? 67  SER A OG  1 
ATOM   492  N  N   . ARG A 1 68  ? 7.925   14.798  2.847   1.00 14.70 ? 68  ARG A N   1 
ATOM   493  C  CA  . ARG A 1 68  ? 7.718   16.192  2.389   1.00 14.64 ? 68  ARG A CA  1 
ATOM   494  C  C   . ARG A 1 68  ? 6.587   16.828  3.153   1.00 14.95 ? 68  ARG A C   1 
ATOM   495  O  O   . ARG A 1 68  ? 6.295   18.001  2.895   1.00 18.15 ? 68  ARG A O   1 
ATOM   496  C  CB  . ARG A 1 68  ? 7.436   16.191  0.890   1.00 15.09 ? 68  ARG A CB  1 
ATOM   497  C  CG  . ARG A 1 68  ? 8.603   15.648  0.098   1.00 16.69 ? 68  ARG A CG  1 
ATOM   498  C  CD  . ARG A 1 68  ? 9.621   16.771  0.018   1.00 17.63 ? 68  ARG A CD  1 
ATOM   499  N  NE  . ARG A 1 68  ? 10.717  16.341  -0.842  1.00 19.36 ? 68  ARG A NE  1 
ATOM   500  C  CZ  . ARG A 1 68  ? 11.803  15.698  -0.421  1.00 19.00 ? 68  ARG A CZ  1 
ATOM   501  N  NH1 . ARG A 1 68  ? 11.943  15.362  0.853   1.00 20.32 ? 68  ARG A NH1 1 
ATOM   502  N  NH2 . ARG A 1 68  ? 12.740  15.378  -1.296  1.00 20.11 ? 68  ARG A NH2 1 
ATOM   503  N  N   . ARG A 1 69  ? 5.953   16.113  4.061   1.00 16.85 ? 69  ARG A N   1 
ATOM   504  C  CA  . ARG A 1 69  ? 4.692   16.553  4.702   1.00 17.88 ? 69  ARG A CA  1 
ATOM   505  C  C   . ARG A 1 69  ? 3.770   17.180  3.668   1.00 19.67 ? 69  ARG A C   1 
ATOM   506  O  O   . ARG A 1 69  ? 3.171   18.269  3.916   1.00 20.39 ? 69  ARG A O   1 
ATOM   507  C  CB  . ARG A 1 69  ? 5.011   17.547  5.821   1.00 19.13 ? 69  ARG A CB  1 
ATOM   508  C  CG  . ARG A 1 69  ? 5.722   16.887  6.986   1.00 21.22 ? 69  ARG A CG  1 
ATOM   509  C  CD  . ARG A 1 69  ? 5.877   17.880  8.136   1.00 27.41 ? 69  ARG A CD  1 
ATOM   510  N  NE  . ARG A 1 69  ? 6.745   17.417  9.224   1.00 33.01 ? 69  ARG A NE  1 
ATOM   511  C  CZ  . ARG A 1 69  ? 7.835   18.065  9.693   1.00 33.76 ? 69  ARG A CZ  1 
ATOM   512  N  NH1 . ARG A 1 69  ? 8.207   19.223  9.158   1.00 34.84 ? 69  ARG A NH1 1 
ATOM   513  N  NH2 . ARG A 1 69  ? 8.600   17.505  10.644  1.00 29.86 ? 69  ARG A NH2 1 
ATOM   514  N  N   . LYS A 1 70  ? 3.569   16.476  2.562   1.00 17.22 ? 70  LYS A N   1 
ATOM   515  C  CA  . LYS A 1 70  ? 2.767   17.011  1.448   1.00 18.45 ? 70  LYS A CA  1 
ATOM   516  C  C   . LYS A 1 70  ? 2.008   15.897  0.783   1.00 16.43 ? 70  LYS A C   1 
ATOM   517  O  O   . LYS A 1 70  ? 2.450   14.777  0.800   1.00 15.41 ? 70  LYS A O   1 
ATOM   518  C  CB  . LYS A 1 70  ? 3.612   17.695  0.376   1.00 22.44 ? 70  LYS A CB  1 
ATOM   519  C  CG  . LYS A 1 70  ? 4.098   19.085  0.755   1.00 29.57 ? 70  LYS A CG  1 
ATOM   520  C  CD  . LYS A 1 70  ? 4.597   19.807  -0.462  1.00 34.49 ? 70  LYS A CD  1 
ATOM   521  C  CE  . LYS A 1 70  ? 5.855   20.606  -0.241  1.00 44.98 ? 70  LYS A CE  1 
ATOM   522  N  NZ  . LYS A 1 70  ? 5.966   21.154  1.134   1.00 52.99 ? 70  LYS A NZ  1 
ATOM   523  N  N   . HIS A 1 71  ? 0.895   16.277  0.176   1.00 15.48 ? 71  HIS A N   1 
ATOM   524  C  CA  . HIS A 1 71  ? 0.136   15.398  -0.734  1.00 13.88 ? 71  HIS A CA  1 
ATOM   525  C  C   . HIS A 1 71  ? 0.492   15.804  -2.136  1.00 15.23 ? 71  HIS A C   1 
ATOM   526  O  O   . HIS A 1 71  ? 0.555   17.012  -2.433  1.00 16.83 ? 71  HIS A O   1 
ATOM   527  C  CB  . HIS A 1 71  ? -1.359  15.574  -0.517  1.00 13.42 ? 71  HIS A CB  1 
ATOM   528  C  CG  . HIS A 1 71  ? -1.831  15.173  0.835   1.00 15.04 ? 71  HIS A CG  1 
ATOM   529  N  ND1 . HIS A 1 71  ? -2.323  13.876  1.168   1.00 17.03 ? 71  HIS A ND1 1 
ATOM   530  C  CD2 . HIS A 1 71  ? -1.842  15.869  1.983   1.00 14.30 ? 71  HIS A CD2 1 
ATOM   531  C  CE1 . HIS A 1 71  ? -2.662  13.872  2.440   1.00 13.92 ? 71  HIS A CE1 1 
ATOM   532  N  NE2 . HIS A 1 71  ? -2.375  15.056  2.954   1.00 19.10 ? 71  HIS A NE2 1 
ATOM   533  N  N   . TYR A 1 72  ? 0.645   14.828  -3.005  1.00 13.00 ? 72  TYR A N   1 
ATOM   534  C  CA  . TYR A 1 72  ? 0.971   15.106  -4.397  1.00 13.48 ? 72  TYR A CA  1 
ATOM   535  C  C   . TYR A 1 72  ? -0.033  14.413  -5.293  1.00 14.58 ? 72  TYR A C   1 
ATOM   536  O  O   . TYR A 1 72  ? -0.302  13.229  -5.142  1.00 14.04 ? 72  TYR A O   1 
ATOM   537  C  CB  . TYR A 1 72  ? 2.350   14.566  -4.755  1.00 14.40 ? 72  TYR A CB  1 
ATOM   538  C  CG  . TYR A 1 72  ? 3.530   15.219  -4.068  1.00 15.81 ? 72  TYR A CG  1 
ATOM   539  C  CD1 . TYR A 1 72  ? 3.993   16.460  -4.510  1.00 17.61 ? 72  TYR A CD1 1 
ATOM   540  C  CD2 . TYR A 1 72  ? 4.197   14.625  -3.018  1.00 16.72 ? 72  TYR A CD2 1 
ATOM   541  C  CE1 . TYR A 1 72  ? 5.096   17.075  -3.921  1.00 18.09 ? 72  TYR A CE1 1 
ATOM   542  C  CE2 . TYR A 1 72  ? 5.291   15.240  -2.409  1.00 16.48 ? 72  TYR A CE2 1 
ATOM   543  C  CZ  . TYR A 1 72  ? 5.741   16.462  -2.874  1.00 20.29 ? 72  TYR A CZ  1 
ATOM   544  O  OH  . TYR A 1 72  ? 6.844   17.063  -2.314  1.00 20.92 ? 72  TYR A OH  1 
ATOM   545  N  N   . PRO A 1 73  ? -0.484  15.103  -6.338  1.00 14.57 ? 73  PRO A N   1 
ATOM   546  C  CA  . PRO A 1 73  ? -1.288  14.476  -7.378  1.00 13.54 ? 73  PRO A CA  1 
ATOM   547  C  C   . PRO A 1 73  ? -0.361  13.755  -8.355  1.00 15.24 ? 73  PRO A C   1 
ATOM   548  O  O   . PRO A 1 73  ? 0.655   14.315  -8.789  1.00 16.87 ? 73  PRO A O   1 
ATOM   549  C  CB  . PRO A 1 73  ? -1.958  15.702  -8.025  1.00 15.14 ? 73  PRO A CB  1 
ATOM   550  C  CG  . PRO A 1 73  ? -0.906  16.785  -7.911  1.00 15.28 ? 73  PRO A CG  1 
ATOM   551  C  CD  . PRO A 1 73  ? -0.225  16.541  -6.594  1.00 14.52 ? 73  PRO A CD  1 
ATOM   552  N  N   . VAL A 1 74  ? -0.744  12.522  -8.691  1.00 13.87 ? 74  VAL A N   1 
ATOM   553  C  CA  . VAL A 1 74  ? 0.062   11.679  -9.588  1.00 14.13 ? 74  VAL A CA  1 
ATOM   554  C  C   . VAL A 1 74  ? -0.807  10.950  -10.582 1.00 12.63 ? 74  VAL A C   1 
ATOM   555  O  O   . VAL A 1 74  ? -1.951  10.559  -10.251 1.00 14.11 ? 74  VAL A O   1 
ATOM   556  C  CB  . VAL A 1 74  ? 0.867   10.648  -8.791  1.00 15.57 ? 74  VAL A CB  1 
ATOM   557  C  CG1 . VAL A 1 74  ? 2.042   11.336  -8.100  1.00 17.74 ? 74  VAL A CG1 1 
ATOM   558  C  CG2 . VAL A 1 74  ? 0.030   9.862   -7.801  1.00 17.80 ? 74  VAL A CG2 1 
ATOM   559  N  N   . SER A 1 75  ? -0.200  10.677  -11.727 1.00 13.57 ? 75  SER A N   1 
ATOM   560  C  CA  . SER A 1 75  ? -0.647  9.629   -12.654 1.00 14.52 ? 75  SER A CA  1 
ATOM   561  C  C   . SER A 1 75  ? 0.095   8.357   -12.288 1.00 13.15 ? 75  SER A C   1 
ATOM   562  O  O   . SER A 1 75  ? 1.297   8.426   -12.005 1.00 14.94 ? 75  SER A O   1 
ATOM   563  C  CB  . SER A 1 75  ? -0.355  9.999   -14.097 1.00 17.46 ? 75  SER A CB  1 
ATOM   564  O  OG  . SER A 1 75  ? -1.128  11.129  -14.435 1.00 24.25 ? 75  SER A OG  1 
ATOM   565  N  N   . PHE A 1 76  ? -0.586  7.210   -12.249 1.00 13.20 ? 76  PHE A N   1 
ATOM   566  C  CA  . PHE A 1 76  ? 0.093   5.949   -11.916 1.00 12.56 ? 76  PHE A CA  1 
ATOM   567  C  C   . PHE A 1 76  ? -0.320  4.832   -12.832 1.00 12.98 ? 76  PHE A C   1 
ATOM   568  O  O   . PHE A 1 76  ? -1.404  4.862   -13.377 1.00 13.85 ? 76  PHE A O   1 
ATOM   569  C  CB  . PHE A 1 76  ? -0.150  5.582   -10.453 1.00 12.01 ? 76  PHE A CB  1 
ATOM   570  C  CG  . PHE A 1 76  ? -1.600  5.573   -10.008 1.00 12.24 ? 76  PHE A CG  1 
ATOM   571  C  CD1 . PHE A 1 76  ? -2.251  6.692   -9.520  1.00 12.53 ? 76  PHE A CD1 1 
ATOM   572  C  CD2 . PHE A 1 76  ? -2.313  4.369   -10.093 1.00 12.71 ? 76  PHE A CD2 1 
ATOM   573  C  CE1 . PHE A 1 76  ? -3.596  6.674   -9.158  1.00 13.79 ? 76  PHE A CE1 1 
ATOM   574  C  CE2 . PHE A 1 76  ? -3.642  4.347   -9.663  1.00 12.35 ? 76  PHE A CE2 1 
ATOM   575  C  CZ  . PHE A 1 76  ? -4.276  5.478   -9.189  1.00 13.25 ? 76  PHE A CZ  1 
ATOM   576  N  N   . SER A 1 77  ? 0.594   3.904   -13.013 1.00 13.96 ? 77  SER A N   1 
ATOM   577  C  CA  . SER A 1 77  ? 0.378   2.715   -13.872 1.00 14.51 ? 77  SER A CA  1 
ATOM   578  C  C   . SER A 1 77  ? -0.630  1.762   -13.233 1.00 16.24 ? 77  SER A C   1 
ATOM   579  O  O   . SER A 1 77  ? -0.895  1.801   -12.009 1.00 15.90 ? 77  SER A O   1 
ATOM   580  C  CB  . SER A 1 77  ? 1.699   2.079   -14.197 1.00 16.34 ? 77  SER A CB  1 
ATOM   581  O  OG  . SER A 1 77  ? 2.302   1.578   -13.022 1.00 15.68 ? 77  SER A OG  1 
ATOM   582  N  N   . LYS A 1 78  ? -1.302  0.955   -14.064 1.00 17.10 ? 78  LYS A N   1 
ATOM   583  C  CA  . LYS A 1 78  ? -2.175  -0.129  -13.566 1.00 17.61 ? 78  LYS A CA  1 
ATOM   584  C  C   . LYS A 1 78  ? -1.331  -1.149  -12.824 1.00 15.47 ? 78  LYS A C   1 
ATOM   585  O  O   . LYS A 1 78  ? -0.159  -1.337  -13.080 1.00 16.63 ? 78  LYS A O   1 
ATOM   586  C  CB  . LYS A 1 78  ? -2.976  -0.735  -14.727 1.00 19.22 ? 78  LYS A CB  1 
ATOM   587  C  CG  . LYS A 1 78  ? -3.976  0.233   -15.321 1.00 21.37 ? 78  LYS A CG  1 
ATOM   588  C  CD  . LYS A 1 78  ? -4.793  -0.338  -16.483 1.00 23.91 ? 78  LYS A CD  1 
ATOM   589  C  CE  . LYS A 1 78  ? -5.963  0.557   -16.814 1.00 29.21 ? 78  LYS A CE  1 
ATOM   590  N  NZ  . LYS A 1 78  ? -6.728  0.048   -17.978 1.00 33.37 ? 78  LYS A NZ  1 
ATOM   591  N  N   . PRO A 1 79  ? -1.949  -1.812  -11.840 1.00 16.66 ? 79  PRO A N   1 
ATOM   592  C  CA  . PRO A 1 79  ? -1.225  -2.774  -11.027 1.00 18.08 ? 79  PRO A CA  1 
ATOM   593  C  C   . PRO A 1 79  ? -0.589  -3.824  -11.926 1.00 18.79 ? 79  PRO A C   1 
ATOM   594  O  O   . PRO A 1 79  ? -1.276  -4.386  -12.781 1.00 18.31 ? 79  PRO A O   1 
ATOM   595  C  CB  . PRO A 1 79  ? -2.297  -3.392  -10.139 1.00 18.01 ? 79  PRO A CB  1 
ATOM   596  C  CG  . PRO A 1 79  ? -3.333  -2.335  -10.040 1.00 18.91 ? 79  PRO A CG  1 
ATOM   597  C  CD  . PRO A 1 79  ? -3.313  -1.621  -11.383 1.00 17.40 ? 79  PRO A CD  1 
ATOM   598  N  N   A SER A 1 80  ? 0.704   -4.062  -11.716 0.31 17.90 ? 80  SER A N   1 
ATOM   599  N  N   B SER A 1 80  ? 0.685   -4.092  -11.692 0.35 15.26 ? 80  SER A N   1 
ATOM   600  C  CA  A SER A 1 80  ? 1.557   -4.944  -12.553 0.31 20.23 ? 80  SER A CA  1 
ATOM   601  C  CA  B SER A 1 80  ? 1.480   -5.035  -12.514 0.35 16.26 ? 80  SER A CA  1 
ATOM   602  C  C   A SER A 1 80  ? 2.577   -5.694  -11.697 0.31 20.60 ? 80  SER A C   1 
ATOM   603  C  C   B SER A 1 80  ? 2.658   -5.620  -11.724 0.35 18.20 ? 80  SER A C   1 
ATOM   604  O  O   A SER A 1 80  ? 2.674   -5.426  -10.473 0.31 19.14 ? 80  SER A O   1 
ATOM   605  O  O   B SER A 1 80  ? 2.939   -5.203  -10.556 0.35 15.53 ? 80  SER A O   1 
ATOM   606  C  CB  A SER A 1 80  ? 2.273   -4.153  -13.624 0.31 21.15 ? 80  SER A CB  1 
ATOM   607  C  CB  B SER A 1 80  ? 1.927   -4.353  -13.805 0.35 15.20 ? 80  SER A CB  1 
ATOM   608  O  OG  A SER A 1 80  ? 1.460   -3.103  -14.105 0.31 25.32 ? 80  SER A OG  1 
ATOM   609  O  OG  B SER A 1 80  ? 2.961   -3.407  -13.565 0.35 14.62 ? 80  SER A OG  1 
ATOM   610  N  N   . LEU A 1 81  ? 3.331   -6.576  -12.364 1.00 19.47 ? 81  LEU A N   1 
ATOM   611  C  CA  . LEU A 1 81  ? 4.491   -7.292  -11.820 1.00 20.87 ? 81  LEU A CA  1 
ATOM   612  C  C   . LEU A 1 81  ? 5.704   -6.490  -12.242 1.00 23.09 ? 81  LEU A C   1 
ATOM   613  O  O   . LEU A 1 81  ? 6.007   -6.390  -13.466 1.00 22.52 ? 81  LEU A O   1 
ATOM   614  C  CB  . LEU A 1 81  ? 4.471   -8.706  -12.424 1.00 24.16 ? 81  LEU A CB  1 
ATOM   615  C  CG  . LEU A 1 81  ? 5.405   -9.717  -11.785 1.00 27.43 ? 81  LEU A CG  1 
ATOM   616  C  CD1 . LEU A 1 81  ? 5.033   -10.007 -10.332 1.00 26.14 ? 81  LEU A CD1 1 
ATOM   617  C  CD2 . LEU A 1 81  ? 5.414   -11.004 -12.595 1.00 28.76 ? 81  LEU A CD2 1 
ATOM   618  N  N   . ILE A 1 82  ? 6.353   -5.877  -11.260 0.66 21.26 ? 82  ILE A N   1 
ATOM   619  C  CA  . ILE A 1 82  ? 7.463   -4.909  -11.430 0.66 23.58 ? 82  ILE A CA  1 
ATOM   620  C  C   . ILE A 1 82  ? 8.676   -5.496  -10.712 0.66 23.55 ? 82  ILE A C   1 
ATOM   621  O  O   . ILE A 1 82  ? 8.563   -5.812  -9.509  0.66 21.56 ? 82  ILE A O   1 
ATOM   622  C  CB  . ILE A 1 82  ? 7.040   -3.552  -10.836 0.66 24.33 ? 82  ILE A CB  1 
ATOM   623  C  CG1 . ILE A 1 82  ? 5.792   -2.973  -11.518 0.66 26.55 ? 82  ILE A CG1 1 
ATOM   624  C  CG2 . ILE A 1 82  ? 8.213   -2.585  -10.800 0.66 24.72 ? 82  ILE A CG2 1 
ATOM   625  C  CD1 . ILE A 1 82  ? 6.050   -1.909  -12.548 0.66 28.24 ? 82  ILE A CD1 1 
ATOM   626  N  N   . PHE A 1 83  ? 9.812   -5.611  -11.388 0.66 23.66 ? 83  PHE A N   1 
ATOM   627  C  CA  . PHE A 1 83  ? 11.081  -5.952  -10.712 0.66 23.84 ? 83  PHE A CA  1 
ATOM   628  C  C   . PHE A 1 83  ? 11.470  -4.795  -9.789  0.66 24.32 ? 83  PHE A C   1 
ATOM   629  O  O   . PHE A 1 83  ? 11.628  -3.652  -10.258 0.66 25.78 ? 83  PHE A O   1 
ATOM   630  C  CB  . PHE A 1 83  ? 12.192  -6.288  -11.703 0.66 24.98 ? 83  PHE A CB  1 
ATOM   631  C  CG  . PHE A 1 83  ? 13.405  -6.838  -11.009 0.66 24.97 ? 83  PHE A CG  1 
ATOM   632  C  CD1 . PHE A 1 83  ? 13.419  -8.143  -10.542 0.66 25.11 ? 83  PHE A CD1 1 
ATOM   633  C  CD2 . PHE A 1 83  ? 14.498  -6.025  -10.752 0.66 24.80 ? 83  PHE A CD2 1 
ATOM   634  C  CE1 . PHE A 1 83  ? 14.528  -8.642  -9.871  0.66 26.58 ? 83  PHE A CE1 1 
ATOM   635  C  CE2 . PHE A 1 83  ? 15.611  -6.526  -10.097 0.66 26.17 ? 83  PHE A CE2 1 
ATOM   636  C  CZ  . PHE A 1 83  ? 15.622  -7.833  -9.653  0.66 27.05 ? 83  PHE A CZ  1 
ATOM   637  N  N   . VAL A 1 84  ? 11.603  -5.101  -8.499  0.66 22.10 ? 84  VAL A N   1 
ATOM   638  C  CA  . VAL A 1 84  ? 11.940  -4.143  -7.413  0.66 22.48 ? 84  VAL A CA  1 
ATOM   639  C  C   . VAL A 1 84  ? 13.332  -4.503  -6.887  0.66 22.42 ? 84  VAL A C   1 
ATOM   640  O  O   . VAL A 1 84  ? 13.564  -5.692  -6.588  0.66 23.76 ? 84  VAL A O   1 
ATOM   641  C  CB  . VAL A 1 84  ? 10.864  -4.198  -6.308  0.66 21.79 ? 84  VAL A CB  1 
ATOM   642  C  CG1 . VAL A 1 84  ? 11.323  -3.547  -5.015  0.66 23.03 ? 84  VAL A CG1 1 
ATOM   643  C  CG2 . VAL A 1 84  ? 9.566   -3.585  -6.800  0.66 23.40 ? 84  VAL A CG2 1 
ATOM   644  N  N   . GLU A 1 85  ? 14.207  -3.513  -6.738  0.66 22.11 ? 85  GLU A N   1 
ATOM   645  C  CA  . GLU A 1 85  ? 15.590  -3.721  -6.238  0.66 23.85 ? 85  GLU A CA  1 
ATOM   646  C  C   . GLU A 1 85  ? 15.541  -4.174  -4.772  0.66 24.76 ? 85  GLU A C   1 
ATOM   647  O  O   . GLU A 1 85  ? 14.544  -3.865  -4.078  0.66 20.63 ? 85  GLU A O   1 
ATOM   648  C  CB  . GLU A 1 85  ? 16.411  -2.443  -6.412  0.66 28.02 ? 85  GLU A CB  1 
ATOM   649  C  CG  . GLU A 1 85  ? 16.640  -2.074  -7.869  0.66 30.71 ? 85  GLU A CG  1 
ATOM   650  C  CD  . GLU A 1 85  ? 17.383  -3.119  -8.683  0.66 34.59 ? 85  GLU A CD  1 
ATOM   651  O  OE1 . GLU A 1 85  ? 18.357  -3.704  -8.150  0.66 35.45 ? 85  GLU A OE1 1 
ATOM   652  O  OE2 . GLU A 1 85  ? 16.992  -3.345  -9.856  0.66 38.24 ? 85  GLU A OE2 1 
ATOM   653  N  N   . ALA A 1 86  ? 16.564  -4.908  -4.321  0.66 25.16 ? 86  ALA A N   1 
ATOM   654  C  CA  . ALA A 1 86  ? 16.747  -5.299  -2.899  0.66 26.45 ? 86  ALA A CA  1 
ATOM   655  C  C   . ALA A 1 86  ? 16.665  -4.049  -2.011  0.66 28.46 ? 86  ALA A C   1 
ATOM   656  O  O   . ALA A 1 86  ? 16.942  -2.939  -2.511  0.66 28.62 ? 86  ALA A O   1 
ATOM   657  C  CB  . ALA A 1 86  ? 18.065  -6.011  -2.718  0.66 26.42 ? 86  ALA A CB  1 
ATOM   658  N  N   . SER A 1 87  ? 16.304  -4.209  -0.732  0.66 29.66 ? 87  SER A N   1 
ATOM   659  C  CA  . SER A 1 87  ? 16.094  -3.078  0.217   0.66 30.86 ? 87  SER A CA  1 
ATOM   660  C  C   . SER A 1 87  ? 16.716  -3.330  1.594   0.66 33.36 ? 87  SER A C   1 
ATOM   661  O  O   . SER A 1 87  ? 17.104  -2.330  2.229   0.66 38.16 ? 87  SER A O   1 
ATOM   662  C  CB  . SER A 1 87  ? 14.641  -2.811  0.398   0.66 28.82 ? 87  SER A CB  1 
ATOM   663  O  OG  . SER A 1 87  ? 14.019  -3.940  0.977   0.66 25.67 ? 87  SER A OG  1 
ATOM   664  N  N   . GLU A 1 88  ? 16.683  -4.583  2.069   0.66 37.34 ? 88  GLU A N   1 
ATOM   665  C  CA  . GLU A 1 88  ? 16.963  -5.020  3.470   0.66 38.39 ? 88  GLU A CA  1 
ATOM   666  C  C   . GLU A 1 88  ? 15.736  -5.752  4.036   0.66 35.25 ? 88  GLU A C   1 
ATOM   667  O  O   . GLU A 1 88  ? 15.911  -6.510  4.999   0.66 34.70 ? 88  GLU A O   1 
ATOM   668  C  CB  . GLU A 1 88  ? 17.370  -3.857  4.379   0.66 42.03 ? 88  GLU A CB  1 
ATOM   669  C  CG  . GLU A 1 88  ? 17.990  -4.307  5.692   0.66 45.60 ? 88  GLU A CG  1 
ATOM   670  C  CD  . GLU A 1 88  ? 19.092  -3.399  6.216   0.66 48.96 ? 88  GLU A CD  1 
ATOM   671  O  OE1 . GLU A 1 88  ? 20.111  -3.937  6.724   0.66 48.23 ? 88  GLU A OE1 1 
ATOM   672  O  OE2 . GLU A 1 88  ? 18.932  -2.159  6.122   0.66 48.39 ? 88  GLU A OE2 1 
ATOM   673  N  N   . TYR A 1 89  ? 14.541  -5.519  3.467   0.66 32.34 ? 89  TYR A N   1 
ATOM   674  C  CA  . TYR A 1 89  ? 13.255  -6.196  3.811   0.66 30.79 ? 89  TYR A CA  1 
ATOM   675  C  C   . TYR A 1 89  ? 12.951  -7.343  2.835   0.66 27.72 ? 89  TYR A C   1 
ATOM   676  O  O   . TYR A 1 89  ? 12.193  -8.281  3.196   0.66 29.84 ? 89  TYR A O   1 
ATOM   677  C  CB  . TYR A 1 89  ? 12.099  -5.195  3.771   0.66 30.56 ? 89  TYR A CB  1 
ATOM   678  C  CG  . TYR A 1 89  ? 12.191  -4.045  4.742   0.66 30.49 ? 89  TYR A CG  1 
ATOM   679  C  CD1 . TYR A 1 89  ? 12.504  -2.765  4.316   0.66 30.61 ? 89  TYR A CD1 1 
ATOM   680  C  CD2 . TYR A 1 89  ? 11.908  -4.228  6.087   0.66 30.84 ? 89  TYR A CD2 1 
ATOM   681  C  CE1 . TYR A 1 89  ? 12.568  -1.703  5.206   0.66 29.68 ? 89  TYR A CE1 1 
ATOM   682  C  CE2 . TYR A 1 89  ? 11.961  -3.178  6.989   0.66 29.65 ? 89  TYR A CE2 1 
ATOM   683  C  CZ  . TYR A 1 89  ? 12.283  -1.910  6.545   0.66 30.53 ? 89  TYR A CZ  1 
ATOM   684  O  OH  . TYR A 1 89  ? 12.320  -0.884  7.440   0.66 30.73 ? 89  TYR A OH  1 
ATOM   685  N  N   . TYR A 1 90  ? 13.493  -7.256  1.621   0.66 26.52 ? 90  TYR A N   1 
ATOM   686  C  CA  . TYR A 1 90  ? 13.419  -8.302  0.578   0.66 27.24 ? 90  TYR A CA  1 
ATOM   687  C  C   . TYR A 1 90  ? 14.726  -8.335  -0.203  0.66 29.85 ? 90  TYR A C   1 
ATOM   688  O  O   . TYR A 1 90  ? 15.464  -7.349  -0.260  0.66 31.86 ? 90  TYR A O   1 
ATOM   689  C  CB  . TYR A 1 90  ? 12.256  -8.054  -0.386  0.66 25.49 ? 90  TYR A CB  1 
ATOM   690  C  CG  . TYR A 1 90  ? 10.904  -7.862  0.256   0.66 23.61 ? 90  TYR A CG  1 
ATOM   691  C  CD1 . TYR A 1 90  ? 10.125  -8.943  0.650   0.66 22.66 ? 90  TYR A CD1 1 
ATOM   692  C  CD2 . TYR A 1 90  ? 10.392  -6.589  0.451   0.66 22.15 ? 90  TYR A CD2 1 
ATOM   693  C  CE1 . TYR A 1 90  ? 8.871   -8.763  1.220   0.66 21.01 ? 90  TYR A CE1 1 
ATOM   694  C  CE2 . TYR A 1 90  ? 9.151   -6.390  1.031   0.66 19.67 ? 90  TYR A CE2 1 
ATOM   695  C  CZ  . TYR A 1 90  ? 8.382   -7.479  1.404   0.66 19.70 ? 90  TYR A CZ  1 
ATOM   696  O  OH  . TYR A 1 90  ? 7.175   -7.258  2.005   0.66 15.68 ? 90  TYR A OH  1 
ATOM   697  N  N   . PRO A 1 91  ? 15.055  -9.487  -0.827  0.66 30.91 ? 91  PRO A N   1 
ATOM   698  C  CA  . PRO A 1 91  ? 16.029  -9.496  -1.915  0.66 30.43 ? 91  PRO A CA  1 
ATOM   699  C  C   . PRO A 1 91  ? 15.362  -8.821  -3.122  0.66 30.18 ? 91  PRO A C   1 
ATOM   700  O  O   . PRO A 1 91  ? 14.166  -8.549  -3.064  0.66 29.51 ? 91  PRO A O   1 
ATOM   701  C  CB  . PRO A 1 91  ? 16.317  -10.988 -2.124  0.66 29.96 ? 91  PRO A CB  1 
ATOM   702  C  CG  . PRO A 1 91  ? 15.042  -11.677 -1.677  0.66 31.16 ? 91  PRO A CG  1 
ATOM   703  C  CD  . PRO A 1 91  ? 14.496  -10.821 -0.549  0.66 30.87 ? 91  PRO A CD  1 
ATOM   704  N  N   . ALA A 1 92  ? 16.118  -8.553  -4.185  0.66 28.76 ? 92  ALA A N   1 
ATOM   705  C  CA  . ALA A 1 92  ? 15.540  -8.110  -5.473  0.66 27.69 ? 92  ALA A CA  1 
ATOM   706  C  C   . ALA A 1 92  ? 14.543  -9.188  -5.914  0.66 26.84 ? 92  ALA A C   1 
ATOM   707  O  O   . ALA A 1 92  ? 14.845  -10.394 -5.772  0.66 29.59 ? 92  ALA A O   1 
ATOM   708  C  CB  . ALA A 1 92  ? 16.619  -7.847  -6.497  0.66 27.51 ? 92  ALA A CB  1 
ATOM   709  N  N   A ARG A 1 93  ? 13.354  -8.781  -6.359  0.31 24.57 ? 93  ARG A N   1 
ATOM   710  N  N   B ARG A 1 93  ? 13.370  -8.759  -6.400  0.35 24.82 ? 93  ARG A N   1 
ATOM   711  C  CA  A ARG A 1 93  ? 12.292  -9.733  -6.760  0.31 24.62 ? 93  ARG A CA  1 
ATOM   712  C  CA  B ARG A 1 93  ? 12.245  -9.673  -6.708  0.35 24.89 ? 93  ARG A CA  1 
ATOM   713  C  C   A ARG A 1 93  ? 11.212  -8.986  -7.533  0.31 23.47 ? 93  ARG A C   1 
ATOM   714  C  C   B ARG A 1 93  ? 11.207  -8.953  -7.562  0.35 23.68 ? 93  ARG A C   1 
ATOM   715  O  O   A ARG A 1 93  ? 11.213  -7.735  -7.516  0.31 24.68 ? 93  ARG A O   1 
ATOM   716  O  O   B ARG A 1 93  ? 11.246  -7.703  -7.655  0.35 25.11 ? 93  ARG A O   1 
ATOM   717  C  CB  A ARG A 1 93  ? 11.713  -10.391 -5.507  0.31 25.46 ? 93  ARG A CB  1 
ATOM   718  C  CB  B ARG A 1 93  ? 11.618  -10.184 -5.407  0.35 26.19 ? 93  ARG A CB  1 
ATOM   719  C  CG  A ARG A 1 93  ? 10.680  -9.520  -4.810  0.31 25.06 ? 93  ARG A CG  1 
ATOM   720  C  CG  B ARG A 1 93  ? 11.715  -9.226  -4.226  0.35 26.11 ? 93  ARG A CG  1 
ATOM   721  C  CD  A ARG A 1 93  ? 10.711  -9.637  -3.307  0.31 25.58 ? 93  ARG A CD  1 
ATOM   722  C  CD  B ARG A 1 93  ? 11.402  -7.756  -4.479  0.35 25.64 ? 93  ARG A CD  1 
ATOM   723  N  NE  A ARG A 1 93  ? 10.060  -8.484  -2.713  0.31 27.39 ? 93  ARG A NE  1 
ATOM   724  N  NE  B ARG A 1 93  ? 12.329  -6.806  -3.849  0.35 25.12 ? 93  ARG A NE  1 
ATOM   725  C  CZ  A ARG A 1 93  ? 8.765   -8.217  -2.793  0.31 25.67 ? 93  ARG A CZ  1 
ATOM   726  C  CZ  B ARG A 1 93  ? 12.009  -5.987  -2.848  0.35 26.15 ? 93  ARG A CZ  1 
ATOM   727  N  NH1 A ARG A 1 93  ? 7.966   -9.037  -3.448  0.31 25.50 ? 93  ARG A NH1 1 
ATOM   728  N  NH1 B ARG A 1 93  ? 10.783  -6.004  -2.358  0.35 26.17 ? 93  ARG A NH1 1 
ATOM   729  N  NH2 A ARG A 1 93  ? 8.268   -7.132  -2.209  0.31 23.76 ? 93  ARG A NH2 1 
ATOM   730  N  NH2 B ARG A 1 93  ? 12.902  -5.148  -2.348  0.35 25.27 ? 93  ARG A NH2 1 
ATOM   731  N  N   . TYR A 1 94  ? 10.332  -9.727  -8.201  0.66 23.80 ? 94  TYR A N   1 
ATOM   732  C  CA  . TYR A 1 94  ? 9.108   -9.167  -8.817  0.66 23.90 ? 94  TYR A CA  1 
ATOM   733  C  C   . TYR A 1 94  ? 8.102   -8.897  -7.704  0.66 23.71 ? 94  TYR A C   1 
ATOM   734  O  O   . TYR A 1 94  ? 7.676   -9.877  -7.057  0.66 25.35 ? 94  TYR A O   1 
ATOM   735  C  CB  . TYR A 1 94  ? 8.556   -10.109 -9.883  0.66 26.38 ? 94  TYR A CB  1 
ATOM   736  C  CG  . TYR A 1 94  ? 9.350   -10.053 -11.157 0.66 26.80 ? 94  TYR A CG  1 
ATOM   737  C  CD1 . TYR A 1 94  ? 9.173   -9.013  -12.053 0.66 27.63 ? 94  TYR A CD1 1 
ATOM   738  C  CD2 . TYR A 1 94  ? 10.305  -11.012 -11.452 0.66 29.17 ? 94  TYR A CD2 1 
ATOM   739  C  CE1 . TYR A 1 94  ? 9.908   -8.938  -13.222 0.66 30.64 ? 94  TYR A CE1 1 
ATOM   740  C  CE2 . TYR A 1 94  ? 11.042  -10.957 -12.624 0.66 30.28 ? 94  TYR A CE2 1 
ATOM   741  C  CZ  . TYR A 1 94  ? 10.839  -9.918  -13.513 0.66 31.01 ? 94  TYR A CZ  1 
ATOM   742  O  OH  . TYR A 1 94  ? 11.579  -9.853  -14.658 0.66 34.72 ? 94  TYR A OH  1 
ATOM   743  N  N   . GLN A 1 95  ? 7.720   -7.627  -7.521  1.00 21.64 ? 95  GLN A N   1 
ATOM   744  C  CA  . GLN A 1 95  ? 6.582   -7.288  -6.632  1.00 20.07 ? 95  GLN A CA  1 
ATOM   745  C  C   . GLN A 1 95  ? 5.357   -7.254  -7.517  1.00 18.03 ? 95  GLN A C   1 
ATOM   746  O  O   . GLN A 1 95  ? 5.398   -6.573  -8.609  1.00 18.50 ? 95  GLN A O   1 
ATOM   747  C  CB  . GLN A 1 95  ? 6.782   -5.976  -5.889  1.00 18.61 ? 95  GLN A CB  1 
ATOM   748  C  CG  . GLN A 1 95  ? 5.616   -5.651  -4.956  1.00 19.15 ? 95  GLN A CG  1 
ATOM   749  C  CD  . GLN A 1 95  ? 5.995   -4.574  -3.968  1.00 18.77 ? 95  GLN A CD  1 
ATOM   750  O  OE1 . GLN A 1 95  ? 7.132   -4.468  -3.555  1.00 20.61 ? 95  GLN A OE1 1 
ATOM   751  N  NE2 . GLN A 1 95  ? 5.026   -3.789  -3.532  1.00 17.92 ? 95  GLN A NE2 1 
ATOM   752  N  N   . SER A 1 96  ? 4.304   -7.941  -7.134  1.00 16.50 ? 96  SER A N   1 
ATOM   753  C  CA  . SER A 1 96  ? 3.045   -7.965  -7.885  1.00 16.95 ? 96  SER A CA  1 
ATOM   754  C  C   . SER A 1 96  ? 2.097   -6.858  -7.391  1.00 16.42 ? 96  SER A C   1 
ATOM   755  O  O   . SER A 1 96  ? 2.263   -6.304  -6.250  1.00 15.18 ? 96  SER A O   1 
ATOM   756  C  CB  . SER A 1 96  ? 2.409   -9.312  -7.817  1.00 17.84 ? 96  SER A CB  1 
ATOM   757  O  OG  . SER A 1 96  ? 2.032   -9.618  -6.476  1.00 18.42 ? 96  SER A OG  1 
ATOM   758  N  N   . HIS A 1 97  ? 1.124   -6.560  -8.225  1.00 15.50 ? 97  HIS A N   1 
ATOM   759  C  CA  . HIS A 1 97  ? 0.026   -5.628  -7.911  1.00 15.23 ? 97  HIS A CA  1 
ATOM   760  C  C   . HIS A 1 97  ? 0.605   -4.244  -7.588  1.00 15.14 ? 97  HIS A C   1 
ATOM   761  O  O   . HIS A 1 97  ? 0.027   -3.580  -6.716  1.00 14.88 ? 97  HIS A O   1 
ATOM   762  C  CB  . HIS A 1 97  ? -0.816  -6.180  -6.751  1.00 15.54 ? 97  HIS A CB  1 
ATOM   763  C  CG  . HIS A 1 97  ? -1.528  -7.456  -7.111  1.00 16.35 ? 97  HIS A CG  1 
ATOM   764  N  ND1 . HIS A 1 97  ? -2.815  -7.474  -7.617  1.00 17.06 ? 97  HIS A ND1 1 
ATOM   765  C  CD2 . HIS A 1 97  ? -1.074  -8.739  -7.120  1.00 17.76 ? 97  HIS A CD2 1 
ATOM   766  C  CE1 . HIS A 1 97  ? -3.157  -8.747  -7.852  1.00 17.54 ? 97  HIS A CE1 1 
ATOM   767  N  NE2 . HIS A 1 97  ? -2.098  -9.510  -7.583  1.00 18.48 ? 97  HIS A NE2 1 
ATOM   768  N  N   . LEU A 1 98  ? 1.711   -3.894  -8.194  1.00 15.00 ? 98  LEU A N   1 
ATOM   769  C  CA  . LEU A 1 98  ? 2.419   -2.638  -7.891  1.00 14.66 ? 98  LEU A CA  1 
ATOM   770  C  C   . LEU A 1 98  ? 2.082   -1.587  -8.954  1.00 14.93 ? 98  LEU A C   1 
ATOM   771  O  O   . LEU A 1 98  ? 2.042   -1.905  -10.161 1.00 15.27 ? 98  LEU A O   1 
ATOM   772  C  CB  . LEU A 1 98  ? 3.917   -2.895  -7.817  1.00 14.21 ? 98  LEU A CB  1 
ATOM   773  C  CG  . LEU A 1 98  ? 4.787   -1.718  -7.407  1.00 15.60 ? 98  LEU A CG  1 
ATOM   774  C  CD1 . LEU A 1 98  ? 4.465   -1.274  -6.027  1.00 16.04 ? 98  LEU A CD1 1 
ATOM   775  C  CD2 . LEU A 1 98  ? 6.261   -2.087  -7.498  1.00 16.82 ? 98  LEU A CD2 1 
ATOM   776  N  N   . MET A 1 99  ? 1.929   -0.337  -8.523  1.00 13.39 ? 99  MET A N   1 
ATOM   777  C  CA  . MET A 1 99  ? 1.577   0.782   -9.423  1.00 12.89 ? 99  MET A CA  1 
ATOM   778  C  C   . MET A 1 99  ? 2.683   1.799   -9.307  1.00 13.40 ? 99  MET A C   1 
ATOM   779  O  O   . MET A 1 99  ? 3.082   2.130   -8.154  1.00 14.26 ? 99  MET A O   1 
ATOM   780  C  CB  . MET A 1 99  ? 0.224   1.416   -9.072  1.00 12.77 ? 99  MET A CB  1 
ATOM   781  C  CG  . MET A 1 99  ? -0.963  0.398   -9.151  1.00 14.63 ? 99  MET A CG  1 
ATOM   782  S  SD  . MET A 1 99  ? -2.446  1.022   -8.476  1.00 16.93 ? 99  MET A SD  1 
ATOM   783  C  CE  . MET A 1 99  ? -2.063  1.111   -6.719  1.00 15.99 ? 99  MET A CE  1 
ATOM   784  N  N   . LEU A 1 100 ? 3.224   2.281   -10.420 1.00 13.16 ? 100 LEU A N   1 
ATOM   785  C  CA  . LEU A 1 100 ? 4.319   3.272   -10.303 1.00 12.87 ? 100 LEU A CA  1 
ATOM   786  C  C   . LEU A 1 100 ? 3.814   4.655   -10.725 1.00 12.80 ? 100 LEU A C   1 
ATOM   787  O  O   . LEU A 1 100 ? 2.974   4.797   -11.649 1.00 13.13 ? 100 LEU A O   1 
ATOM   788  C  CB  . LEU A 1 100 ? 5.501   2.932   -11.225 1.00 15.72 ? 100 LEU A CB  1 
ATOM   789  C  CG  . LEU A 1 100 ? 6.289   1.677   -10.908 1.00 17.65 ? 100 LEU A CG  1 
ATOM   790  C  CD1 . LEU A 1 100 ? 7.477   1.547   -11.844 1.00 20.24 ? 100 LEU A CD1 1 
ATOM   791  C  CD2 . LEU A 1 100 ? 6.760   1.615   -9.487  1.00 21.72 ? 100 LEU A CD2 1 
ATOM   792  N  N   . ALA A 1 101 ? 4.419   5.677   -10.125 1.00 12.11 ? 101 ALA A N   1 
ATOM   793  C  CA  . ALA A 1 101 ? 4.216   7.076   -10.513 1.00 12.15 ? 101 ALA A CA  1 
ATOM   794  C  C   . ALA A 1 101 ? 5.552   7.773   -10.381 1.00 12.93 ? 101 ALA A C   1 
ATOM   795  O  O   . ALA A 1 101 ? 6.468   7.296   -9.682  1.00 13.60 ? 101 ALA A O   1 
ATOM   796  C  CB  . ALA A 1 101 ? 3.231   7.785   -9.622  1.00 12.84 ? 101 ALA A CB  1 
ATOM   797  N  N   . VAL A 1 102 ? 5.638   8.906   -11.050 1.00 13.70 ? 102 VAL A N   1 
ATOM   798  C  CA  . VAL A 1 102 ? 6.807   9.792   -10.899 1.00 12.19 ? 102 VAL A CA  1 
ATOM   799  C  C   . VAL A 1 102 ? 6.569   10.652  -9.671  1.00 13.35 ? 102 VAL A C   1 
ATOM   800  O  O   . VAL A 1 102 ? 5.562   11.413  -9.604  1.00 14.98 ? 102 VAL A O   1 
ATOM   801  C  CB  . VAL A 1 102 ? 7.004   10.618  -12.187 1.00 14.07 ? 102 VAL A CB  1 
ATOM   802  C  CG1 . VAL A 1 102 ? 8.097   11.630  -12.004 1.00 14.85 ? 102 VAL A CG1 1 
ATOM   803  C  CG2 . VAL A 1 102 ? 7.277   9.726   -13.383 1.00 15.37 ? 102 VAL A CG2 1 
ATOM   804  N  N   . GLY A 1 103 ? 7.468   10.519  -8.710  1.00 14.17 ? 103 GLY A N   1 
ATOM   805  C  CA  . GLY A 1 103 ? 7.295   11.287  -7.488  1.00 15.73 ? 103 GLY A CA  1 
ATOM   806  C  C   . GLY A 1 103 ? 8.307   10.871  -6.480  1.00 16.22 ? 103 GLY A C   1 
ATOM   807  O  O   . GLY A 1 103 ? 9.035   9.929   -6.719  1.00 17.83 ? 103 GLY A O   1 
ATOM   808  N  N   . HIS A 1 104 ? 8.216   11.490  -5.310  1.00 16.70 ? 104 HIS A N   1 
ATOM   809  C  CA  . HIS A 1 104 ? 9.215   11.302  -4.248  1.00 16.50 ? 104 HIS A CA  1 
ATOM   810  C  C   . HIS A 1 104 ? 8.734   10.232  -3.267  1.00 14.63 ? 104 HIS A C   1 
ATOM   811  O  O   . HIS A 1 104 ? 7.577   10.308  -2.781  1.00 14.72 ? 104 HIS A O   1 
ATOM   812  C  CB  . HIS A 1 104 ? 9.429   12.630  -3.524  1.00 17.01 ? 104 HIS A CB  1 
ATOM   813  C  CG  . HIS A 1 104 ? 10.524  12.483  -2.537  1.00 17.55 ? 104 HIS A CG  1 
ATOM   814  N  ND1 . HIS A 1 104 ? 11.796  12.158  -2.957  1.00 19.38 ? 104 HIS A ND1 1 
ATOM   815  C  CD2 . HIS A 1 104 ? 10.551  12.509  -1.182  1.00 17.68 ? 104 HIS A CD2 1 
ATOM   816  C  CE1 . HIS A 1 104 ? 12.570  12.025  -1.881  1.00 18.95 ? 104 HIS A CE1 1 
ATOM   817  N  NE2 . HIS A 1 104 ? 11.831  12.228  -0.798  1.00 17.25 ? 104 HIS A NE2 1 
ATOM   818  N  N   . SER A 1 105 ? 9.606   9.306   -2.883  1.00 15.20 ? 105 SER A N   1 
ATOM   819  C  CA  . SER A 1 105 ? 9.323   8.235   -1.909  1.00 16.32 ? 105 SER A CA  1 
ATOM   820  C  C   . SER A 1 105 ? 10.650  7.862   -1.254  1.00 20.43 ? 105 SER A C   1 
ATOM   821  O  O   . SER A 1 105 ? 11.543  7.462   -2.009  1.00 22.30 ? 105 SER A O   1 
ATOM   822  C  CB  . SER A 1 105 ? 8.729   7.047   -2.645  1.00 16.42 ? 105 SER A CB  1 
ATOM   823  O  OG  . SER A 1 105 ? 8.483   5.941   -1.783  1.00 21.89 ? 105 SER A OG  1 
ATOM   824  N  N   . GLU A 1 106 ? 10.671  7.844   0.069   1.00 18.12 ? 106 GLU A N   1 
ATOM   825  C  CA  . GLU A 1 106 ? 11.767  7.336   0.932   1.00 19.84 ? 106 GLU A CA  1 
ATOM   826  C  C   . GLU A 1 106 ? 11.212  6.196   1.761   1.00 20.93 ? 106 GLU A C   1 
ATOM   827  O  O   . GLU A 1 106 ? 10.004  5.994   1.847   1.00 19.54 ? 106 GLU A O   1 
ATOM   828  C  CB  . GLU A 1 106 ? 12.269  8.473   1.832   1.00 21.81 ? 106 GLU A CB  1 
ATOM   829  C  CG  . GLU A 1 106 ? 12.819  9.625   1.030   1.00 23.52 ? 106 GLU A CG  1 
ATOM   830  C  CD  . GLU A 1 106 ? 13.364  10.817  1.833   1.00 23.52 ? 106 GLU A CD  1 
ATOM   831  O  OE1 . GLU A 1 106 ? 13.964  10.605  2.872   1.00 25.33 ? 106 GLU A OE1 1 
ATOM   832  O  OE2 . GLU A 1 106 ? 13.168  11.939  1.400   1.00 22.18 ? 106 GLU A OE2 1 
ATOM   833  N  N   . PRO A 1 107 ? 12.056  5.315   2.337   1.00 20.74 ? 107 PRO A N   1 
ATOM   834  C  CA  . PRO A 1 107 ? 11.511  4.155   3.046   1.00 20.69 ? 107 PRO A CA  1 
ATOM   835  C  C   . PRO A 1 107 ? 10.419  4.449   4.092   1.00 20.22 ? 107 PRO A C   1 
ATOM   836  O  O   . PRO A 1 107 ? 9.411   3.712   4.175   1.00 22.12 ? 107 PRO A O   1 
ATOM   837  C  CB  . PRO A 1 107 ? 12.799  3.603   3.683   1.00 22.04 ? 107 PRO A CB  1 
ATOM   838  C  CG  . PRO A 1 107 ? 13.816  3.887   2.616   1.00 22.66 ? 107 PRO A CG  1 
ATOM   839  C  CD  . PRO A 1 107 ? 13.526  5.324   2.238   1.00 21.64 ? 107 PRO A CD  1 
ATOM   840  N  N   . GLY A 1 108 ? 10.575  5.530   4.856   1.00 18.49 ? 108 GLY A N   1 
ATOM   841  C  CA  . GLY A 1 108 ? 9.608   5.940   5.885   1.00 18.49 ? 108 GLY A CA  1 
ATOM   842  C  C   . GLY A 1 108 ? 8.316   6.459   5.299   1.00 16.97 ? 108 GLY A C   1 
ATOM   843  O  O   . GLY A 1 108 ? 7.370   6.672   6.033   1.00 16.78 ? 108 GLY A O   1 
ATOM   844  N  N   . ASP A 1 109 ? 8.292   6.695   3.991   1.00 14.61 ? 109 ASP A N   1 
ATOM   845  C  CA  . ASP A 1 109 ? 7.022   7.057   3.322   1.00 13.20 ? 109 ASP A CA  1 
ATOM   846  C  C   . ASP A 1 109 ? 6.101   5.859   3.141   1.00 12.95 ? 109 ASP A C   1 
ATOM   847  O  O   . ASP A 1 109 ? 4.896   6.109   2.830   1.00 13.69 ? 109 ASP A O   1 
ATOM   848  C  CB  . ASP A 1 109 ? 7.334   7.688   1.983   1.00 12.83 ? 109 ASP A CB  1 
ATOM   849  C  CG  . ASP A 1 109 ? 7.933   9.086   2.121   1.00 13.66 ? 109 ASP A CG  1 
ATOM   850  O  OD1 . ASP A 1 109 ? 7.558   9.773   3.063   1.00 15.03 ? 109 ASP A OD1 1 
ATOM   851  O  OD2 . ASP A 1 109 ? 8.743   9.467   1.252   1.00 15.19 ? 109 ASP A OD2 1 
ATOM   852  N  N   . CYS A 1 110 ? 6.614   4.646   3.246   1.00 13.77 ? 110 CYS A N   1 
ATOM   853  C  CA  . CYS A 1 110 ? 5.751   3.448   3.161   1.00 14.05 ? 110 CYS A CA  1 
ATOM   854  C  C   . CYS A 1 110 ? 4.526   3.616   4.065   1.00 15.43 ? 110 CYS A C   1 
ATOM   855  O  O   . CYS A 1 110 ? 4.669   4.037   5.225   1.00 15.16 ? 110 CYS A O   1 
ATOM   856  C  CB  . CYS A 1 110 ? 6.515   2.167   3.465   1.00 14.55 ? 110 CYS A CB  1 
ATOM   857  S  SG  . CYS A 1 110 ? 7.584   1.737   2.073   1.00 16.91 ? 110 CYS A SG  1 
ATOM   858  N  N   . GLY A 1 111 ? 3.355   3.230   3.565   1.00 13.45 ? 111 GLY A N   1 
ATOM   859  C  CA  . GLY A 1 111 ? 2.096   3.322   4.297   1.00 14.01 ? 111 GLY A CA  1 
ATOM   860  C  C   . GLY A 1 111 ? 1.338   4.610   4.007   1.00 14.43 ? 111 GLY A C   1 
ATOM   861  O  O   . GLY A 1 111 ? 0.134   4.661   4.336   1.00 15.27 ? 111 GLY A O   1 
ATOM   862  N  N   . GLY A 1 112 ? 1.940   5.590   3.336   1.00 14.54 ? 112 GLY A N   1 
ATOM   863  C  CA  . GLY A 1 112 ? 1.199   6.756   2.855   1.00 13.04 ? 112 GLY A CA  1 
ATOM   864  C  C   . GLY A 1 112 ? 0.096   6.287   1.921   1.00 12.71 ? 112 GLY A C   1 
ATOM   865  O  O   . GLY A 1 112 ? 0.358   5.485   1.055   1.00 12.43 ? 112 GLY A O   1 
ATOM   866  N  N   . ILE A 1 113 ? -1.081  6.844   2.095   1.00 12.10 ? 113 ILE A N   1 
ATOM   867  C  CA  . ILE A 1 113 ? -2.229  6.427   1.241   1.00 12.34 ? 113 ILE A CA  1 
ATOM   868  C  C   . ILE A 1 113 ? -2.246  7.168   -0.077  1.00 11.57 ? 113 ILE A C   1 
ATOM   869  O  O   . ILE A 1 113 ? -2.061  8.418   -0.102  1.00 12.31 ? 113 ILE A O   1 
ATOM   870  C  CB  . ILE A 1 113 ? -3.510  6.565   2.017   1.00 13.45 ? 113 ILE A CB  1 
ATOM   871  C  CG1 . ILE A 1 113 ? -3.585  5.455   3.052   1.00 16.26 ? 113 ILE A CG1 1 
ATOM   872  C  CG2 . ILE A 1 113 ? -4.711  6.565   1.064   1.00 15.72 ? 113 ILE A CG2 1 
ATOM   873  C  CD1 . ILE A 1 113 ? -4.749  5.612   4.031   1.00 18.21 ? 113 ILE A CD1 1 
ATOM   874  N  N   . LEU A 1 114 ? -2.579  6.432   -1.136  1.00 11.15 ? 114 LEU A N   1 
ATOM   875  C  CA  . LEU A 1 114 ? -2.941  6.958   -2.455  1.00 11.11 ? 114 LEU A CA  1 
ATOM   876  C  C   . LEU A 1 114 ? -4.443  6.879   -2.536  1.00 12.73 ? 114 LEU A C   1 
ATOM   877  O  O   . LEU A 1 114 ? -5.007  5.787   -2.290  1.00 12.02 ? 114 LEU A O   1 
ATOM   878  C  CB  . LEU A 1 114 ? -2.275  6.092   -3.529  1.00 11.23 ? 114 LEU A CB  1 
ATOM   879  C  CG  . LEU A 1 114 ? -2.686  6.395   -4.970  1.00 11.34 ? 114 LEU A CG  1 
ATOM   880  C  CD1 . LEU A 1 114 ? -2.202  7.788   -5.390  1.00 12.63 ? 114 LEU A CD1 1 
ATOM   881  C  CD2 . LEU A 1 114 ? -2.182  5.300   -5.884  1.00 11.75 ? 114 LEU A CD2 1 
ATOM   882  N  N   . ARG A 1 115 ? -5.061  8.004   -2.897  0.50 12.20 ? 115 ARG A N   1 
ATOM   883  C  CA  . ARG A 1 115 ? -6.536  8.156   -2.966  0.50 12.95 ? 115 ARG A CA  1 
ATOM   884  C  C   . ARG A 1 115 ? -6.935  8.649   -4.357  0.50 13.20 ? 115 ARG A C   1 
ATOM   885  O  O   . ARG A 1 115 ? -6.209  9.443   -4.966  0.50 12.48 ? 115 ARG A O   1 
ATOM   886  C  CB  . ARG A 1 115 ? -7.037  9.145   -1.913  0.50 13.86 ? 115 ARG A CB  1 
ATOM   887  C  CG  . ARG A 1 115 ? -6.780  8.733   -0.472  0.50 15.81 ? 115 ARG A CG  1 
ATOM   888  C  CD  . ARG A 1 115 ? -7.534  9.608   0.510   0.50 17.36 ? 115 ARG A CD  1 
ATOM   889  N  NE  . ARG A 1 115 ? -8.963  9.553   0.254   0.50 20.06 ? 115 ARG A NE  1 
ATOM   890  C  CZ  . ARG A 1 115 ? -9.814  8.782   0.920   0.50 21.46 ? 115 ARG A CZ  1 
ATOM   891  N  NH1 . ARG A 1 115 ? -9.393  8.050   1.942   0.50 24.14 ? 115 ARG A NH1 1 
ATOM   892  N  NH2 . ARG A 1 115 ? -11.089 8.778   0.592   0.50 21.58 ? 115 ARG A NH2 1 
ATOM   893  N  N   . CYS A 1 116 ? -8.066  8.161   -4.846  1.00 14.33 ? 116 CYS A N   1 
ATOM   894  C  CA  . CYS A 1 116 ? -8.771  8.747   -6.015  1.00 15.68 ? 116 CYS A CA  1 
ATOM   895  C  C   . CYS A 1 116 ? -10.125 9.250   -5.524  1.00 18.41 ? 116 CYS A C   1 
ATOM   896  O  O   . CYS A 1 116 ? -10.409 9.186   -4.357  1.00 18.93 ? 116 CYS A O   1 
ATOM   897  C  CB  . CYS A 1 116 ? -8.858  7.700   -7.101  1.00 14.05 ? 116 CYS A CB  1 
ATOM   898  S  SG  . CYS A 1 116 ? -9.948  6.307   -6.664  1.00 15.17 ? 116 CYS A SG  1 
ATOM   899  N  N   . GLN A 1 117 ? -10.942 9.709   -6.477  0.50 21.24 ? 117 GLN A N   1 
ATOM   900  C  CA  . GLN A 1 117 ? -12.341 10.167  -6.269  0.50 23.95 ? 117 GLN A CA  1 
ATOM   901  C  C   . GLN A 1 117 ? -13.152 9.100   -5.517  0.50 23.16 ? 117 GLN A C   1 
ATOM   902  O  O   . GLN A 1 117 ? -14.037 9.487   -4.721  0.50 26.32 ? 117 GLN A O   1 
ATOM   903  C  CB  . GLN A 1 117 ? -12.955 10.487  -7.633  0.50 26.08 ? 117 GLN A CB  1 
ATOM   904  C  CG  . GLN A 1 117 ? -13.022 9.290   -8.569  0.50 27.68 ? 117 GLN A CG  1 
ATOM   905  C  CD  . GLN A 1 117 ? -12.369 9.566   -9.900  0.50 30.33 ? 117 GLN A CD  1 
ATOM   906  O  OE1 . GLN A 1 117 ? -11.155 9.433   -10.054 0.50 33.12 ? 117 GLN A OE1 1 
ATOM   907  N  NE2 . GLN A 1 117 ? -13.173 9.946   -10.879 0.50 29.55 ? 117 GLN A NE2 1 
ATOM   908  N  N   . HIS A 1 118 ? -12.834 7.816   -5.732  1.00 21.16 ? 118 HIS A N   1 
ATOM   909  C  CA  . HIS A 1 118 ? -13.593 6.652   -5.212  1.00 19.38 ? 118 HIS A CA  1 
ATOM   910  C  C   . HIS A 1 118 ? -13.130 6.177   -3.826  1.00 18.92 ? 118 HIS A C   1 
ATOM   911  O  O   . HIS A 1 118 ? -13.808 5.347   -3.211  1.00 21.61 ? 118 HIS A O   1 
ATOM   912  C  CB  . HIS A 1 118 ? -13.507 5.536   -6.231  1.00 17.72 ? 118 HIS A CB  1 
ATOM   913  C  CG  . HIS A 1 118 ? -13.903 5.923   -7.612  1.00 18.94 ? 118 HIS A CG  1 
ATOM   914  N  ND1 . HIS A 1 118 ? -13.016 6.037   -8.641  1.00 16.90 ? 118 HIS A ND1 1 
ATOM   915  C  CD2 . HIS A 1 118 ? -15.134 6.083   -8.162  1.00 22.59 ? 118 HIS A CD2 1 
ATOM   916  C  CE1 . HIS A 1 118 ? -13.652 6.372   -9.749  1.00 23.91 ? 118 HIS A CE1 1 
ATOM   917  N  NE2 . HIS A 1 118 ? -14.952 6.384   -9.480  1.00 22.18 ? 118 HIS A NE2 1 
ATOM   918  N  N   . GLY A 1 119 ? -11.986 6.648   -3.329  1.00 17.11 ? 119 GLY A N   1 
ATOM   919  C  CA  . GLY A 1 119 ? -11.474 6.160   -2.053  1.00 15.70 ? 119 GLY A CA  1 
ATOM   920  C  C   . GLY A 1 119 ? -10.009 5.768   -2.108  1.00 14.42 ? 119 GLY A C   1 
ATOM   921  O  O   . GLY A 1 119 ? -9.266  6.222   -2.982  1.00 15.44 ? 119 GLY A O   1 
ATOM   922  N  N   . VAL A 1 120 ? -9.659  4.868   -1.200  1.00 13.43 ? 120 VAL A N   1 
ATOM   923  C  CA  . VAL A 1 120 ? -8.267  4.401   -1.029  1.00 13.73 ? 120 VAL A CA  1 
ATOM   924  C  C   . VAL A 1 120 ? -7.936  3.451   -2.150  1.00 13.66 ? 120 VAL A C   1 
ATOM   925  O  O   . VAL A 1 120 ? -8.664  2.431   -2.376  1.00 13.65 ? 120 VAL A O   1 
ATOM   926  C  CB  . VAL A 1 120 ? -8.061  3.756   0.331   1.00 14.42 ? 120 VAL A CB  1 
ATOM   927  C  CG1 . VAL A 1 120 ? -6.699  3.128   0.403   1.00 14.01 ? 120 VAL A CG1 1 
ATOM   928  C  CG2 . VAL A 1 120 ? -8.258  4.775   1.444   1.00 15.34 ? 120 VAL A CG2 1 
ATOM   929  N  N   . VAL A 1 121 ? -6.855  3.767   -2.859  1.00 13.84 ? 121 VAL A N   1 
ATOM   930  C  CA  . VAL A 1 121 ? -6.341  2.928   -3.969  1.00 12.63 ? 121 VAL A CA  1 
ATOM   931  C  C   . VAL A 1 121 ? -5.260  1.958   -3.482  1.00 13.39 ? 121 VAL A C   1 
ATOM   932  O  O   . VAL A 1 121 ? -5.194  0.820   -3.881  1.00 13.46 ? 121 VAL A O   1 
ATOM   933  C  CB  . VAL A 1 121 ? -5.808  3.853   -5.071  1.00 13.69 ? 121 VAL A CB  1 
ATOM   934  C  CG1 . VAL A 1 121 ? -5.160  3.088   -6.183  1.00 14.68 ? 121 VAL A CG1 1 
ATOM   935  C  CG2 . VAL A 1 121 ? -6.941  4.740   -5.572  1.00 13.46 ? 121 VAL A CG2 1 
ATOM   936  N  N   . GLY A 1 122 ? -4.377  2.465   -2.626  1.00 12.58 ? 122 GLY A N   1 
ATOM   937  C  CA  . GLY A 1 122 ? -3.250  1.652   -2.178  1.00 12.97 ? 122 GLY A CA  1 
ATOM   938  C  C   . GLY A 1 122 ? -2.388  2.439   -1.228  1.00 11.43 ? 122 GLY A C   1 
ATOM   939  O  O   . GLY A 1 122 ? -2.752  3.514   -0.793  1.00 13.30 ? 122 GLY A O   1 
ATOM   940  N  N   . ILE A 1 123 ? -1.259  1.866   -0.925  1.00 11.50 ? 123 ILE A N   1 
ATOM   941  C  CA  . ILE A 1 123 ? -0.290  2.457   0.021   1.00 12.56 ? 123 ILE A CA  1 
ATOM   942  C  C   . ILE A 1 123 ? 1.097   2.470   -0.617  1.00 11.42 ? 123 ILE A C   1 
ATOM   943  O  O   . ILE A 1 123 ? 1.490   1.540   -1.311  1.00 12.02 ? 123 ILE A O   1 
ATOM   944  C  CB  . ILE A 1 123 ? -0.292  1.751   1.367   1.00 12.68 ? 123 ILE A CB  1 
ATOM   945  C  CG1 . ILE A 1 123 ? -0.079  0.234   1.259   1.00 13.58 ? 123 ILE A CG1 1 
ATOM   946  C  CG2 . ILE A 1 123 ? -1.523  2.173   2.138   1.00 14.18 ? 123 ILE A CG2 1 
ATOM   947  C  CD1 . ILE A 1 123 ? 0.187   -0.436  2.590   1.00 15.18 ? 123 ILE A CD1 1 
ATOM   948  N  N   . VAL A 1 124 ? 1.869   3.500   -0.272  1.00 11.08 ? 124 VAL A N   1 
ATOM   949  C  CA  . VAL A 1 124 ? 3.288   3.560   -0.684  1.00 11.95 ? 124 VAL A CA  1 
ATOM   950  C  C   . VAL A 1 124 ? 4.017   2.297   -0.235  1.00 13.15 ? 124 VAL A C   1 
ATOM   951  O  O   . VAL A 1 124 ? 3.904   1.913   0.936   1.00 12.40 ? 124 VAL A O   1 
ATOM   952  C  CB  . VAL A 1 124 ? 3.975   4.822   -0.155  1.00 12.57 ? 124 VAL A CB  1 
ATOM   953  C  CG1 . VAL A 1 124 ? 5.470   4.789   -0.484  1.00 13.29 ? 124 VAL A CG1 1 
ATOM   954  C  CG2 . VAL A 1 124 ? 3.320   6.092   -0.654  1.00 13.25 ? 124 VAL A CG2 1 
ATOM   955  N  N   . SER A 1 125 ? 4.739   1.677   -1.161  1.00 13.27 ? 125 SER A N   1 
ATOM   956  C  CA  . SER A 1 125 ? 5.475   0.418   -0.880  1.00 13.69 ? 125 SER A CA  1 
ATOM   957  C  C   . SER A 1 125 ? 6.926   0.446   -1.326  1.00 17.37 ? 125 SER A C   1 
ATOM   958  O  O   . SER A 1 125 ? 7.774   -0.165  -0.656  1.00 17.87 ? 125 SER A O   1 
ATOM   959  C  CB  . SER A 1 125 ? 4.738   -0.707  -1.523  1.00 14.02 ? 125 SER A CB  1 
ATOM   960  O  OG  . SER A 1 125 ? 5.430   -1.949  -1.374  1.00 15.12 ? 125 SER A OG  1 
ATOM   961  N  N   . THR A 1 126 ? 7.218   1.182   -2.384  1.00 15.86 ? 126 THR A N   1 
ATOM   962  C  CA  . THR A 1 126 ? 8.578   1.217   -2.987  1.00 17.57 ? 126 THR A CA  1 
ATOM   963  C  C   . THR A 1 126 ? 8.932   2.634   -3.367  1.00 16.80 ? 126 THR A C   1 
ATOM   964  O  O   . THR A 1 126 ? 8.080   3.535   -3.462  1.00 16.14 ? 126 THR A O   1 
ATOM   965  C  CB  . THR A 1 126 ? 8.705   0.296   -4.212  1.00 18.42 ? 126 THR A CB  1 
ATOM   966  O  OG1 . THR A 1 126 ? 7.923   0.793   -5.310  1.00 20.16 ? 126 THR A OG1 1 
ATOM   967  C  CG2 . THR A 1 126 ? 8.290   -1.120  -3.915  1.00 19.11 ? 126 THR A CG2 1 
ATOM   968  N  N   . GLY A 1 127 ? 10.206  2.861   -3.687  1.00 17.43 ? 127 GLY A N   1 
ATOM   969  C  CA  . GLY A 1 127 ? 10.592  4.204   -4.123  1.00 19.69 ? 127 GLY A CA  1 
ATOM   970  C  C   . GLY A 1 127 ? 12.006  4.183   -4.686  1.00 24.04 ? 127 GLY A C   1 
ATOM   971  O  O   . GLY A 1 127 ? 12.577  3.137   -4.666  1.00 28.92 ? 127 GLY A O   1 
ATOM   972  N  N   . GLY A 1 128 ? 12.565  5.347   -4.965  1.00 31.34 ? 128 GLY A N   1 
ATOM   973  C  CA  . GLY A 1 128 ? 13.915  5.462   -5.543  1.00 31.68 ? 128 GLY A CA  1 
ATOM   974  C  C   . GLY A 1 128 ? 13.860  5.744   -7.035  1.00 32.67 ? 128 GLY A C   1 
ATOM   975  O  O   . GLY A 1 128 ? 12.834  5.446   -7.693  1.00 26.77 ? 128 GLY A O   1 
ATOM   976  N  N   . ASN A 1 129 ? 14.942  6.311   -7.561  1.00 32.06 ? 129 ASN A N   1 
ATOM   977  C  CA  . ASN A 1 129 ? 15.077  6.730   -8.982  1.00 32.34 ? 129 ASN A CA  1 
ATOM   978  C  C   . ASN A 1 129 ? 13.927  7.662   -9.367  1.00 26.23 ? 129 ASN A C   1 
ATOM   979  O  O   . ASN A 1 129 ? 13.545  7.601   -10.550 1.00 27.87 ? 129 ASN A O   1 
ATOM   980  C  CB  . ASN A 1 129 ? 15.109  5.538   -9.940  1.00 36.72 ? 129 ASN A CB  1 
ATOM   981  C  CG  . ASN A 1 129 ? 16.289  4.620   -9.675  1.00 43.70 ? 129 ASN A CG  1 
ATOM   982  O  OD1 . ASN A 1 129 ? 16.990  4.785   -8.678  1.00 59.15 ? 129 ASN A OD1 1 
ATOM   983  N  ND2 . ASN A 1 129 ? 16.509  3.649   -10.544 1.00 37.33 ? 129 ASN A ND2 1 
ATOM   984  N  N   . GLY A 1 130 ? 13.436  8.501   -8.446  1.00 24.32 ? 130 GLY A N   1 
ATOM   985  C  CA  . GLY A 1 130 ? 12.387  9.491   -8.738  1.00 19.23 ? 130 GLY A CA  1 
ATOM   986  C  C   . GLY A 1 130 ? 11.026  8.860   -9.017  1.00 18.12 ? 130 GLY A C   1 
ATOM   987  O  O   . GLY A 1 130 ? 10.167  9.553   -9.526  1.00 16.45 ? 130 GLY A O   1 
ATOM   988  N  N   . LEU A 1 131 ? 10.826  7.621   -8.612  1.00 17.23 ? 131 LEU A N   1 
ATOM   989  C  CA  . LEU A 1 131 ? 9.542   6.929   -8.760  1.00 16.69 ? 131 LEU A CA  1 
ATOM   990  C  C   . LEU A 1 131 ? 9.005   6.579   -7.374  1.00 16.55 ? 131 LEU A C   1 
ATOM   991  O  O   . LEU A 1 131 ? 9.742   6.458   -6.380  1.00 18.34 ? 131 LEU A O   1 
ATOM   992  C  CB  . LEU A 1 131 ? 9.716   5.657   -9.570  1.00 19.46 ? 131 LEU A CB  1 
ATOM   993  C  CG  . LEU A 1 131 ? 10.310  5.897   -10.966 1.00 22.41 ? 131 LEU A CG  1 
ATOM   994  C  CD1 . LEU A 1 131 ? 10.921  4.626   -11.506 1.00 24.49 ? 131 LEU A CD1 1 
ATOM   995  C  CD2 . LEU A 1 131 ? 9.237   6.457   -11.866 1.00 23.78 ? 131 LEU A CD2 1 
ATOM   996  N  N   . VAL A 1 132 ? 7.706   6.427   -7.340  1.00 13.22 ? 132 VAL A N   1 
ATOM   997  C  CA  . VAL A 1 132 ? 7.022   5.938   -6.123  1.00 13.24 ? 132 VAL A CA  1 
ATOM   998  C  C   . VAL A 1 132 ? 6.159   4.780   -6.567  1.00 13.23 ? 132 VAL A C   1 
ATOM   999  O  O   . VAL A 1 132 ? 5.484   4.904   -7.603  1.00 14.27 ? 132 VAL A O   1 
ATOM   1000 C  CB  . VAL A 1 132 ? 6.227   7.059   -5.453  1.00 15.11 ? 132 VAL A CB  1 
ATOM   1001 C  CG1 . VAL A 1 132 ? 5.325   7.816   -6.391  1.00 16.50 ? 132 VAL A CG1 1 
ATOM   1002 C  CG2 . VAL A 1 132 ? 5.447   6.531   -4.242  1.00 14.91 ? 132 VAL A CG2 1 
ATOM   1003 N  N   . GLY A 1 133 ? 6.239   3.683   -5.828  1.00 12.80 ? 133 GLY A N   1 
ATOM   1004 C  CA  . GLY A 1 133 ? 5.428   2.506   -6.086  1.00 12.82 ? 133 GLY A CA  1 
ATOM   1005 C  C   . GLY A 1 133 ? 4.406   2.307   -4.994  1.00 12.72 ? 133 GLY A C   1 
ATOM   1006 O  O   . GLY A 1 133 ? 4.762   2.412   -3.792  1.00 14.76 ? 133 GLY A O   1 
ATOM   1007 N  N   . PHE A 1 134 ? 3.184   2.031   -5.386  1.00 11.63 ? 134 PHE A N   1 
ATOM   1008 C  CA  . PHE A 1 134 ? 2.035   1.822   -4.491  1.00 11.48 ? 134 PHE A CA  1 
ATOM   1009 C  C   . PHE A 1 134 ? 1.561   0.383   -4.649  1.00 12.39 ? 134 PHE A C   1 
ATOM   1010 O  O   . PHE A 1 134 ? 1.303   -0.068  -5.772  1.00 11.72 ? 134 PHE A O   1 
ATOM   1011 C  CB  . PHE A 1 134 ? 0.876   2.746   -4.823  1.00 11.11 ? 134 PHE A CB  1 
ATOM   1012 C  CG  . PHE A 1 134 ? 1.278   4.192   -4.930  1.00 10.71 ? 134 PHE A CG  1 
ATOM   1013 C  CD1 . PHE A 1 134 ? 1.323   4.996   -3.825  1.00 11.62 ? 134 PHE A CD1 1 
ATOM   1014 C  CD2 . PHE A 1 134 ? 1.575   4.747   -6.169  1.00 12.42 ? 134 PHE A CD2 1 
ATOM   1015 C  CE1 . PHE A 1 134 ? 1.670   6.330   -3.951  1.00 12.00 ? 134 PHE A CE1 1 
ATOM   1016 C  CE2 . PHE A 1 134 ? 1.908   6.084   -6.291  1.00 13.19 ? 134 PHE A CE2 1 
ATOM   1017 C  CZ  . PHE A 1 134 ? 1.961   6.874   -5.170  1.00 13.02 ? 134 PHE A CZ  1 
ATOM   1018 N  N   . ALA A 1 135 ? 1.342   -0.265  -3.510  1.00 12.39 ? 135 ALA A N   1 
ATOM   1019 C  CA  . ALA A 1 135 ? 0.706   -1.587  -3.423  1.00 11.52 ? 135 ALA A CA  1 
ATOM   1020 C  C   . ALA A 1 135 ? -0.791  -1.362  -3.561  1.00 12.11 ? 135 ALA A C   1 
ATOM   1021 O  O   . ALA A 1 135 ? -1.428  -0.694  -2.739  1.00 12.31 ? 135 ALA A O   1 
ATOM   1022 C  CB  . ALA A 1 135 ? 1.064   -2.278  -2.125  1.00 11.91 ? 135 ALA A CB  1 
ATOM   1023 N  N   . ASP A 1 136 ? -1.367  -1.882  -4.631  1.00 12.57 ? 136 ASP A N   1 
ATOM   1024 C  CA  . ASP A 1 136 ? -2.803  -1.752  -4.870  1.00 12.91 ? 136 ASP A CA  1 
ATOM   1025 C  C   . ASP A 1 136 ? -3.573  -2.556  -3.816  1.00 12.99 ? 136 ASP A C   1 
ATOM   1026 O  O   . ASP A 1 136 ? -3.125  -3.668  -3.473  1.00 14.17 ? 136 ASP A O   1 
ATOM   1027 C  CB  . ASP A 1 136 ? -3.157  -2.267  -6.268  1.00 13.79 ? 136 ASP A CB  1 
ATOM   1028 C  CG  . ASP A 1 136 ? -4.615  -2.089  -6.629  1.00 15.32 ? 136 ASP A CG  1 
ATOM   1029 O  OD1 . ASP A 1 136 ? -5.139  -0.994  -6.506  1.00 14.53 ? 136 ASP A OD1 1 
ATOM   1030 O  OD2 . ASP A 1 136 ? -5.265  -3.104  -6.989  1.00 19.31 ? 136 ASP A OD2 1 
ATOM   1031 N  N   . VAL A 1 137 ? -4.746  -2.092  -3.426  1.00 13.03 ? 137 VAL A N   1 
ATOM   1032 C  CA  . VAL A 1 137 ? -5.676  -2.866  -2.558  1.00 13.65 ? 137 VAL A CA  1 
ATOM   1033 C  C   . VAL A 1 137 ? -7.059  -2.977  -3.200  1.00 14.37 ? 137 VAL A C   1 
ATOM   1034 O  O   . VAL A 1 137 ? -7.968  -3.530  -2.601  1.00 15.09 ? 137 VAL A O   1 
ATOM   1035 C  CB  . VAL A 1 137 ? -5.778  -2.247  -1.158  1.00 13.87 ? 137 VAL A CB  1 
ATOM   1036 C  CG1 . VAL A 1 137 ? -4.431  -2.263  -0.455  1.00 14.26 ? 137 VAL A CG1 1 
ATOM   1037 C  CG2 . VAL A 1 137 ? -6.392  -0.854  -1.174  1.00 13.44 ? 137 VAL A CG2 1 
ATOM   1038 N  N   . ARG A 1 138 ? -7.266  -2.323  -4.343  1.00 14.13 ? 138 ARG A N   1 
ATOM   1039 C  CA  . ARG A 1 138 ? -8.627  -2.247  -4.917  1.00 13.67 ? 138 ARG A CA  1 
ATOM   1040 C  C   . ARG A 1 138 ? -9.167  -3.624  -5.287  1.00 14.41 ? 138 ARG A C   1 
ATOM   1041 O  O   . ARG A 1 138 ? -10.405 -3.700  -5.417  1.00 16.71 ? 138 ARG A O   1 
ATOM   1042 C  CB  . ARG A 1 138 ? -8.596  -1.327  -6.138  1.00 14.05 ? 138 ARG A CB  1 
ATOM   1043 C  CG  . ARG A 1 138 ? -8.316  0.119   -5.788  1.00 14.47 ? 138 ARG A CG  1 
ATOM   1044 C  CD  . ARG A 1 138 ? -8.289  0.942   -7.049  1.00 13.54 ? 138 ARG A CD  1 
ATOM   1045 N  NE  . ARG A 1 138 ? -7.153  0.602   -7.823  1.00 13.38 ? 138 ARG A NE  1 
ATOM   1046 C  CZ  . ARG A 1 138 ? -6.759  1.239   -8.922  1.00 13.88 ? 138 ARG A CZ  1 
ATOM   1047 N  NH1 . ARG A 1 138 ? -7.543  2.166   -9.455  1.00 15.14 ? 138 ARG A NH1 1 
ATOM   1048 N  NH2 . ARG A 1 138 ? -5.594  0.940   -9.450  1.00 14.37 ? 138 ARG A NH2 1 
ATOM   1049 N  N   . ASP A 1 139 ? -8.319  -4.604  -5.557  1.00 13.95 ? 139 ASP A N   1 
ATOM   1050 C  CA  . ASP A 1 139 ? -8.751  -5.970  -5.948  1.00 15.72 ? 139 ASP A CA  1 
ATOM   1051 C  C   . ASP A 1 139 ? -9.161  -6.756  -4.698  1.00 18.40 ? 139 ASP A C   1 
ATOM   1052 O  O   . ASP A 1 139 ? -9.806  -7.815  -4.881  1.00 20.90 ? 139 ASP A O   1 
ATOM   1053 C  CB  . ASP A 1 139 ? -7.653  -6.673  -6.725  1.00 17.61 ? 139 ASP A CB  1 
ATOM   1054 C  CG  . ASP A 1 139 ? -6.449  -7.016  -5.887  1.00 21.11 ? 139 ASP A CG  1 
ATOM   1055 O  OD1 . ASP A 1 139 ? -6.042  -6.140  -5.104  1.00 19.71 ? 139 ASP A OD1 1 
ATOM   1056 O  OD2 . ASP A 1 139 ? -5.914  -8.130  -6.029  1.00 21.52 ? 139 ASP A OD2 1 
ATOM   1057 N  N   . LEU A 1 140 ? -8.924  -6.252  -3.476  1.00 17.18 ? 140 LEU A N   1 
ATOM   1058 C  CA  . LEU A 1 140 ? -9.225  -7.061  -2.252  1.00 17.30 ? 140 LEU A CA  1 
ATOM   1059 C  C   . LEU A 1 140 ? -10.653 -6.782  -1.817  1.00 16.78 ? 140 LEU A C   1 
ATOM   1060 O  O   . LEU A 1 140 ? -10.919 -5.989  -0.889  1.00 17.01 ? 140 LEU A O   1 
ATOM   1061 C  CB  . LEU A 1 140 ? -8.199  -6.703  -1.173  1.00 16.85 ? 140 LEU A CB  1 
ATOM   1062 C  CG  . LEU A 1 140 ? -6.747  -6.898  -1.571  1.00 16.27 ? 140 LEU A CG  1 
ATOM   1063 C  CD1 . LEU A 1 140 ? -5.827  -6.383  -0.478  1.00 17.46 ? 140 LEU A CD1 1 
ATOM   1064 C  CD2 . LEU A 1 140 ? -6.396  -8.331  -1.925  1.00 18.66 ? 140 LEU A CD2 1 
ATOM   1065 N  N   . LEU A 1 141 ? -11.610 -7.394  -2.556  1.00 16.90 ? 141 LEU A N   1 
ATOM   1066 C  CA  . LEU A 1 141 ? -13.020 -7.047  -2.378  1.00 18.23 ? 141 LEU A CA  1 
ATOM   1067 C  C   . LEU A 1 141 ? -13.507 -7.476  -0.990  1.00 19.31 ? 141 LEU A C   1 
ATOM   1068 O  O   . LEU A 1 141 ? -14.367 -6.800  -0.457  1.00 21.70 ? 141 LEU A O   1 
ATOM   1069 C  CB  . LEU A 1 141 ? -13.911 -7.704  -3.442  1.00 20.59 ? 141 LEU A CB  1 
ATOM   1070 C  CG  . LEU A 1 141 ? -13.486 -7.540  -4.877  1.00 21.05 ? 141 LEU A CG  1 
ATOM   1071 C  CD1 . LEU A 1 141 ? -14.660 -7.937  -5.778  1.00 21.00 ? 141 LEU A CD1 1 
ATOM   1072 C  CD2 . LEU A 1 141 ? -13.043 -6.124  -5.204  1.00 21.76 ? 141 LEU A CD2 1 
ATOM   1073 N  N   . TRP A 1 142 ? -12.887 -8.519  -0.449  1.00 20.33 ? 142 TRP A N   1 
ATOM   1074 C  CA  . TRP A 1 142 ? -13.224 -9.052  0.887   1.00 21.47 ? 142 TRP A CA  1 
ATOM   1075 C  C   . TRP A 1 142 ? -12.962 -8.033  1.984   1.00 22.26 ? 142 TRP A C   1 
ATOM   1076 O  O   . TRP A 1 142 ? -13.538 -8.181  3.069   1.00 23.84 ? 142 TRP A O   1 
ATOM   1077 C  CB  . TRP A 1 142 ? -12.488 -10.352 1.105   1.00 21.27 ? 142 TRP A CB  1 
ATOM   1078 C  CG  . TRP A 1 142 ? -11.000 -10.278 0.993   1.00 21.91 ? 142 TRP A CG  1 
ATOM   1079 C  CD1 . TRP A 1 142 ? -10.244 -10.616 -0.089  1.00 22.52 ? 142 TRP A CD1 1 
ATOM   1080 C  CD2 . TRP A 1 142 ? -10.068 -9.869  2.022   1.00 19.12 ? 142 TRP A CD2 1 
ATOM   1081 N  NE1 . TRP A 1 142 ? -8.916  -10.471 0.193   1.00 22.12 ? 142 TRP A NE1 1 
ATOM   1082 C  CE2 . TRP A 1 142 ? -8.783  -10.043 1.488   1.00 20.76 ? 142 TRP A CE2 1 
ATOM   1083 C  CE3 . TRP A 1 142 ? -10.206 -9.466  3.359   1.00 20.06 ? 142 TRP A CE3 1 
ATOM   1084 C  CZ2 . TRP A 1 142 ? -7.634  -9.772  2.220   1.00 22.17 ? 142 TRP A CZ2 1 
ATOM   1085 C  CZ3 . TRP A 1 142 ? -9.063  -9.217  4.087   1.00 22.05 ? 142 TRP A CZ3 1 
ATOM   1086 C  CH2 . TRP A 1 142 ? -7.803  -9.351  3.519   1.00 21.17 ? 142 TRP A CH2 1 
ATOM   1087 N  N   . LEU A 1 143 ? -12.179 -6.982  1.758   1.00 20.48 ? 143 LEU A N   1 
ATOM   1088 C  CA  . LEU A 1 143 ? -11.956 -5.968  2.815   1.00 23.29 ? 143 LEU A CA  1 
ATOM   1089 C  C   . LEU A 1 143 ? -13.274 -5.304  3.220   1.00 28.17 ? 143 LEU A C   1 
ATOM   1090 O  O   . LEU A 1 143 ? -13.304 -4.774  4.330   1.00 26.33 ? 143 LEU A O   1 
ATOM   1091 C  CB  . LEU A 1 143 ? -10.984 -4.895  2.322   1.00 22.25 ? 143 LEU A CB  1 
ATOM   1092 C  CG  . LEU A 1 143 ? -9.522  -5.303  2.220   1.00 20.55 ? 143 LEU A CG  1 
ATOM   1093 C  CD1 . LEU A 1 143 ? -8.759  -4.169  1.578   1.00 23.15 ? 143 LEU A CD1 1 
ATOM   1094 C  CD2 . LEU A 1 143 ? -8.909  -5.637  3.583   1.00 23.26 ? 143 LEU A CD2 1 
ATOM   1095 N  N   . ASP A 1 144 ? -14.284 -5.248  2.328   1.00 29.46 ? 144 ASP A N   1 
ATOM   1096 C  CA  . ASP A 1 144 ? -15.658 -4.778  2.674   1.00 38.71 ? 144 ASP A CA  1 
ATOM   1097 C  C   . ASP A 1 144 ? -16.659 -5.927  2.857   1.00 46.92 ? 144 ASP A C   1 
ATOM   1098 O  O   . ASP A 1 144 ? -17.639 -5.930  2.098   1.00 55.66 ? 144 ASP A O   1 
ATOM   1099 C  CB  . ASP A 1 144 ? -16.276 -3.945  1.558   1.00 42.82 ? 144 ASP A CB  1 
ATOM   1100 C  CG  . ASP A 1 144 ? -15.445 -2.747  1.199   1.00 42.74 ? 144 ASP A CG  1 
ATOM   1101 O  OD1 . ASP A 1 144 ? -15.157 -1.950  2.131   1.00 43.00 ? 144 ASP A OD1 1 
ATOM   1102 O  OD2 . ASP A 1 144 ? -15.067 -2.660  0.018   1.00 45.36 ? 144 ASP A OD2 1 
ATOM   1103 N  N   . GLU A 1 145 ? -16.440 -6.847  3.798   1.00 57.64 ? 145 GLU A N   1 
ATOM   1104 C  CA  . GLU A 1 145 ? -17.505 -7.694  4.423   1.00 67.71 ? 145 GLU A CA  1 
ATOM   1105 C  C   . GLU A 1 145 ? -16.916 -8.562  5.543   1.00 76.32 ? 145 GLU A C   1 
ATOM   1106 O  O   . GLU A 1 145 ? -15.736 -8.971  5.414   1.00 79.85 ? 145 GLU A O   1 
ATOM   1107 C  CB  . GLU A 1 145 ? -18.216 -8.615  3.428   1.00 68.84 ? 145 GLU A CB  1 
ATOM   1108 C  CG  . GLU A 1 145 ? -17.302 -9.595  2.707   1.00 68.91 ? 145 GLU A CG  1 
ATOM   1109 C  CD  . GLU A 1 145 ? -17.240 -9.393  1.206   1.00 67.12 ? 145 GLU A CD  1 
ATOM   1110 O  OE1 . GLU A 1 145 ? -16.989 -10.386 0.471   1.00 58.67 ? 145 GLU A OE1 1 
ATOM   1111 O  OE2 . GLU A 1 145 ? -17.464 -8.244  0.779   1.00 61.97 ? 145 GLU A OE2 1 
ATOM   1112 N  N   . GLU A 1 146 ? -17.732 -8.840  6.574   1.00 87.18 ? 146 GLU A N   1 
ATOM   1113 C  CA  . GLU A 1 146 ? -17.421 -9.662  7.785   1.00 89.07 ? 146 GLU A CA  1 
ATOM   1114 C  C   . GLU A 1 146 ? -15.908 -9.668  8.067   1.00 91.43 ? 146 GLU A C   1 
ATOM   1115 O  O   . GLU A 1 146 ? -15.373 -9.080  9.022   1.00 79.77 ? 146 GLU A O   1 
ATOM   1116 C  CB  . GLU A 1 146 ? -17.976 -11.079 7.606   1.00 92.66 ? 146 GLU A CB  1 
ATOM   1117 C  CG  . GLU A 1 146 ? -17.390 -11.841 6.419   1.00 91.18 ? 146 GLU A CG  1 
ATOM   1118 C  CD  . GLU A 1 146 ? -16.198 -12.738 6.722   1.00 87.50 ? 146 GLU A CD  1 
ATOM   1119 O  OE1 . GLU A 1 146 ? -15.493 -12.485 7.722   1.00 87.44 ? 146 GLU A OE1 1 
ATOM   1120 O  OE2 . GLU A 1 146 ? -15.980 -13.698 5.961   1.00 84.65 ? 146 GLU A OE2 1 
HETATM 1121 N  N1  . VW4 B 2 .   ? 5.999   -12.655 18.413  0.79 59.30 ? 201 VW4 A N1  1 
HETATM 1122 C  C4  . VW4 B 2 .   ? 7.246   -11.133 14.123  0.79 55.20 ? 201 VW4 A C4  1 
HETATM 1123 C  C5  . VW4 B 2 .   ? 8.598   -11.426 14.226  0.79 56.46 ? 201 VW4 A C5  1 
HETATM 1124 C  C6  . VW4 B 2 .   ? 9.542   -10.663 13.557  0.79 54.88 ? 201 VW4 A C6  1 
HETATM 1125 C  C7  . VW4 B 2 .   ? 9.157   -9.583  12.805  0.79 56.61 ? 201 VW4 A C7  1 
HETATM 1126 C  C8  . VW4 B 2 .   ? 7.825   -9.260  12.715  0.79 56.57 ? 201 VW4 A C8  1 
HETATM 1127 C  C1  . VW4 B 2 .   ? 4.992   -11.240 15.223  0.79 54.67 ? 201 VW4 A C1  1 
HETATM 1128 C  C2  . VW4 B 2 .   ? 6.189   -12.040 14.747  0.79 53.07 ? 201 VW4 A C2  1 
HETATM 1129 C  C3  . VW4 B 2 .   ? 6.680   -12.961 15.879  0.79 54.75 ? 201 VW4 A C3  1 
HETATM 1130 S  S1  . VW4 B 2 .   ? 5.489   -13.455 17.116  0.79 60.89 ? 201 VW4 A S1  1 
HETATM 1131 O  O1  . VW4 B 2 .   ? 4.203   -12.936 16.759  0.79 55.00 ? 201 VW4 A O1  1 
HETATM 1132 O  O2  . VW4 B 2 .   ? 5.650   -14.852 17.362  0.79 57.92 ? 201 VW4 A O2  1 
HETATM 1133 C  C9  . VW4 B 2 .   ? 6.875   -10.028 13.367  0.79 55.49 ? 201 VW4 A C9  1 
HETATM 1134 N  N1  . VW4 C 2 .   ? 13.040  -1.141  -4.195  0.66 22.86 ? 202 VW4 A N1  1 
HETATM 1135 C  C4  . VW4 C 2 .   ? 12.795  1.949   -0.737  0.66 23.41 ? 202 VW4 A C4  1 
HETATM 1136 C  C5  . VW4 C 2 .   ? 11.597  1.527   -0.176  0.66 23.67 ? 202 VW4 A C5  1 
HETATM 1137 C  C6  . VW4 C 2 .   ? 10.522  2.396   -0.055  0.66 23.33 ? 202 VW4 A C6  1 
HETATM 1138 C  C7  . VW4 C 2 .   ? 10.646  3.710   -0.458  0.66 23.25 ? 202 VW4 A C7  1 
HETATM 1139 C  C8  . VW4 C 2 .   ? 11.837  4.145   -0.999  0.66 22.62 ? 202 VW4 A C8  1 
HETATM 1140 C  C1  . VW4 C 2 .   ? 15.308  1.648   -0.636  0.66 24.45 ? 202 VW4 A C1  1 
HETATM 1141 C  C2  . VW4 C 2 .   ? 13.962  0.980   -0.904  0.66 24.17 ? 202 VW4 A C2  1 
HETATM 1142 C  C3  . VW4 C 2 .   ? 14.023  0.277   -2.272  0.66 23.55 ? 202 VW4 A C3  1 
HETATM 1143 S  S1  . VW4 C 2 .   ? 12.550  -0.569  -2.780  0.66 22.81 ? 202 VW4 A S1  1 
HETATM 1144 O  O1  . VW4 C 2 .   ? 11.543  0.419   -2.998  0.66 24.02 ? 202 VW4 A O1  1 
HETATM 1145 O  O2  . VW4 C 2 .   ? 12.307  -1.664  -1.898  0.66 22.98 ? 202 VW4 A O2  1 
HETATM 1146 C  C9  . VW4 C 2 .   ? 12.895  3.269   -1.152  0.66 22.50 ? 202 VW4 A C9  1 
HETATM 1147 ZN ZN  . ZN  D 3 .   ? -11.040 5.655   -8.558  1.00 16.10 ? 203 ZN  A ZN  1 
HETATM 1148 O  O   . HOH E 4 .   ? -14.654 0.241   1.557   1.00 29.67 ? 301 HOH A O   1 
HETATM 1149 O  O   . HOH E 4 .   ? -8.975  10.166  -9.638  1.00 33.46 ? 302 HOH A O   1 
HETATM 1150 O  O   . HOH E 4 .   ? -1.612  -9.216  19.851  0.79 47.86 ? 303 HOH A O   1 
HETATM 1151 O  O   . HOH E 4 .   ? -14.822 11.003  -9.297  1.00 39.30 ? 304 HOH A O   1 
HETATM 1152 O  O   . HOH E 4 .   ? 2.514   -1.072  -12.724 0.66 19.89 ? 305 HOH A O   1 
HETATM 1153 O  O   . HOH E 4 .   ? 3.825   12.772  8.246   1.00 26.61 ? 306 HOH A O   1 
HETATM 1154 O  O   . HOH E 4 .   ? 0.591   -16.653 6.058   1.00 26.16 ? 307 HOH A O   1 
HETATM 1155 O  O   . HOH E 4 .   ? -1.047  -15.318 13.694  1.00 31.86 ? 308 HOH A O   1 
HETATM 1156 O  O   . HOH E 4 .   ? 7.725   -7.241  -15.195 1.00 41.74 ? 309 HOH A O   1 
HETATM 1157 O  O   . HOH E 4 .   ? 9.963   -1.482  -0.234  0.66 26.54 ? 310 HOH A O   1 
HETATM 1158 O  O   . HOH E 4 .   ? 1.551   -9.326  19.690  0.79 33.01 ? 311 HOH A O   1 
HETATM 1159 O  O   . HOH E 4 .   ? -6.089  5.329   7.384   1.00 30.24 ? 312 HOH A O   1 
HETATM 1160 O  O   . HOH E 4 .   ? -16.379 4.877   -3.415  1.00 37.03 ? 313 HOH A O   1 
HETATM 1161 O  O   . HOH E 4 .   ? -14.546 6.710   4.317   1.00 32.49 ? 314 HOH A O   1 
HETATM 1162 O  O   . HOH E 4 .   ? 2.520   0.345   6.561   1.00 15.99 ? 315 HOH A O   1 
HETATM 1163 O  O   . HOH E 4 .   ? -4.329  -5.311  -8.093  1.00 20.20 ? 316 HOH A O   1 
HETATM 1164 O  O   . HOH E 4 .   ? 7.061   -7.205  9.884   1.00 36.31 ? 317 HOH A O   1 
HETATM 1165 O  O   . HOH E 4 .   ? 3.074   15.314  -8.416  1.00 23.24 ? 318 HOH A O   1 
HETATM 1166 O  O   . HOH E 4 .   ? 3.455   9.724   -12.824 1.00 13.19 ? 319 HOH A O   1 
HETATM 1167 O  O   . HOH E 4 .   ? 7.380   19.545  -3.080  1.00 28.77 ? 320 HOH A O   1 
HETATM 1168 O  O   . HOH E 4 .   ? -17.079 7.248   -10.820 1.00 49.18 ? 321 HOH A O   1 
HETATM 1169 O  O   . HOH E 4 .   ? -10.224 -1.166  10.826  1.00 24.11 ? 322 HOH A O   1 
HETATM 1170 O  O   . HOH E 4 .   ? 10.374  -8.176  5.136   0.66 22.41 ? 323 HOH A O   1 
HETATM 1171 O  O   . HOH E 4 .   ? 9.893   1.135   4.638   1.00 21.48 ? 324 HOH A O   1 
HETATM 1172 O  O   . HOH E 4 .   ? 8.251   19.876  1.656   1.00 31.00 ? 325 HOH A O   1 
HETATM 1173 O  O   . HOH E 4 .   ? 8.329   -3.779  -1.227  1.00 27.11 ? 326 HOH A O   1 
HETATM 1174 O  O   . HOH E 4 .   ? 10.733  12.195  -9.704  1.00 22.84 ? 327 HOH A O   1 
HETATM 1175 O  O   . HOH E 4 .   ? -11.578 6.519   3.212   1.00 37.57 ? 328 HOH A O   1 
HETATM 1176 O  O   . HOH E 4 .   ? -9.123  5.705   9.125   1.00 29.79 ? 329 HOH A O   1 
HETATM 1177 O  O   . HOH E 4 .   ? -7.018  -3.105  -9.078  1.00 17.91 ? 330 HOH A O   1 
HETATM 1178 O  O   . HOH E 4 .   ? -11.121 4.534   10.337  1.00 32.89 ? 331 HOH A O   1 
HETATM 1179 O  O   . HOH E 4 .   ? -5.052  1.562   -12.055 1.00 24.27 ? 332 HOH A O   1 
HETATM 1180 O  O   . HOH E 4 .   ? 2.105   -4.436  -4.257  1.00 14.84 ? 333 HOH A O   1 
HETATM 1181 O  O   . HOH E 4 .   ? -13.176 2.997   -12.968 1.00 27.90 ? 334 HOH A O   1 
HETATM 1182 O  O   . HOH E 4 .   ? 12.396  11.956  -5.623  1.00 29.60 ? 335 HOH A O   1 
HETATM 1183 O  O   . HOH E 4 .   ? -1.172  0.950   -16.803 1.00 24.34 ? 336 HOH A O   1 
HETATM 1184 O  O   . HOH E 4 .   ? 12.950  6.828   5.308   1.00 24.68 ? 337 HOH A O   1 
HETATM 1185 O  O   . HOH E 4 .   ? 4.099   8.722   3.101   1.00 13.76 ? 338 HOH A O   1 
HETATM 1186 O  O   . HOH E 4 .   ? 3.313   -14.477 1.481   1.00 19.89 ? 339 HOH A O   1 
HETATM 1187 O  O   . HOH E 4 .   ? 1.402   -2.957  18.412  0.79 29.53 ? 340 HOH A O   1 
HETATM 1188 O  O   . HOH E 4 .   ? 12.711  14.978  4.255   1.00 18.07 ? 341 HOH A O   1 
HETATM 1189 O  O   . HOH E 4 .   ? 3.395   -0.716  11.245  1.00 44.83 ? 342 HOH A O   1 
HETATM 1190 O  O   . HOH E 4 .   ? 11.183  8.540   -5.240  1.00 23.58 ? 343 HOH A O   1 
HETATM 1191 O  O   . HOH E 4 .   ? -0.669  -4.967  -3.617  1.00 14.48 ? 344 HOH A O   1 
HETATM 1192 O  O   . HOH E 4 .   ? 2.775   8.296   5.804   1.00 19.80 ? 345 HOH A O   1 
HETATM 1193 O  O   . HOH E 4 .   ? 4.431   13.330  -11.296 1.00 26.81 ? 346 HOH A O   1 
HETATM 1194 O  O   . HOH E 4 .   ? 7.610   -8.395  4.533   1.00 16.65 ? 347 HOH A O   1 
HETATM 1195 O  O   . HOH E 4 .   ? 7.873   4.087   8.632   1.00 30.17 ? 348 HOH A O   1 
HETATM 1196 O  O   . HOH E 4 .   ? -8.052  -1.388  -10.808 1.00 17.79 ? 349 HOH A O   1 
HETATM 1197 O  O   . HOH E 4 .   ? 2.555   -7.051  20.481  1.00 40.65 ? 350 HOH A O   1 
HETATM 1198 O  O   . HOH E 4 .   ? 6.935   13.545  8.468   1.00 29.75 ? 351 HOH A O   1 
HETATM 1199 O  O   . HOH E 4 .   ? -7.925  8.119   -13.517 1.00 34.63 ? 352 HOH A O   1 
HETATM 1200 O  O   . HOH E 4 .   ? -1.919  5.777   5.975   1.00 31.73 ? 353 HOH A O   1 
HETATM 1201 O  O   . HOH E 4 .   ? 14.777  14.080  0.233   1.00 24.29 ? 354 HOH A O   1 
HETATM 1202 O  O   . HOH E 4 .   ? 14.831  13.318  3.282   1.00 23.79 ? 355 HOH A O   1 
HETATM 1203 O  O   . HOH E 4 .   ? -7.274  3.396   -16.425 1.00 42.53 ? 356 HOH A O   1 
HETATM 1204 O  O   . HOH E 4 .   ? -15.539 2.697   -5.770  1.00 26.39 ? 357 HOH A O   1 
HETATM 1205 O  O   . HOH E 4 .   ? -3.877  11.122  -0.245  1.00 23.98 ? 358 HOH A O   1 
HETATM 1206 O  O   . HOH E 4 .   ? 2.280   12.127  -12.132 1.00 22.83 ? 359 HOH A O   1 
HETATM 1207 O  O   . HOH E 4 .   ? -1.573  8.469   4.449   1.00 23.54 ? 360 HOH A O   1 
HETATM 1208 O  O   . HOH E 4 .   ? 2.349   -7.418  -14.963 0.66 27.18 ? 361 HOH A O   1 
HETATM 1209 O  O   . HOH E 4 .   ? 4.815   13.286  -7.513  1.00 22.32 ? 362 HOH A O   1 
HETATM 1210 O  O   . HOH E 4 .   ? 2.961   -5.167  18.226  0.79 21.84 ? 363 HOH A O   1 
HETATM 1211 O  O   . HOH E 4 .   ? 6.432   13.798  -5.426  1.00 19.15 ? 364 HOH A O   1 
HETATM 1212 O  O   . HOH E 4 .   ? 0.199   -2.668  15.810  1.00 33.87 ? 365 HOH A O   1 
HETATM 1213 O  O   . HOH E 4 .   ? 0.465   -7.856  -10.787 1.00 25.32 ? 366 HOH A O   1 
HETATM 1214 O  O   . HOH E 4 .   ? 9.829   2.001   -7.206  0.66 26.90 ? 367 HOH A O   1 
HETATM 1215 O  O   . HOH E 4 .   ? -8.750  -2.183  16.972  1.00 46.58 ? 368 HOH A O   1 
HETATM 1216 O  O   . HOH E 4 .   ? -3.023  -11.575 -4.341  1.00 29.33 ? 369 HOH A O   1 
HETATM 1217 O  O   . HOH E 4 .   ? -11.527 -9.028  11.120  1.00 36.75 ? 370 HOH A O   1 
HETATM 1218 O  O   . HOH E 4 .   ? -2.140  -15.262 4.102   1.00 29.58 ? 371 HOH A O   1 
HETATM 1219 O  O   . HOH E 4 .   ? -2.200  5.350   9.423   1.00 29.58 ? 372 HOH A O   1 
HETATM 1220 O  O   . HOH E 4 .   ? 8.487   -13.484 5.964   1.00 26.07 ? 373 HOH A O   1 
HETATM 1221 O  O   . HOH E 4 .   ? 0.938   1.698   10.862  1.00 34.89 ? 374 HOH A O   1 
HETATM 1222 O  O   . HOH E 4 .   ? 10.180  16.577  -3.839  1.00 40.97 ? 375 HOH A O   1 
HETATM 1223 O  O   . HOH E 4 .   ? 6.209   -4.912  16.762  0.79 30.06 ? 376 HOH A O   1 
HETATM 1224 O  O   . HOH E 4 .   ? -3.656  10.247  1.783   1.00 33.94 ? 377 HOH A O   1 
HETATM 1225 O  O   . HOH E 4 .   ? 3.326   1.259   9.121   1.00 20.41 ? 378 HOH A O   1 
HETATM 1226 O  O   . HOH E 4 .   ? 13.293  -0.598  -7.409  0.66 32.48 ? 379 HOH A O   1 
HETATM 1227 O  O   . HOH E 4 .   ? -11.233 -10.458 -3.941  1.00 25.80 ? 380 HOH A O   1 
HETATM 1228 O  O   . HOH E 4 .   ? -3.617  -15.216 13.184  1.00 38.28 ? 381 HOH A O   1 
HETATM 1229 O  O   . HOH E 4 .   ? -8.670  -8.189  16.520  1.00 41.68 ? 382 HOH A O   1 
HETATM 1230 O  O   . HOH E 4 .   ? 3.025   -14.774 -3.343  0.66 45.16 ? 383 HOH A O   1 
HETATM 1231 O  O   . HOH E 4 .   ? -6.786  -11.999 -1.659  1.00 39.63 ? 384 HOH A O   1 
HETATM 1232 O  O   . HOH E 4 .   ? 8.698   20.633  -0.534  1.00 34.80 ? 385 HOH A O   1 
HETATM 1233 O  O   . HOH E 4 .   ? -9.808  0.140   13.218  1.00 27.99 ? 386 HOH A O   1 
HETATM 1234 O  O   . HOH E 4 .   ? -1.524  -7.155  -10.899 0.66 31.17 ? 387 HOH A O   1 
HETATM 1235 O  O   . HOH E 4 .   ? -16.768 9.579   -6.717  1.00 49.93 ? 388 HOH A O   1 
HETATM 1236 O  O   . HOH E 4 .   ? -8.791  -10.974 -3.215  1.00 34.65 ? 389 HOH A O   1 
HETATM 1237 O  O   . HOH E 4 .   ? -8.133  12.282  -4.591  1.00 31.80 ? 390 HOH A O   1 
HETATM 1238 O  O   . HOH E 4 .   ? -12.020 5.489   -13.019 1.00 25.33 ? 391 HOH A O   1 
HETATM 1239 O  O   . HOH E 4 .   ? -3.860  12.262  4.460   1.00 43.62 ? 392 HOH A O   1 
HETATM 1240 O  O   . HOH E 4 .   ? -6.284  9.062   3.504   1.00 36.66 ? 393 HOH A O   1 
HETATM 1241 O  O   . HOH E 4 .   ? 8.615   -11.157 8.069   0.66 22.81 ? 394 HOH A O   1 
HETATM 1242 O  O   . HOH E 4 .   ? 16.399  -3.324  8.699   1.00 45.35 ? 395 HOH A O   1 
HETATM 1243 O  O   . HOH E 4 .   ? 2.770   -11.487 20.250  0.79 43.05 ? 396 HOH A O   1 
HETATM 1244 O  O   . HOH E 4 .   ? 10.916  13.531  -7.260  1.00 29.20 ? 397 HOH A O   1 
HETATM 1245 O  O   . HOH E 4 .   ? 10.934  0.172   -9.794  0.66 33.63 ? 398 HOH A O   1 
HETATM 1246 O  O   . HOH E 4 .   ? -6.592  -0.627  -12.985 1.00 31.22 ? 399 HOH A O   1 
HETATM 1247 O  O   . HOH E 4 .   ? -10.006 3.108   12.819  1.00 37.12 ? 400 HOH A O   1 
HETATM 1248 O  O   . HOH E 4 .   ? -7.960  -0.347  14.881  1.00 32.30 ? 401 HOH A O   1 
HETATM 1249 O  O   . HOH E 4 .   ? -8.823  -13.424 3.453   1.00 38.54 ? 402 HOH A O   1 
HETATM 1250 O  O   . HOH E 4 .   ? -12.382 -13.706 -0.903  1.00 39.49 ? 403 HOH A O   1 
# 
